data_8XJ0
#
_entry.id   8XJ0
#
_cell.length_a   47.617
_cell.length_b   193.079
_cell.length_c   220.922
_cell.angle_alpha   90.000
_cell.angle_beta   90.000
_cell.angle_gamma   90.000
#
_symmetry.space_group_name_H-M   'P 21 21 21'
#
loop_
_entity.id
_entity.type
_entity.pdbx_description
1 polymer 'Adalimumab Fab Light chain'
2 polymer 'Adalimumab Fab Heavy chain'
#
loop_
_entity_poly.entity_id
_entity_poly.type
_entity_poly.pdbx_seq_one_letter_code
_entity_poly.pdbx_strand_id
1 'polypeptide(L)'
;SDIQMTQSPSSLSASVGDRVTITCRASQGIRNYLAWYQQKCGKAPKLLIYAASTLQSGVPSRFSGSGSGTDFTLTISSLQ
PEDVATYYCQRYNRAPYTFGQGTKVEIKRTVAAPSVFIFPPSDEQLKSGTASVVCLLNNFYPREAKVQWKVDNALQSGNS
QESVTCQDSKDSTYSLSSTLTLSKADYEKHKVYACEVTHQGLSSPVTKSFNRGEC
;
A,C,E,G
2 'polypeptide(L)'
;SEVQLVESGGCLVQPGRSLRLSCAASGFTFDDYAMHWVRQAPGKGLEWVSAITWNSGHIDYADSVEGRFTISRDNAKNSL
YLQMNSLRAEDTAVYYCAKVSYLSTASSLDYWGQGTLVTVSSASTKGPSVFPLAPSSKSTSGGTAALGCLVKDYFPEPVT
VSWNSGALTSGVHTFPAVLQSSGLYSLSSVVTVPSSSLGTQTYICNVNHKCSNTKVDKKVEPKSC
;
B,D,F,H
#
# COMPACT_ATOMS: atom_id res chain seq x y z
N ILE A 3 31.43 12.31 2.59
CA ILE A 3 31.54 10.96 2.06
C ILE A 3 31.88 9.95 3.14
N GLN A 4 30.88 9.59 3.96
CA GLN A 4 31.09 8.72 5.11
C GLN A 4 29.80 8.50 5.92
N MET A 5 29.57 7.25 6.33
CA MET A 5 28.32 6.83 6.93
C MET A 5 28.61 5.92 8.11
N THR A 6 28.01 6.19 9.25
CA THR A 6 28.27 5.42 10.46
C THR A 6 27.00 4.75 10.93
N GLN A 7 26.95 3.44 10.70
CA GLN A 7 25.99 2.59 11.38
C GLN A 7 26.35 2.43 12.84
N SER A 8 25.33 2.26 13.66
CA SER A 8 25.55 2.05 15.08
C SER A 8 24.33 1.30 15.61
N PRO A 9 24.52 0.25 16.42
CA PRO A 9 25.77 -0.25 16.98
C PRO A 9 26.36 -1.37 16.12
N SER A 10 27.58 -1.81 16.45
CA SER A 10 28.23 -2.86 15.67
C SER A 10 27.48 -4.20 15.78
N SER A 11 27.18 -4.65 17.01
CA SER A 11 26.43 -5.88 17.23
C SER A 11 25.30 -5.69 18.22
N LEU A 12 24.43 -6.69 18.26
CA LEU A 12 23.27 -6.66 19.14
C LEU A 12 22.62 -8.04 19.17
N SER A 13 22.44 -8.62 20.35
CA SER A 13 21.81 -9.92 20.44
C SER A 13 20.43 -9.70 21.05
N ALA A 14 19.41 -9.78 20.22
CA ALA A 14 18.05 -9.62 20.67
C ALA A 14 17.32 -10.96 20.71
N SER A 15 16.28 -11.00 21.54
CA SER A 15 15.43 -12.17 21.71
C SER A 15 14.30 -12.11 20.70
N VAL A 16 13.55 -13.20 20.58
CA VAL A 16 12.51 -13.21 19.57
C VAL A 16 11.31 -12.43 20.10
N GLY A 17 10.65 -11.71 19.19
CA GLY A 17 9.61 -10.78 19.52
C GLY A 17 10.08 -9.37 19.76
N ASP A 18 11.37 -9.15 20.01
CA ASP A 18 11.84 -7.86 20.44
C ASP A 18 11.79 -6.85 19.30
N ARG A 19 11.75 -5.57 19.69
CA ARG A 19 11.98 -4.46 18.76
C ARG A 19 13.46 -4.08 18.79
N VAL A 20 14.05 -3.96 17.60
CA VAL A 20 15.48 -3.75 17.42
C VAL A 20 15.65 -2.56 16.49
N THR A 21 16.47 -1.60 16.92
CA THR A 21 16.70 -0.36 16.17
C THR A 21 18.17 -0.26 15.83
N ILE A 22 18.47 -0.08 14.55
CA ILE A 22 19.80 0.24 14.07
C ILE A 22 19.72 1.64 13.50
N THR A 23 20.77 2.44 13.73
CA THR A 23 20.90 3.80 13.20
C THR A 23 21.99 3.89 12.14
N CYS A 24 21.96 4.99 11.39
CA CYS A 24 22.94 5.22 10.32
C CYS A 24 23.11 6.72 10.15
N ARG A 25 24.33 7.23 10.38
CA ARG A 25 24.62 8.65 10.45
C ARG A 25 25.47 9.08 9.25
N ALA A 26 24.84 9.77 8.30
CA ALA A 26 25.53 10.28 7.13
C ALA A 26 26.25 11.56 7.47
N SER A 27 27.46 11.71 6.92
CA SER A 27 28.27 12.89 7.21
C SER A 27 27.93 14.09 6.33
N GLN A 28 27.21 13.86 5.22
CA GLN A 28 26.71 14.91 4.34
C GLN A 28 25.19 14.90 4.44
N GLY A 29 24.51 15.22 3.34
CA GLY A 29 23.05 15.29 3.41
C GLY A 29 22.34 14.38 2.43
N ILE A 30 22.34 13.08 2.72
CA ILE A 30 21.74 12.07 1.85
C ILE A 30 20.28 12.38 1.47
N ARG A 31 19.49 13.02 2.37
CA ARG A 31 18.06 13.33 2.13
C ARG A 31 17.25 12.04 2.10
N ASN A 32 16.29 11.92 1.19
CA ASN A 32 15.58 10.65 1.13
C ASN A 32 16.41 9.57 0.58
N TYR A 33 17.72 9.67 0.32
CA TYR A 33 18.41 8.85 -0.68
C TYR A 33 19.14 7.67 -0.05
N LEU A 34 18.48 6.93 0.83
CA LEU A 34 19.15 5.92 1.64
C LEU A 34 18.44 4.58 1.52
N ALA A 35 19.18 3.52 1.14
CA ALA A 35 18.68 2.15 1.11
C ALA A 35 19.21 1.36 2.30
N TRP A 36 18.47 0.33 2.70
CA TRP A 36 18.88 -0.55 3.79
C TRP A 36 19.00 -1.95 3.23
N TYR A 37 20.08 -2.64 3.57
CA TYR A 37 20.40 -3.93 2.96
C TYR A 37 20.48 -4.98 4.05
N GLN A 38 19.81 -6.10 3.84
CA GLN A 38 20.00 -7.27 4.67
C GLN A 38 20.87 -8.30 3.95
N GLN A 39 21.86 -8.86 4.68
CA GLN A 39 22.72 -9.92 4.16
C GLN A 39 22.74 -11.11 5.12
N LYS A 40 22.11 -12.20 4.69
CA LYS A 40 22.13 -13.43 5.47
C LYS A 40 23.47 -14.13 5.28
N CYS A 41 23.86 -14.93 6.27
CA CYS A 41 25.17 -15.61 6.28
C CYS A 41 25.45 -16.29 4.96
N GLY A 42 26.68 -16.16 4.48
CA GLY A 42 27.10 -16.74 3.22
C GLY A 42 26.11 -16.63 2.08
N LYS A 43 25.33 -15.57 2.04
CA LYS A 43 24.47 -15.26 0.89
C LYS A 43 24.72 -13.82 0.46
N ALA A 44 24.33 -13.49 -0.78
CA ALA A 44 24.38 -12.11 -1.26
C ALA A 44 23.53 -11.19 -0.39
N PRO A 45 23.49 -9.89 -0.64
CA PRO A 45 22.57 -9.02 0.12
C PRO A 45 21.23 -8.84 -0.58
N LYS A 46 20.25 -8.41 0.21
CA LYS A 46 18.90 -8.19 -0.27
C LYS A 46 18.53 -6.77 0.08
N LEU A 47 17.83 -6.10 -0.81
CA LEU A 47 17.37 -4.77 -0.48
C LEU A 47 16.12 -4.91 0.37
N LEU A 48 16.15 -4.36 1.58
CA LEU A 48 14.96 -4.26 2.43
C LEU A 48 14.21 -2.94 2.21
N ILE A 49 14.92 -1.83 2.39
CA ILE A 49 14.34 -0.51 2.39
C ILE A 49 15.11 0.36 1.43
N TYR A 50 14.40 1.16 0.67
CA TYR A 50 15.01 2.23 -0.10
C TYR A 50 14.23 3.51 0.15
N ALA A 51 14.72 4.59 -0.43
CA ALA A 51 14.19 5.92 -0.16
C ALA A 51 14.13 6.23 1.33
N ALA A 52 14.95 5.54 2.14
CA ALA A 52 15.04 5.64 3.59
C ALA A 52 13.82 5.08 4.32
N SER A 53 12.68 4.99 3.63
CA SER A 53 11.40 4.72 4.26
C SER A 53 10.47 3.83 3.45
N THR A 54 10.62 3.73 2.12
CA THR A 54 9.85 2.79 1.31
C THR A 54 10.31 1.35 1.51
N LEU A 55 9.42 0.41 1.24
CA LEU A 55 9.75 -0.99 1.49
C LEU A 55 9.58 -1.83 0.24
N GLN A 56 10.60 -2.64 -0.05
CA GLN A 56 10.62 -3.45 -1.25
C GLN A 56 9.49 -4.47 -1.21
N SER A 57 8.96 -4.84 -2.39
CA SER A 57 7.83 -5.78 -2.44
C SER A 57 8.09 -7.01 -1.58
N GLY A 58 7.01 -7.54 -1.00
CA GLY A 58 7.10 -8.79 -0.29
C GLY A 58 8.02 -8.81 0.93
N VAL A 59 8.80 -7.75 1.14
CA VAL A 59 9.57 -7.68 2.40
C VAL A 59 8.58 -7.41 3.53
N PRO A 60 8.75 -8.05 4.70
CA PRO A 60 7.72 -7.97 5.73
C PRO A 60 7.62 -6.57 6.36
N SER A 61 6.36 -6.16 6.60
CA SER A 61 6.01 -4.92 7.29
C SER A 61 6.90 -4.64 8.49
N ARG A 62 7.46 -5.69 9.08
CA ARG A 62 8.18 -5.53 10.33
C ARG A 62 9.51 -4.83 10.13
N PHE A 63 10.05 -4.80 8.91
CA PHE A 63 11.23 -3.99 8.62
C PHE A 63 10.76 -2.61 8.21
N SER A 64 11.19 -1.61 8.96
CA SER A 64 10.67 -0.26 8.76
C SER A 64 11.80 0.69 9.08
N GLY A 65 12.11 1.54 8.12
CA GLY A 65 13.17 2.51 8.30
C GLY A 65 12.65 3.92 8.15
N SER A 66 13.44 4.86 8.64
CA SER A 66 13.01 6.24 8.65
C SER A 66 14.25 7.13 8.72
N GLY A 67 14.04 8.38 9.14
CA GLY A 67 15.00 9.46 9.05
C GLY A 67 14.89 10.22 7.74
N SER A 68 15.47 11.42 7.72
CA SER A 68 15.72 12.06 6.44
C SER A 68 16.99 12.90 6.56
N GLY A 69 17.69 13.02 5.44
CA GLY A 69 18.80 13.93 5.36
C GLY A 69 20.12 13.46 5.93
N THR A 70 20.15 13.19 7.23
CA THR A 70 21.44 13.01 7.89
C THR A 70 21.44 11.94 8.96
N ASP A 71 20.33 11.70 9.65
CA ASP A 71 20.30 10.65 10.66
C ASP A 71 19.13 9.74 10.34
N PHE A 72 19.42 8.45 10.28
CA PHE A 72 18.51 7.46 9.76
C PHE A 72 18.44 6.30 10.73
N THR A 73 17.44 5.46 10.55
CA THR A 73 17.12 4.48 11.60
C THR A 73 16.21 3.36 11.10
N LEU A 74 16.72 2.14 11.16
CA LEU A 74 15.97 0.97 10.74
C LEU A 74 15.47 0.25 11.98
N THR A 75 14.21 -0.17 11.93
CA THR A 75 13.57 -0.82 13.07
C THR A 75 12.98 -2.14 12.60
N ILE A 76 13.16 -3.18 13.40
CA ILE A 76 12.55 -4.48 13.16
C ILE A 76 11.53 -4.72 14.26
N SER A 77 10.26 -4.41 13.97
CA SER A 77 9.26 -4.23 15.02
C SER A 77 8.96 -5.53 15.78
N SER A 78 9.32 -6.70 15.22
CA SER A 78 9.12 -7.94 15.97
C SER A 78 10.02 -9.10 15.57
N LEU A 79 11.28 -9.09 16.04
CA LEU A 79 12.32 -10.04 15.60
C LEU A 79 11.84 -11.48 15.52
N GLN A 80 11.97 -12.08 14.34
CA GLN A 80 11.77 -13.50 14.06
C GLN A 80 13.12 -14.21 14.07
N PRO A 81 13.12 -15.54 13.96
CA PRO A 81 14.41 -16.26 14.01
C PRO A 81 15.25 -16.06 12.76
N GLU A 82 14.61 -15.84 11.61
CA GLU A 82 15.30 -15.62 10.34
C GLU A 82 15.85 -14.22 10.19
N ASP A 83 15.66 -13.37 11.18
CA ASP A 83 16.21 -12.03 11.02
C ASP A 83 17.66 -11.95 11.42
N VAL A 84 18.23 -13.05 11.90
CA VAL A 84 19.65 -13.10 12.16
C VAL A 84 20.36 -13.01 10.82
N ALA A 85 20.72 -11.78 10.47
CA ALA A 85 21.54 -11.47 9.30
C ALA A 85 22.56 -10.43 9.76
N THR A 86 23.19 -9.73 8.80
CA THR A 86 23.89 -8.47 9.06
C THR A 86 23.23 -7.40 8.22
N TYR A 87 23.17 -6.18 8.74
CA TYR A 87 22.41 -5.13 8.10
C TYR A 87 23.30 -3.95 7.72
N TYR A 88 23.07 -3.39 6.53
CA TYR A 88 23.88 -2.31 5.99
C TYR A 88 22.99 -1.19 5.48
N CYS A 89 23.49 0.04 5.63
CA CYS A 89 22.90 1.21 5.00
C CYS A 89 23.80 1.69 3.88
N GLN A 90 23.22 2.45 2.93
CA GLN A 90 24.02 2.92 1.80
C GLN A 90 23.40 4.21 1.24
N ARG A 91 24.26 5.15 0.88
CA ARG A 91 23.83 6.39 0.27
C ARG A 91 23.89 6.23 -1.23
N TYR A 92 22.97 6.90 -1.92
CA TYR A 92 23.04 6.84 -3.38
C TYR A 92 22.56 8.13 -4.04
N ASN A 93 22.67 9.27 -3.34
CA ASN A 93 22.54 10.56 -4.01
C ASN A 93 23.58 10.73 -5.12
N ARG A 94 24.83 10.45 -4.79
CA ARG A 94 25.94 10.64 -5.71
C ARG A 94 27.11 9.88 -5.13
N ALA A 95 28.08 9.56 -5.99
CA ALA A 95 29.20 8.75 -5.57
C ALA A 95 30.02 9.51 -4.52
N PRO A 96 30.65 8.80 -3.59
CA PRO A 96 30.69 7.35 -3.44
C PRO A 96 29.43 6.79 -2.76
N TYR A 97 28.83 5.76 -3.37
CA TYR A 97 27.69 5.07 -2.80
C TYR A 97 28.17 4.22 -1.63
N THR A 98 28.33 4.87 -0.48
CA THR A 98 29.09 4.29 0.60
C THR A 98 28.24 3.34 1.43
N PHE A 99 28.80 2.20 1.80
CA PHE A 99 28.06 1.32 2.69
C PHE A 99 28.47 1.61 4.13
N GLY A 100 27.53 1.41 5.02
CA GLY A 100 27.80 1.62 6.42
C GLY A 100 28.65 0.50 6.96
N GLN A 101 29.16 0.73 8.17
CA GLN A 101 30.05 -0.24 8.80
C GLN A 101 29.45 -1.64 8.94
N GLY A 102 28.14 -1.79 8.76
CA GLY A 102 27.45 -3.03 9.06
C GLY A 102 26.86 -3.05 10.45
N THR A 103 25.94 -4.00 10.67
CA THR A 103 25.45 -4.31 12.01
C THR A 103 25.00 -5.76 12.03
N LYS A 104 25.76 -6.59 12.75
CA LYS A 104 25.42 -7.98 12.92
C LYS A 104 24.35 -8.10 14.00
N VAL A 105 23.39 -8.98 13.79
CA VAL A 105 22.33 -9.18 14.76
C VAL A 105 22.16 -10.68 15.03
N GLU A 106 22.24 -11.05 16.29
CA GLU A 106 22.16 -12.44 16.72
C GLU A 106 20.90 -12.66 17.53
N ILE A 107 20.12 -13.67 17.15
CA ILE A 107 18.94 -14.03 17.93
C ILE A 107 19.36 -14.69 19.23
N LYS A 108 18.57 -14.46 20.27
CA LYS A 108 18.93 -14.80 21.64
C LYS A 108 17.93 -15.81 22.18
N ARG A 109 18.24 -17.10 22.11
CA ARG A 109 17.34 -18.11 22.62
C ARG A 109 17.80 -18.59 23.99
N THR A 110 16.95 -19.40 24.60
CA THR A 110 17.25 -20.05 25.86
C THR A 110 18.48 -20.94 25.68
N VAL A 111 19.16 -21.22 26.79
CA VAL A 111 20.35 -22.05 26.76
C VAL A 111 20.00 -23.43 26.17
N ALA A 112 20.95 -24.01 25.44
CA ALA A 112 20.77 -25.34 24.87
C ALA A 112 22.14 -26.02 24.87
N ALA A 113 22.27 -27.12 25.62
CA ALA A 113 23.53 -27.84 25.67
C ALA A 113 23.81 -28.48 24.32
N PRO A 114 25.05 -28.99 24.10
CA PRO A 114 25.41 -29.46 22.75
C PRO A 114 25.61 -30.96 22.62
N SER A 115 25.23 -31.53 21.47
CA SER A 115 25.57 -32.91 21.17
C SER A 115 27.04 -33.02 20.82
N VAL A 116 27.74 -34.01 21.38
CA VAL A 116 29.19 -34.06 21.30
C VAL A 116 29.63 -35.39 20.71
N PHE A 117 30.39 -35.34 19.64
CA PHE A 117 30.90 -36.52 18.95
C PHE A 117 32.42 -36.40 18.81
N ILE A 118 33.09 -37.51 18.54
CA ILE A 118 34.55 -37.48 18.41
C ILE A 118 34.99 -38.46 17.33
N PHE A 119 36.05 -38.11 16.60
CA PHE A 119 36.48 -38.88 15.43
C PHE A 119 37.99 -39.15 15.39
N PRO A 120 38.44 -40.39 15.65
CA PRO A 120 39.87 -40.70 15.52
C PRO A 120 40.30 -40.59 14.07
N PRO A 121 41.61 -40.55 13.80
CA PRO A 121 42.06 -40.31 12.42
C PRO A 121 41.83 -41.49 11.51
N SER A 122 41.42 -41.19 10.29
CA SER A 122 41.26 -42.23 9.30
C SER A 122 42.58 -42.94 9.04
N ASP A 123 42.53 -44.25 8.82
CA ASP A 123 43.69 -44.91 8.25
C ASP A 123 44.11 -44.25 6.95
N GLU A 124 43.14 -43.72 6.21
CA GLU A 124 43.44 -42.93 5.01
C GLU A 124 44.47 -41.86 5.32
N GLN A 125 44.29 -41.14 6.42
CA GLN A 125 45.15 -40.01 6.73
C GLN A 125 46.49 -40.43 7.31
N LEU A 126 46.53 -41.53 8.08
CA LEU A 126 47.80 -41.96 8.68
C LEU A 126 48.80 -42.40 7.63
N LYS A 127 48.31 -42.92 6.51
CA LYS A 127 49.17 -43.25 5.37
C LYS A 127 49.81 -42.00 4.79
N SER A 128 49.28 -40.82 5.11
CA SER A 128 49.77 -39.55 4.59
C SER A 128 50.52 -38.73 5.65
N GLY A 129 50.80 -39.31 6.83
CA GLY A 129 51.78 -38.76 7.75
C GLY A 129 51.20 -38.01 8.93
N THR A 130 50.11 -37.30 8.74
CA THR A 130 49.56 -36.55 9.84
C THR A 130 48.28 -37.23 10.32
N ALA A 131 47.89 -36.88 11.54
CA ALA A 131 46.75 -37.49 12.22
C ALA A 131 45.98 -36.39 12.94
N SER A 132 44.81 -36.03 12.43
CA SER A 132 43.99 -35.02 13.08
C SER A 132 42.76 -35.67 13.67
N VAL A 133 42.43 -35.31 14.91
CA VAL A 133 41.24 -35.79 15.62
C VAL A 133 40.23 -34.67 15.65
N VAL A 134 38.99 -34.96 15.30
CA VAL A 134 37.93 -33.96 15.24
C VAL A 134 36.89 -34.25 16.32
N CYS A 135 36.57 -33.22 17.11
CA CYS A 135 35.52 -33.23 18.11
C CYS A 135 34.43 -32.29 17.63
N LEU A 136 33.19 -32.77 17.64
CA LEU A 136 32.07 -32.01 17.10
C LEU A 136 31.16 -31.58 18.23
N LEU A 137 30.58 -30.39 18.10
CA LEU A 137 29.63 -29.83 19.07
C LEU A 137 28.38 -29.47 18.29
N ASN A 138 27.28 -30.16 18.56
CA ASN A 138 26.40 -30.23 17.41
C ASN A 138 25.35 -29.13 17.30
N ASN A 139 24.49 -28.94 18.31
CA ASN A 139 23.50 -27.86 18.15
C ASN A 139 23.20 -27.17 19.47
N PHE A 140 23.83 -26.01 19.70
CA PHE A 140 23.82 -25.41 21.02
C PHE A 140 23.55 -23.91 20.96
N TYR A 141 23.34 -23.35 22.15
CA TYR A 141 23.39 -21.93 22.46
C TYR A 141 23.72 -21.87 23.94
N PRO A 142 24.40 -20.83 24.41
CA PRO A 142 24.97 -19.68 23.73
C PRO A 142 26.16 -20.13 22.90
N ARG A 143 26.77 -19.25 22.09
CA ARG A 143 27.77 -19.69 21.12
C ARG A 143 29.06 -20.15 21.78
N GLU A 144 29.41 -19.59 22.93
CA GLU A 144 30.68 -19.90 23.55
C GLU A 144 30.66 -21.25 24.23
N ALA A 145 31.77 -21.99 24.10
CA ALA A 145 32.02 -23.19 24.89
C ALA A 145 33.52 -23.47 24.93
N LYS A 146 34.02 -23.84 26.12
CA LYS A 146 35.42 -24.24 26.27
C LYS A 146 35.60 -25.69 25.84
N VAL A 147 36.35 -25.92 24.77
CA VAL A 147 36.79 -27.27 24.40
C VAL A 147 38.24 -27.45 24.82
N GLN A 148 38.55 -28.62 25.38
CA GLN A 148 39.85 -28.87 25.97
C GLN A 148 40.31 -30.25 25.54
N TRP A 149 41.45 -30.33 24.88
CA TRP A 149 41.96 -31.62 24.47
C TRP A 149 42.89 -32.17 25.53
N LYS A 150 42.95 -33.49 25.64
CA LYS A 150 43.82 -34.15 26.60
C LYS A 150 44.26 -35.48 26.00
N VAL A 151 45.55 -35.64 25.75
CA VAL A 151 46.10 -36.92 25.29
C VAL A 151 46.93 -37.50 26.44
N ASP A 152 46.55 -38.69 26.89
CA ASP A 152 47.09 -39.28 28.13
C ASP A 152 46.91 -38.33 29.31
N ASN A 153 45.79 -37.60 29.31
CA ASN A 153 45.40 -36.61 30.30
C ASN A 153 46.27 -35.36 30.23
N ALA A 154 47.42 -35.44 29.55
CA ALA A 154 48.24 -34.27 29.28
C ALA A 154 47.44 -33.26 28.48
N LEU A 155 46.99 -32.19 29.11
CA LEU A 155 46.04 -31.31 28.43
C LEU A 155 46.77 -30.54 27.33
N GLN A 156 46.45 -30.85 26.09
CA GLN A 156 47.16 -30.24 24.97
C GLN A 156 46.85 -28.75 24.88
N SER A 157 47.79 -28.02 24.26
CA SER A 157 47.76 -26.56 24.14
C SER A 157 48.37 -26.16 22.80
N GLY A 158 47.75 -25.19 22.13
CA GLY A 158 48.32 -24.61 20.93
C GLY A 158 48.27 -25.43 19.66
N ASN A 159 47.76 -26.65 19.68
CA ASN A 159 47.76 -27.49 18.48
C ASN A 159 46.38 -27.88 17.97
N SER A 160 45.31 -27.23 18.45
CA SER A 160 43.95 -27.44 17.98
C SER A 160 43.33 -26.13 17.50
N GLN A 161 42.44 -26.22 16.51
CA GLN A 161 41.78 -25.06 15.92
C GLN A 161 40.28 -25.32 15.79
N GLU A 162 39.47 -24.33 16.18
CA GLU A 162 38.02 -24.41 16.12
C GLU A 162 37.44 -23.75 14.89
N SER A 163 36.26 -24.23 14.51
CA SER A 163 35.40 -23.59 13.53
C SER A 163 34.02 -23.50 14.16
N VAL A 164 33.13 -22.72 13.55
CA VAL A 164 31.80 -22.50 14.13
C VAL A 164 30.88 -22.09 13.00
N THR A 165 29.67 -22.64 12.99
CA THR A 165 28.73 -22.31 11.93
C THR A 165 27.94 -21.07 12.31
N CYS A 166 27.30 -20.45 11.31
CA CYS A 166 26.44 -19.31 11.62
C CYS A 166 25.21 -19.78 12.38
N GLN A 167 24.65 -18.88 13.19
CA GLN A 167 23.45 -19.24 13.93
C GLN A 167 22.37 -19.70 12.97
N ASP A 168 21.66 -20.77 13.34
CA ASP A 168 20.67 -21.31 12.42
C ASP A 168 19.50 -20.35 12.22
N SER A 169 19.05 -20.20 10.96
CA SER A 169 17.91 -19.34 10.67
C SER A 169 16.60 -19.92 11.19
N LYS A 170 16.53 -21.24 11.37
CA LYS A 170 15.35 -21.89 11.96
C LYS A 170 15.34 -21.76 13.47
N ASP A 171 16.30 -22.40 14.14
CA ASP A 171 16.24 -22.51 15.60
C ASP A 171 17.40 -21.81 16.31
N SER A 172 18.21 -21.04 15.60
CA SER A 172 19.13 -20.10 16.23
C SER A 172 20.18 -20.79 17.09
N THR A 173 20.66 -21.94 16.64
CA THR A 173 21.69 -22.67 17.35
C THR A 173 22.95 -22.79 16.50
N TYR A 174 24.08 -22.83 17.21
CA TYR A 174 25.42 -22.94 16.62
C TYR A 174 25.86 -24.39 16.64
N SER A 175 26.83 -24.68 15.76
CA SER A 175 27.60 -25.92 15.78
C SER A 175 29.08 -25.56 15.66
N LEU A 176 29.90 -26.15 16.52
CA LEU A 176 31.35 -25.94 16.55
C LEU A 176 32.09 -27.24 16.25
N SER A 177 33.30 -27.12 15.70
CA SER A 177 34.23 -28.24 15.52
C SER A 177 35.62 -27.82 15.97
N SER A 178 36.19 -28.53 16.95
CA SER A 178 37.62 -28.42 17.25
C SER A 178 38.37 -29.57 16.62
N THR A 179 39.55 -29.26 16.07
CA THR A 179 40.31 -30.22 15.26
C THR A 179 41.74 -30.30 15.79
N LEU A 180 42.02 -31.34 16.57
CA LEU A 180 43.38 -31.57 17.08
C LEU A 180 44.25 -32.17 15.98
N THR A 181 45.46 -31.63 15.76
CA THR A 181 46.29 -32.01 14.63
C THR A 181 47.71 -32.41 15.03
N LEU A 182 47.97 -33.72 15.05
CA LEU A 182 49.27 -34.28 15.34
C LEU A 182 49.79 -35.05 14.12
N SER A 183 51.10 -35.25 14.07
CA SER A 183 51.69 -36.05 13.01
C SER A 183 51.76 -37.50 13.45
N LYS A 184 51.69 -38.42 12.49
CA LYS A 184 51.52 -39.84 12.74
C LYS A 184 52.39 -40.29 13.92
N ALA A 185 53.58 -39.69 14.05
CA ALA A 185 54.53 -40.09 15.06
C ALA A 185 54.08 -39.67 16.46
N ASP A 186 53.59 -38.44 16.62
CA ASP A 186 53.04 -38.06 17.93
C ASP A 186 51.82 -38.90 18.26
N TYR A 187 50.88 -39.00 17.31
CA TYR A 187 49.66 -39.75 17.54
C TYR A 187 49.95 -41.20 17.89
N GLU A 188 51.03 -41.76 17.33
CA GLU A 188 51.29 -43.19 17.52
C GLU A 188 51.84 -43.50 18.91
N LYS A 189 52.36 -42.50 19.64
CA LYS A 189 52.89 -42.78 20.98
C LYS A 189 51.75 -43.03 21.98
N HIS A 190 50.80 -42.12 22.08
CA HIS A 190 49.80 -42.11 23.14
C HIS A 190 48.60 -42.98 22.77
N LYS A 191 47.79 -43.32 23.80
CA LYS A 191 46.57 -44.10 23.65
C LYS A 191 45.31 -43.33 24.00
N VAL A 192 45.27 -42.68 25.17
CA VAL A 192 44.05 -42.09 25.72
C VAL A 192 43.88 -40.71 25.09
N TYR A 193 42.95 -40.60 24.15
CA TYR A 193 42.68 -39.38 23.40
C TYR A 193 41.30 -38.86 23.77
N ALA A 194 41.22 -37.59 24.20
CA ALA A 194 39.95 -37.06 24.68
C ALA A 194 39.83 -35.55 24.44
N CYS A 195 38.65 -35.13 23.98
CA CYS A 195 38.19 -33.76 24.17
C CYS A 195 37.24 -33.76 25.36
N GLU A 196 37.16 -32.63 26.04
CA GLU A 196 36.13 -32.44 27.04
C GLU A 196 35.56 -31.04 26.95
N VAL A 197 34.25 -30.95 27.00
CA VAL A 197 33.51 -29.78 26.58
C VAL A 197 32.79 -29.21 27.80
N THR A 198 33.05 -27.95 28.08
CA THR A 198 32.27 -27.19 29.04
C THR A 198 31.35 -26.22 28.33
N HIS A 199 30.11 -26.16 28.79
CA HIS A 199 29.13 -25.30 28.16
C HIS A 199 28.10 -24.92 29.22
N GLN A 200 27.46 -23.78 28.99
CA GLN A 200 26.51 -23.27 29.96
C GLN A 200 25.33 -24.22 30.11
N GLY A 201 24.92 -24.85 29.01
CA GLY A 201 23.83 -25.79 29.05
C GLY A 201 24.17 -27.12 29.68
N LEU A 202 25.39 -27.28 30.18
CA LEU A 202 25.85 -28.54 30.72
C LEU A 202 26.00 -28.39 32.21
N SER A 203 25.38 -29.31 32.96
CA SER A 203 25.43 -29.28 34.42
C SER A 203 26.82 -29.60 34.94
N SER A 204 27.60 -30.31 34.16
CA SER A 204 28.96 -30.71 34.47
C SER A 204 29.61 -31.13 33.16
N PRO A 205 30.94 -31.09 33.09
CA PRO A 205 31.62 -31.22 31.80
C PRO A 205 31.52 -32.61 31.19
N VAL A 206 31.58 -32.63 29.87
CA VAL A 206 31.47 -33.86 29.09
C VAL A 206 32.84 -34.24 28.53
N THR A 207 33.14 -35.53 28.49
CA THR A 207 34.40 -35.99 27.92
C THR A 207 34.12 -37.23 27.09
N LYS A 208 33.92 -37.05 25.78
CA LYS A 208 33.95 -38.18 24.86
C LYS A 208 35.40 -38.48 24.51
N SER A 209 35.77 -39.77 24.46
CA SER A 209 37.18 -40.15 24.29
C SER A 209 37.31 -41.52 23.62
N PHE A 210 38.50 -41.79 23.08
CA PHE A 210 38.81 -43.06 22.45
C PHE A 210 40.25 -43.44 22.75
N ASN A 211 40.57 -44.75 22.64
CA ASN A 211 41.84 -45.28 23.12
C ASN A 211 42.50 -46.11 22.03
N ARG A 212 43.13 -45.46 21.07
CA ARG A 212 43.94 -46.19 20.10
C ARG A 212 44.86 -45.22 19.37
N GLY A 213 46.09 -45.66 19.11
CA GLY A 213 47.07 -44.83 18.41
C GLY A 213 48.48 -44.77 19.01
N GLU B 2 12.29 -13.31 -13.46
CA GLU B 2 13.43 -13.76 -12.65
C GLU B 2 14.77 -13.23 -13.17
N VAL B 3 15.22 -12.14 -12.55
CA VAL B 3 16.48 -11.47 -12.86
C VAL B 3 17.66 -12.25 -12.27
N GLN B 4 18.71 -12.45 -13.07
CA GLN B 4 19.90 -13.10 -12.53
C GLN B 4 21.20 -12.51 -13.09
N LEU B 5 22.22 -12.47 -12.23
CA LEU B 5 23.53 -11.91 -12.53
C LEU B 5 24.62 -12.89 -12.12
N VAL B 6 25.42 -13.32 -13.07
CA VAL B 6 26.39 -14.36 -12.83
C VAL B 6 27.78 -13.76 -13.00
N GLU B 7 28.57 -13.78 -11.93
CA GLU B 7 29.95 -13.30 -11.98
C GLU B 7 30.90 -14.48 -12.13
N SER B 8 32.05 -14.22 -12.73
CA SER B 8 32.98 -15.29 -13.05
C SER B 8 34.35 -14.70 -13.37
N GLY B 9 35.30 -15.59 -13.63
CA GLY B 9 36.62 -15.23 -14.12
C GLY B 9 37.67 -15.30 -13.05
N GLY B 10 37.45 -14.60 -11.95
CA GLY B 10 38.48 -14.49 -10.95
C GLY B 10 38.67 -15.70 -10.08
N CYS B 11 39.89 -16.26 -10.07
CA CYS B 11 40.25 -17.22 -9.03
C CYS B 11 41.49 -16.73 -8.29
N LEU B 12 42.63 -17.37 -8.54
CA LEU B 12 43.90 -16.96 -7.93
C LEU B 12 44.63 -15.98 -8.87
N VAL B 13 45.24 -14.94 -8.29
CA VAL B 13 45.91 -13.87 -9.03
C VAL B 13 47.11 -13.39 -8.21
N GLN B 14 48.27 -13.04 -8.91
CA GLN B 14 49.47 -12.63 -8.20
C GLN B 14 49.47 -11.13 -7.89
N PRO B 15 50.11 -10.75 -6.78
CA PRO B 15 50.19 -9.33 -6.45
C PRO B 15 50.89 -8.59 -7.57
N GLY B 16 50.47 -7.35 -7.78
CA GLY B 16 50.96 -6.51 -8.84
C GLY B 16 50.27 -6.74 -10.16
N ARG B 17 49.82 -7.99 -10.38
CA ARG B 17 49.26 -8.42 -11.66
C ARG B 17 47.80 -8.01 -11.76
N SER B 18 47.11 -8.47 -12.80
CA SER B 18 45.80 -7.89 -13.07
C SER B 18 44.81 -8.89 -13.67
N LEU B 19 43.63 -8.98 -13.04
CA LEU B 19 42.56 -9.91 -13.38
C LEU B 19 41.30 -9.15 -13.79
N ARG B 20 40.47 -9.78 -14.63
CA ARG B 20 39.27 -9.16 -15.18
C ARG B 20 38.02 -9.98 -14.87
N LEU B 21 37.11 -9.41 -14.08
CA LEU B 21 35.88 -10.03 -13.66
C LEU B 21 34.79 -9.73 -14.68
N SER B 22 33.92 -10.72 -14.92
CA SER B 22 32.81 -10.61 -15.85
C SER B 22 31.50 -10.89 -15.14
N CYS B 23 30.43 -10.28 -15.66
CA CYS B 23 29.09 -10.40 -15.05
C CYS B 23 28.08 -10.34 -16.19
N ALA B 24 27.81 -11.48 -16.80
CA ALA B 24 26.70 -11.58 -17.73
C ALA B 24 25.38 -11.53 -16.97
N ALA B 25 24.42 -10.82 -17.55
CA ALA B 25 23.15 -10.58 -16.89
C ALA B 25 22.04 -10.99 -17.82
N SER B 26 20.90 -11.37 -17.25
CA SER B 26 19.74 -11.69 -18.08
C SER B 26 18.50 -11.70 -17.21
N GLY B 27 17.35 -11.56 -17.86
CA GLY B 27 16.13 -11.46 -17.12
C GLY B 27 15.66 -10.05 -16.89
N PHE B 28 16.29 -9.07 -17.53
CA PHE B 28 15.83 -7.70 -17.56
C PHE B 28 16.59 -6.99 -18.68
N THR B 29 16.07 -5.85 -19.11
CA THR B 29 16.77 -5.13 -20.18
C THR B 29 18.04 -4.51 -19.62
N PHE B 30 19.18 -5.00 -20.10
CA PHE B 30 20.49 -4.53 -19.65
C PHE B 30 20.73 -3.08 -20.05
N ASP B 31 20.21 -2.66 -21.21
CA ASP B 31 20.53 -1.34 -21.75
C ASP B 31 20.13 -0.21 -20.83
N ASP B 32 19.39 -0.49 -19.77
CA ASP B 32 18.62 0.54 -19.09
C ASP B 32 19.18 0.92 -17.74
N TYR B 33 19.86 0.02 -17.07
CA TYR B 33 20.16 0.22 -15.66
C TYR B 33 21.64 0.48 -15.48
N ALA B 34 21.97 1.39 -14.56
CA ALA B 34 23.35 1.49 -14.13
C ALA B 34 23.76 0.21 -13.42
N MET B 35 25.02 -0.15 -13.54
CA MET B 35 25.53 -1.31 -12.82
C MET B 35 26.60 -0.88 -11.82
N HIS B 36 26.75 -1.66 -10.75
CA HIS B 36 27.76 -1.44 -9.71
C HIS B 36 28.65 -2.66 -9.54
N TRP B 37 29.76 -2.48 -8.84
CA TRP B 37 30.53 -3.59 -8.31
C TRP B 37 30.71 -3.28 -6.83
N VAL B 38 30.31 -4.19 -5.96
CA VAL B 38 30.49 -4.03 -4.53
C VAL B 38 31.27 -5.24 -4.08
N ARG B 39 32.23 -5.05 -3.17
CA ARG B 39 33.07 -6.16 -2.75
C ARG B 39 33.10 -6.28 -1.24
N GLN B 40 33.29 -7.51 -0.79
CA GLN B 40 33.29 -7.84 0.62
C GLN B 40 34.52 -8.67 0.94
N ALA B 41 35.37 -8.11 1.75
CA ALA B 41 36.61 -8.69 2.24
C ALA B 41 36.33 -9.80 3.23
N PRO B 42 36.96 -10.97 3.08
CA PRO B 42 36.65 -12.11 3.97
C PRO B 42 36.63 -11.74 5.45
N GLY B 43 35.43 -11.67 6.00
CA GLY B 43 35.28 -11.28 7.38
C GLY B 43 35.27 -9.79 7.60
N LYS B 44 34.78 -9.04 6.63
CA LYS B 44 34.74 -7.58 6.67
C LYS B 44 33.47 -7.14 5.95
N GLY B 45 33.17 -5.85 6.03
CA GLY B 45 31.91 -5.34 5.54
C GLY B 45 31.81 -5.32 4.03
N LEU B 46 30.64 -4.91 3.57
CA LEU B 46 30.50 -4.53 2.18
C LEU B 46 31.36 -3.31 1.93
N GLU B 47 31.87 -3.20 0.69
CA GLU B 47 32.59 -2.02 0.24
C GLU B 47 32.24 -1.72 -1.21
N TRP B 48 31.90 -0.47 -1.47
CA TRP B 48 31.46 -0.10 -2.82
C TRP B 48 32.67 0.15 -3.72
N VAL B 49 32.77 -0.61 -4.80
CA VAL B 49 33.93 -0.51 -5.69
C VAL B 49 33.70 0.50 -6.82
N SER B 50 32.77 0.24 -7.72
CA SER B 50 32.69 1.04 -8.94
C SER B 50 31.25 1.07 -9.45
N ALA B 51 31.00 1.97 -10.40
CA ALA B 51 29.65 2.23 -10.90
C ALA B 51 29.70 2.71 -12.35
N ILE B 52 28.68 2.41 -13.14
CA ILE B 52 28.69 2.87 -14.51
C ILE B 52 27.27 3.05 -15.04
N THR B 53 27.02 4.17 -15.73
CA THR B 53 25.74 4.46 -16.36
C THR B 53 25.47 3.46 -17.47
N TRP B 54 24.19 3.34 -17.82
CA TRP B 54 23.76 2.36 -18.82
C TRP B 54 24.56 2.48 -20.12
N ASN B 55 24.82 3.71 -20.58
CA ASN B 55 25.56 3.94 -21.83
C ASN B 55 27.03 4.22 -21.59
N SER B 56 27.59 3.61 -20.53
CA SER B 56 29.01 3.73 -20.20
C SER B 56 29.46 5.19 -20.09
N GLY B 57 28.51 6.12 -20.05
CA GLY B 57 28.77 7.54 -20.24
C GLY B 57 29.25 8.32 -19.05
N HIS B 58 29.14 7.76 -17.85
CA HIS B 58 29.75 8.32 -16.66
C HIS B 58 30.22 7.12 -15.86
N ILE B 59 31.15 7.33 -14.93
CA ILE B 59 31.80 6.23 -14.24
C ILE B 59 32.37 6.80 -12.95
N ASP B 60 32.35 6.00 -11.90
CA ASP B 60 32.97 6.38 -10.65
C ASP B 60 33.68 5.19 -10.04
N TYR B 61 34.76 5.46 -9.33
CA TYR B 61 35.47 4.47 -8.56
C TYR B 61 35.57 4.95 -7.14
N ALA B 62 35.90 4.04 -6.24
CA ALA B 62 36.19 4.45 -4.90
C ALA B 62 37.66 4.86 -4.80
N ASP B 63 38.01 5.58 -3.72
CA ASP B 63 39.42 5.93 -3.55
C ASP B 63 40.27 4.69 -3.42
N SER B 64 39.75 3.64 -2.76
CA SER B 64 40.48 2.39 -2.60
C SER B 64 40.95 1.79 -3.93
N VAL B 65 40.57 2.36 -5.06
CA VAL B 65 40.43 1.63 -6.31
C VAL B 65 40.86 2.47 -7.49
N GLU B 66 40.75 3.81 -7.35
CA GLU B 66 41.18 4.72 -8.41
C GLU B 66 42.56 4.32 -8.90
N GLY B 67 42.72 4.36 -10.22
CA GLY B 67 44.01 4.16 -10.81
C GLY B 67 44.40 2.71 -10.99
N ARG B 68 43.70 1.78 -10.36
CA ARG B 68 43.96 0.36 -10.54
C ARG B 68 42.82 -0.38 -11.22
N PHE B 69 41.55 -0.13 -10.87
CA PHE B 69 40.46 -0.86 -11.50
C PHE B 69 39.82 0.00 -12.59
N THR B 70 39.11 -0.67 -13.49
CA THR B 70 38.35 -0.01 -14.54
C THR B 70 37.04 -0.76 -14.81
N ILE B 71 35.92 -0.09 -14.55
CA ILE B 71 34.61 -0.66 -14.87
C ILE B 71 34.34 -0.49 -16.36
N SER B 72 33.59 -1.43 -16.95
CA SER B 72 33.20 -1.32 -18.35
C SER B 72 32.06 -2.29 -18.61
N ARG B 73 31.34 -2.06 -19.70
CA ARG B 73 30.17 -2.86 -19.97
C ARG B 73 29.94 -3.00 -21.47
N ASP B 74 29.59 -4.21 -21.90
CA ASP B 74 29.30 -4.53 -23.30
C ASP B 74 27.80 -4.80 -23.45
N ASN B 75 27.01 -3.73 -23.51
CA ASN B 75 25.55 -3.85 -23.55
C ASN B 75 25.07 -4.85 -24.60
N ALA B 76 25.83 -4.99 -25.69
CA ALA B 76 25.39 -5.89 -26.75
C ALA B 76 25.48 -7.33 -26.31
N LYS B 77 26.57 -7.70 -25.64
CA LYS B 77 26.71 -9.02 -25.04
C LYS B 77 26.22 -9.05 -23.60
N ASN B 78 25.21 -8.22 -23.28
CA ASN B 78 24.48 -8.19 -22.00
C ASN B 78 25.40 -8.47 -20.80
N SER B 79 26.58 -7.82 -20.80
CA SER B 79 27.67 -8.22 -19.94
C SER B 79 28.35 -6.99 -19.32
N LEU B 80 28.87 -7.15 -18.11
CA LEU B 80 29.49 -6.08 -17.34
C LEU B 80 30.87 -6.49 -16.84
N TYR B 81 31.89 -5.64 -17.07
CA TYR B 81 33.27 -5.98 -16.74
C TYR B 81 33.84 -5.06 -15.67
N LEU B 82 34.92 -5.56 -15.04
CA LEU B 82 35.74 -4.83 -14.06
C LEU B 82 37.20 -5.27 -14.26
N GLN B 83 37.95 -4.55 -15.08
CA GLN B 83 39.37 -4.81 -15.22
C GLN B 83 40.08 -4.40 -13.94
N MET B 84 40.70 -5.35 -13.24
CA MET B 84 41.35 -5.05 -11.97
C MET B 84 42.85 -5.16 -12.13
N ASN B 85 43.56 -4.02 -12.09
CA ASN B 85 44.99 -3.95 -12.29
C ASN B 85 45.70 -3.75 -10.96
N SER B 86 47.02 -3.95 -10.94
CA SER B 86 47.86 -3.71 -9.75
C SER B 86 47.27 -4.26 -8.47
N LEU B 87 46.86 -5.52 -8.53
CA LEU B 87 46.13 -6.10 -7.42
C LEU B 87 47.01 -6.21 -6.18
N ARG B 88 46.54 -5.64 -5.07
CA ARG B 88 47.22 -5.79 -3.80
C ARG B 88 46.71 -7.01 -3.05
N ALA B 89 47.53 -7.46 -2.10
CA ALA B 89 47.10 -8.51 -1.20
C ALA B 89 45.74 -8.23 -0.61
N GLU B 90 45.48 -6.98 -0.25
CA GLU B 90 44.25 -6.63 0.42
C GLU B 90 43.11 -6.35 -0.54
N ASP B 91 43.26 -6.65 -1.82
CA ASP B 91 42.07 -6.62 -2.67
C ASP B 91 41.24 -7.89 -2.54
N THR B 92 41.73 -8.89 -1.80
CA THR B 92 41.06 -10.18 -1.67
C THR B 92 39.70 -10.00 -1.02
N ALA B 93 38.66 -10.36 -1.76
CA ALA B 93 37.27 -10.08 -1.39
C ALA B 93 36.40 -10.84 -2.36
N VAL B 94 35.12 -10.98 -1.99
CA VAL B 94 34.08 -11.46 -2.89
C VAL B 94 33.58 -10.23 -3.66
N TYR B 95 33.38 -10.38 -4.96
CA TYR B 95 33.06 -9.26 -5.84
C TYR B 95 31.67 -9.48 -6.45
N TYR B 96 30.73 -8.59 -6.11
CA TYR B 96 29.35 -8.65 -6.59
C TYR B 96 29.11 -7.57 -7.63
N CYS B 97 28.31 -7.88 -8.65
CA CYS B 97 27.67 -6.88 -9.49
C CYS B 97 26.22 -6.74 -9.08
N ALA B 98 25.62 -5.59 -9.38
CA ALA B 98 24.33 -5.25 -8.83
C ALA B 98 23.60 -4.30 -9.76
N LYS B 99 22.37 -4.66 -10.15
CA LYS B 99 21.49 -3.79 -10.92
C LYS B 99 20.90 -2.69 -10.03
N VAL B 100 20.61 -1.56 -10.65
CA VAL B 100 19.98 -0.43 -9.98
C VAL B 100 18.47 -0.59 -10.02
N SER B 101 17.77 -0.12 -8.97
CA SER B 101 16.31 -0.13 -8.97
C SER B 101 15.74 0.41 -10.26
N TYR B 102 15.99 1.69 -10.55
CA TYR B 102 15.24 2.38 -11.60
C TYR B 102 16.16 3.00 -12.63
N LEU B 103 15.52 3.60 -13.62
CA LEU B 103 16.15 4.28 -14.76
C LEU B 103 16.88 5.56 -14.32
N SER B 104 17.60 5.48 -13.21
CA SER B 104 18.32 6.61 -12.65
C SER B 104 19.50 6.10 -11.85
N THR B 105 20.56 6.88 -11.81
CA THR B 105 21.70 6.50 -10.99
C THR B 105 21.46 6.71 -9.51
N ALA B 106 20.66 7.73 -9.15
CA ALA B 106 20.31 7.99 -7.76
C ALA B 106 19.24 6.99 -7.38
N SER B 107 19.66 5.76 -7.15
CA SER B 107 18.77 4.61 -7.11
C SER B 107 19.50 3.45 -6.46
N SER B 108 18.77 2.63 -5.72
CA SER B 108 19.36 1.56 -4.92
C SER B 108 19.72 0.34 -5.77
N LEU B 109 20.26 -0.68 -5.11
CA LEU B 109 20.69 -1.92 -5.76
C LEU B 109 19.73 -3.06 -5.38
N ASP B 110 18.85 -3.41 -6.30
CA ASP B 110 17.73 -4.29 -5.97
C ASP B 110 17.96 -5.75 -6.36
N TYR B 111 18.81 -6.05 -7.34
CA TYR B 111 19.26 -7.43 -7.48
C TYR B 111 20.79 -7.47 -7.41
N TRP B 112 21.32 -8.42 -6.65
CA TRP B 112 22.74 -8.69 -6.58
C TRP B 112 23.05 -10.07 -7.16
N GLY B 113 24.12 -10.14 -7.94
CA GLY B 113 24.68 -11.42 -8.30
C GLY B 113 25.08 -12.18 -7.06
N GLN B 114 25.64 -13.37 -7.22
CA GLN B 114 26.01 -14.07 -6.00
C GLN B 114 27.47 -13.87 -5.63
N GLY B 115 28.31 -13.45 -6.59
CA GLY B 115 29.63 -12.92 -6.31
C GLY B 115 30.77 -13.91 -6.42
N THR B 116 31.79 -13.60 -7.21
CA THR B 116 32.96 -14.47 -7.37
C THR B 116 34.06 -14.08 -6.39
N LEU B 117 34.69 -15.09 -5.80
CA LEU B 117 35.80 -14.85 -4.89
C LEU B 117 37.08 -14.70 -5.71
N VAL B 118 37.78 -13.58 -5.47
CA VAL B 118 39.12 -13.31 -5.99
C VAL B 118 40.09 -13.39 -4.81
N THR B 119 41.18 -14.13 -5.00
CA THR B 119 42.25 -14.24 -4.02
C THR B 119 43.55 -13.78 -4.66
N VAL B 120 44.25 -12.87 -3.97
CA VAL B 120 45.46 -12.22 -4.46
C VAL B 120 46.61 -12.76 -3.63
N SER B 121 47.44 -13.60 -4.24
CA SER B 121 48.51 -14.25 -3.50
C SER B 121 49.44 -14.93 -4.48
N SER B 122 50.72 -14.89 -4.13
CA SER B 122 51.77 -15.53 -4.92
C SER B 122 51.76 -17.04 -4.76
N ALA B 123 51.20 -17.54 -3.66
CA ALA B 123 51.19 -18.97 -3.40
C ALA B 123 50.50 -19.72 -4.55
N SER B 124 50.62 -21.04 -4.51
CA SER B 124 50.16 -21.86 -5.62
C SER B 124 48.95 -22.67 -5.22
N THR B 125 48.11 -23.02 -6.20
CA THR B 125 46.85 -23.69 -5.89
C THR B 125 47.08 -25.18 -5.64
N LYS B 126 46.34 -25.73 -4.69
CA LYS B 126 46.47 -27.13 -4.34
C LYS B 126 45.09 -27.69 -4.04
N GLY B 127 44.73 -28.79 -4.72
CA GLY B 127 43.56 -29.55 -4.41
C GLY B 127 43.62 -30.24 -3.06
N PRO B 128 42.46 -30.53 -2.49
CA PRO B 128 42.40 -31.00 -1.11
C PRO B 128 42.43 -32.51 -0.97
N SER B 129 43.11 -32.97 0.09
CA SER B 129 42.94 -34.35 0.53
C SER B 129 41.58 -34.48 1.23
N VAL B 130 40.78 -35.46 0.82
CA VAL B 130 39.49 -35.71 1.44
C VAL B 130 39.61 -36.97 2.29
N PHE B 131 39.16 -36.89 3.53
CA PHE B 131 39.27 -37.99 4.46
C PHE B 131 37.93 -38.32 5.08
N PRO B 132 37.66 -39.58 5.34
CA PRO B 132 36.37 -39.95 5.92
C PRO B 132 36.38 -39.87 7.45
N LEU B 133 35.40 -39.14 8.01
CA LEU B 133 35.10 -39.15 9.45
C LEU B 133 34.02 -40.19 9.71
N ALA B 134 34.46 -41.46 9.85
CA ALA B 134 33.48 -42.55 9.87
C ALA B 134 32.77 -42.64 11.22
N PRO B 135 31.51 -43.10 11.24
CA PRO B 135 30.74 -43.15 12.50
C PRO B 135 31.06 -44.39 13.32
N SER B 136 31.46 -44.19 14.58
CA SER B 136 31.70 -45.31 15.48
C SER B 136 30.84 -45.14 16.72
N SER B 137 31.27 -45.72 17.84
CA SER B 137 30.81 -45.18 19.11
C SER B 137 31.28 -43.72 19.17
N LYS B 138 30.33 -42.78 19.01
CA LYS B 138 30.51 -41.37 18.61
C LYS B 138 30.71 -41.20 17.08
N GLY B 143 21.25 -42.61 20.24
CA GLY B 143 20.08 -42.83 19.39
C GLY B 143 20.34 -42.45 17.94
N THR B 144 20.84 -41.24 17.76
CA THR B 144 21.43 -40.80 16.50
C THR B 144 22.95 -40.92 16.56
N ALA B 145 23.56 -40.98 15.38
CA ALA B 145 25.01 -41.03 15.25
C ALA B 145 25.49 -40.03 14.20
N ALA B 146 26.78 -39.70 14.23
CA ALA B 146 27.31 -38.67 13.34
C ALA B 146 28.50 -39.16 12.52
N LEU B 147 28.53 -38.72 11.26
CA LEU B 147 29.58 -39.04 10.30
C LEU B 147 29.82 -37.81 9.43
N GLY B 148 30.98 -37.79 8.78
CA GLY B 148 31.31 -36.63 7.98
C GLY B 148 32.56 -36.84 7.17
N CYS B 149 33.03 -35.73 6.58
CA CYS B 149 34.22 -35.67 5.73
C CYS B 149 35.16 -34.60 6.25
N LEU B 150 36.42 -34.74 5.87
CA LEU B 150 37.48 -33.80 6.25
C LEU B 150 38.19 -33.37 4.99
N VAL B 151 38.22 -32.09 4.73
CA VAL B 151 38.74 -31.57 3.47
C VAL B 151 39.99 -30.77 3.80
N LYS B 152 41.14 -31.42 3.69
CA LYS B 152 42.37 -30.97 4.32
C LYS B 152 43.36 -30.47 3.29
N ASP B 153 43.99 -29.31 3.59
CA ASP B 153 45.18 -28.86 2.89
C ASP B 153 44.91 -28.52 1.43
N TYR B 154 44.29 -27.37 1.19
CA TYR B 154 44.01 -26.89 -0.14
C TYR B 154 44.13 -25.38 -0.14
N PHE B 155 44.11 -24.82 -1.34
CA PHE B 155 44.32 -23.40 -1.55
C PHE B 155 44.03 -23.08 -3.01
N PRO B 156 43.34 -22.00 -3.31
CA PRO B 156 42.80 -21.03 -2.37
C PRO B 156 41.35 -21.38 -2.02
N GLU B 157 40.65 -20.48 -1.34
CA GLU B 157 39.24 -20.69 -1.16
C GLU B 157 38.52 -20.55 -2.50
N PRO B 158 37.41 -21.28 -2.69
CA PRO B 158 36.75 -22.16 -1.74
C PRO B 158 36.54 -23.58 -2.25
N VAL B 159 36.00 -24.44 -1.38
CA VAL B 159 35.47 -25.74 -1.79
C VAL B 159 33.97 -25.78 -1.50
N THR B 160 33.25 -26.62 -2.26
CA THR B 160 31.84 -26.88 -2.04
C THR B 160 31.66 -28.34 -1.69
N VAL B 161 30.95 -28.63 -0.60
CA VAL B 161 30.66 -29.99 -0.18
C VAL B 161 29.16 -30.22 -0.25
N SER B 162 28.74 -31.16 -1.06
CA SER B 162 27.38 -31.64 -0.96
C SER B 162 27.41 -33.09 -0.54
N TRP B 163 26.29 -33.56 -0.01
CA TRP B 163 26.17 -34.96 0.40
C TRP B 163 25.15 -35.66 -0.47
N ASN B 164 25.46 -36.91 -0.79
CA ASN B 164 24.68 -37.73 -1.69
C ASN B 164 24.15 -36.89 -2.85
N SER B 165 25.08 -36.19 -3.49
CA SER B 165 24.80 -35.41 -4.68
C SER B 165 23.76 -34.32 -4.43
N GLY B 166 23.66 -33.91 -3.16
CA GLY B 166 22.74 -32.87 -2.77
C GLY B 166 21.39 -33.38 -2.29
N ALA B 167 21.11 -34.66 -2.48
CA ALA B 167 19.86 -35.20 -1.96
C ALA B 167 19.84 -35.16 -0.43
N LEU B 168 20.99 -35.34 0.21
CA LEU B 168 21.07 -35.26 1.65
C LEU B 168 21.31 -33.81 2.01
N THR B 169 20.42 -33.25 2.83
CA THR B 169 20.51 -31.86 3.25
C THR B 169 20.16 -31.72 4.73
N SER B 170 19.21 -32.51 5.22
CA SER B 170 18.81 -32.36 6.61
C SER B 170 19.99 -32.67 7.52
N GLY B 171 20.24 -31.77 8.46
CA GLY B 171 21.22 -32.04 9.51
C GLY B 171 22.66 -32.05 9.06
N VAL B 172 23.00 -31.23 8.08
CA VAL B 172 24.36 -31.13 7.56
C VAL B 172 24.99 -29.84 8.04
N HIS B 173 26.19 -29.97 8.63
CA HIS B 173 27.05 -28.84 8.93
C HIS B 173 28.33 -28.92 8.10
N THR B 174 28.55 -27.92 7.27
CA THR B 174 29.81 -27.71 6.58
C THR B 174 30.44 -26.50 7.22
N PHE B 175 31.57 -26.69 7.84
CA PHE B 175 32.12 -25.63 8.65
C PHE B 175 32.77 -24.55 7.79
N PRO B 176 32.99 -23.38 8.34
CA PRO B 176 33.87 -22.43 7.67
C PRO B 176 35.28 -22.99 7.61
N ALA B 177 35.90 -22.88 6.44
CA ALA B 177 37.29 -23.30 6.30
C ALA B 177 38.15 -22.49 7.26
N VAL B 178 39.20 -23.11 7.77
CA VAL B 178 40.11 -22.45 8.70
C VAL B 178 41.53 -22.67 8.22
N LEU B 179 42.26 -21.58 8.09
CA LEU B 179 43.61 -21.59 7.57
C LEU B 179 44.60 -22.13 8.59
N GLN B 180 45.51 -22.98 8.13
CA GLN B 180 46.45 -23.69 8.98
C GLN B 180 47.79 -22.96 9.05
N SER B 181 48.63 -23.44 9.96
CA SER B 181 50.03 -23.00 10.00
C SER B 181 50.66 -23.07 8.62
N SER B 182 50.43 -24.19 7.92
CA SER B 182 50.97 -24.45 6.59
C SER B 182 50.62 -23.36 5.59
N GLY B 183 49.51 -22.67 5.78
CA GLY B 183 49.00 -21.78 4.78
C GLY B 183 47.97 -22.38 3.86
N LEU B 184 47.46 -23.55 4.20
CA LEU B 184 46.39 -24.20 3.47
C LEU B 184 45.14 -24.24 4.34
N TYR B 185 43.98 -24.26 3.69
CA TYR B 185 42.72 -24.33 4.41
C TYR B 185 42.34 -25.77 4.72
N SER B 186 41.54 -25.91 5.76
CA SER B 186 41.04 -27.20 6.15
C SER B 186 39.59 -27.03 6.59
N LEU B 187 38.85 -28.13 6.54
CA LEU B 187 37.40 -28.08 6.49
C LEU B 187 36.83 -29.39 7.01
N SER B 188 35.66 -29.30 7.63
CA SER B 188 34.93 -30.50 8.01
C SER B 188 33.47 -30.33 7.63
N SER B 189 32.87 -31.38 7.08
CA SER B 189 31.45 -31.39 6.78
C SER B 189 30.83 -32.65 7.37
N VAL B 190 29.83 -32.48 8.26
CA VAL B 190 29.31 -33.56 9.10
C VAL B 190 27.78 -33.62 8.99
N VAL B 191 27.22 -34.83 9.17
CA VAL B 191 25.77 -35.00 9.23
C VAL B 191 25.42 -35.80 10.48
N THR B 192 24.30 -35.42 11.09
CA THR B 192 23.55 -36.26 12.01
C THR B 192 22.69 -37.23 11.21
N VAL B 193 22.77 -38.52 11.52
CA VAL B 193 21.94 -39.50 10.84
C VAL B 193 21.21 -40.39 11.84
N PRO B 194 20.03 -40.91 11.49
CA PRO B 194 19.52 -42.08 12.20
C PRO B 194 20.53 -43.21 12.12
N SER B 195 20.99 -43.66 13.28
CA SER B 195 21.95 -44.75 13.31
C SER B 195 21.37 -46.05 12.74
N SER B 196 20.05 -46.27 12.87
CA SER B 196 19.40 -47.46 12.32
C SER B 196 19.91 -47.78 10.92
N SER B 197 19.94 -46.77 10.05
CA SER B 197 20.32 -46.86 8.64
C SER B 197 21.80 -47.11 8.42
N LEU B 198 22.61 -47.00 9.47
CA LEU B 198 24.05 -46.85 9.28
C LEU B 198 24.65 -48.03 8.52
N GLY B 199 24.09 -49.22 8.73
CA GLY B 199 24.54 -50.40 8.02
C GLY B 199 23.83 -50.67 6.71
N THR B 200 22.84 -49.87 6.35
CA THR B 200 22.15 -50.04 5.09
C THR B 200 22.23 -48.83 4.18
N GLN B 201 22.44 -47.65 4.73
CA GLN B 201 22.36 -46.42 3.96
C GLN B 201 23.75 -45.98 3.56
N THR B 202 23.93 -45.64 2.29
CA THR B 202 25.23 -45.17 1.82
C THR B 202 25.26 -43.64 1.89
N TYR B 203 26.29 -43.13 2.57
CA TYR B 203 26.57 -41.70 2.71
C TYR B 203 27.86 -41.38 1.98
N ILE B 204 27.77 -40.43 1.06
CA ILE B 204 28.91 -40.01 0.24
C ILE B 204 28.96 -38.49 0.27
N CYS B 205 30.16 -37.95 0.48
CA CYS B 205 30.37 -36.52 0.39
C CYS B 205 31.07 -36.20 -0.92
N ASN B 206 30.68 -35.10 -1.54
CA ASN B 206 31.18 -34.70 -2.85
C ASN B 206 31.89 -33.36 -2.67
N VAL B 207 33.19 -33.39 -2.69
CA VAL B 207 33.98 -32.18 -2.55
C VAL B 207 34.36 -31.72 -3.94
N ASN B 208 34.57 -30.41 -4.11
CA ASN B 208 34.75 -29.89 -5.45
C ASN B 208 35.50 -28.56 -5.36
N HIS B 209 36.81 -28.61 -5.61
CA HIS B 209 37.69 -27.46 -5.47
C HIS B 209 37.92 -26.86 -6.85
N LYS B 210 37.17 -25.80 -7.14
CA LYS B 210 37.13 -25.24 -8.48
C LYS B 210 38.51 -24.79 -8.95
N CYS B 211 39.31 -24.20 -8.06
CA CYS B 211 40.54 -23.57 -8.49
C CYS B 211 41.66 -24.55 -8.79
N SER B 212 41.50 -25.83 -8.42
CA SER B 212 42.48 -26.86 -8.75
C SER B 212 41.89 -27.94 -9.65
N ASN B 213 40.77 -27.65 -10.31
CA ASN B 213 40.17 -28.54 -11.28
C ASN B 213 39.79 -29.91 -10.67
N THR B 214 40.07 -30.15 -9.39
CA THR B 214 39.84 -31.45 -8.78
C THR B 214 38.42 -31.56 -8.21
N LYS B 215 37.93 -32.79 -8.17
CA LYS B 215 36.60 -33.10 -7.67
C LYS B 215 36.65 -34.53 -7.19
N VAL B 216 36.20 -34.78 -5.96
CA VAL B 216 36.33 -36.09 -5.32
C VAL B 216 35.02 -36.47 -4.65
N ASP B 217 34.75 -37.80 -4.56
CA ASP B 217 33.50 -38.34 -4.01
C ASP B 217 33.78 -39.44 -2.99
N LYS B 218 34.05 -39.09 -1.73
CA LYS B 218 34.35 -40.12 -0.73
C LYS B 218 33.08 -40.76 -0.15
N LYS B 219 33.14 -42.08 0.08
CA LYS B 219 32.04 -42.85 0.67
C LYS B 219 32.41 -43.25 2.09
N VAL B 220 31.57 -42.90 3.05
CA VAL B 220 31.88 -43.09 4.46
C VAL B 220 31.31 -44.41 4.97
N GLU B 221 32.14 -45.18 5.66
CA GLU B 221 31.76 -46.50 6.12
C GLU B 221 32.26 -46.83 7.53
N PRO B 222 31.37 -47.31 8.42
CA PRO B 222 31.50 -47.61 9.86
C PRO B 222 32.61 -48.57 10.34
N ILE C 3 -26.91 -14.57 19.36
CA ILE C 3 -25.56 -14.04 19.66
C ILE C 3 -24.43 -14.28 18.58
N GLN C 4 -24.72 -14.09 17.30
CA GLN C 4 -23.74 -14.36 16.25
C GLN C 4 -22.53 -13.42 16.35
N MET C 5 -21.44 -13.82 15.65
CA MET C 5 -20.17 -13.09 15.45
C MET C 5 -19.76 -13.33 13.99
N THR C 6 -19.91 -12.34 13.13
CA THR C 6 -19.79 -12.64 11.71
C THR C 6 -18.52 -12.03 11.14
N GLN C 7 -17.80 -12.84 10.39
CA GLN C 7 -16.69 -12.40 9.58
C GLN C 7 -17.14 -12.30 8.13
N SER C 8 -16.40 -11.50 7.38
CA SER C 8 -16.57 -11.25 5.95
C SER C 8 -15.27 -10.61 5.46
N PRO C 9 -14.73 -11.01 4.29
CA PRO C 9 -15.22 -12.05 3.36
C PRO C 9 -14.84 -13.45 3.81
N SER C 10 -15.29 -14.49 3.11
CA SER C 10 -15.05 -15.85 3.59
C SER C 10 -13.76 -16.46 3.04
N SER C 11 -13.57 -16.41 1.73
CA SER C 11 -12.26 -16.58 1.14
C SER C 11 -11.77 -15.24 0.62
N LEU C 12 -10.49 -15.20 0.24
CA LEU C 12 -9.88 -14.17 -0.59
C LEU C 12 -8.53 -14.70 -1.04
N SER C 13 -8.13 -14.36 -2.26
CA SER C 13 -6.83 -14.75 -2.77
C SER C 13 -5.99 -13.52 -2.99
N ALA C 14 -4.91 -13.42 -2.25
CA ALA C 14 -3.99 -12.31 -2.36
C ALA C 14 -2.73 -12.72 -3.11
N SER C 15 -2.09 -11.74 -3.74
CA SER C 15 -0.72 -11.87 -4.20
C SER C 15 0.22 -11.66 -3.01
N VAL C 16 1.49 -11.93 -3.18
CA VAL C 16 2.39 -11.76 -2.03
C VAL C 16 2.83 -10.31 -1.92
N GLY C 17 2.99 -9.85 -0.68
CA GLY C 17 3.21 -8.45 -0.43
C GLY C 17 1.97 -7.60 -0.58
N ASP C 18 0.77 -8.20 -0.62
CA ASP C 18 -0.53 -7.53 -0.63
C ASP C 18 -0.96 -7.12 0.80
N ARG C 19 -2.08 -6.40 0.87
CA ARG C 19 -2.74 -6.03 2.12
C ARG C 19 -4.09 -6.72 2.21
N VAL C 20 -4.30 -7.48 3.26
CA VAL C 20 -5.50 -8.30 3.39
C VAL C 20 -6.30 -7.79 4.57
N THR C 21 -7.51 -7.29 4.29
CA THR C 21 -8.41 -6.81 5.32
C THR C 21 -9.53 -7.83 5.49
N ILE C 22 -9.70 -8.26 6.74
CA ILE C 22 -10.77 -9.15 7.18
C ILE C 22 -11.53 -8.42 8.27
N THR C 23 -12.86 -8.49 8.25
CA THR C 23 -13.71 -7.83 9.25
C THR C 23 -14.50 -8.85 10.07
N CYS C 24 -14.84 -8.45 11.28
CA CYS C 24 -15.49 -9.30 12.26
C CYS C 24 -16.34 -8.38 13.11
N ARG C 25 -17.67 -8.49 13.05
CA ARG C 25 -18.55 -7.65 13.86
C ARG C 25 -19.35 -8.53 14.83
N ALA C 26 -19.44 -8.06 16.06
CA ALA C 26 -20.14 -8.80 17.09
C ALA C 26 -21.59 -8.38 17.11
N SER C 27 -22.47 -9.30 17.50
CA SER C 27 -23.86 -8.93 17.67
C SER C 27 -24.03 -7.97 18.82
N GLN C 28 -23.23 -8.12 19.85
CA GLN C 28 -23.28 -7.35 21.08
C GLN C 28 -22.07 -6.43 21.08
N GLY C 29 -21.92 -5.62 22.12
CA GLY C 29 -20.75 -4.78 22.21
C GLY C 29 -19.71 -5.33 23.16
N ILE C 30 -18.62 -5.89 22.65
CA ILE C 30 -17.71 -6.60 23.52
C ILE C 30 -16.50 -5.76 23.91
N ARG C 31 -16.55 -4.45 23.69
CA ARG C 31 -15.43 -3.55 23.99
C ARG C 31 -14.23 -4.12 23.23
N ASN C 32 -13.11 -4.41 23.89
CA ASN C 32 -11.90 -4.86 23.23
C ASN C 32 -11.54 -6.27 23.68
N TYR C 33 -12.55 -7.07 24.00
CA TYR C 33 -12.32 -8.45 24.44
C TYR C 33 -12.37 -9.39 23.26
N LEU C 34 -11.70 -9.05 22.17
CA LEU C 34 -11.68 -9.87 20.97
C LEU C 34 -10.28 -10.43 20.71
N ALA C 35 -10.23 -11.59 20.08
CA ALA C 35 -8.96 -12.24 19.77
C ALA C 35 -9.01 -12.77 18.34
N TRP C 36 -7.85 -12.85 17.70
CA TRP C 36 -7.72 -13.34 16.34
C TRP C 36 -6.87 -14.60 16.33
N TYR C 37 -7.28 -15.56 15.54
CA TYR C 37 -6.61 -16.85 15.53
C TYR C 37 -6.34 -17.19 14.08
N GLN C 38 -5.15 -17.71 13.85
CA GLN C 38 -4.79 -18.29 12.57
C GLN C 38 -4.69 -19.80 12.72
N GLN C 39 -5.16 -20.55 11.72
CA GLN C 39 -5.04 -22.01 11.75
C GLN C 39 -4.57 -22.50 10.39
N LYS C 40 -3.35 -23.01 10.35
CA LYS C 40 -2.75 -23.42 9.09
C LYS C 40 -3.11 -24.87 8.82
N CYS C 41 -3.36 -25.16 7.54
CA CYS C 41 -3.94 -26.41 7.08
C CYS C 41 -3.36 -27.63 7.79
N GLY C 42 -4.15 -28.23 8.67
CA GLY C 42 -3.73 -29.45 9.31
C GLY C 42 -2.99 -29.28 10.60
N LYS C 43 -2.89 -28.06 11.13
CA LYS C 43 -2.32 -27.85 12.44
C LYS C 43 -3.34 -27.12 13.32
N ALA C 44 -3.19 -27.25 14.64
CA ALA C 44 -4.11 -26.58 15.56
C ALA C 44 -3.99 -25.05 15.45
N PRO C 45 -5.01 -24.31 15.86
CA PRO C 45 -4.95 -22.84 15.76
C PRO C 45 -3.90 -22.23 16.70
N LYS C 46 -3.53 -20.98 16.38
CA LYS C 46 -2.48 -20.21 17.04
C LYS C 46 -2.93 -18.77 17.26
N LEU C 47 -2.74 -18.26 18.47
CA LEU C 47 -3.24 -16.94 18.80
C LEU C 47 -2.30 -15.87 18.23
N LEU C 48 -2.84 -15.02 17.34
CA LEU C 48 -2.14 -13.82 16.85
C LEU C 48 -2.41 -12.63 17.76
N ILE C 49 -3.65 -12.16 17.79
CA ILE C 49 -4.00 -10.89 18.37
C ILE C 49 -4.93 -11.15 19.54
N TYR C 50 -4.63 -10.58 20.68
CA TYR C 50 -5.68 -10.44 21.68
C TYR C 50 -5.91 -8.96 21.97
N ALA C 51 -6.74 -8.66 22.98
CA ALA C 51 -7.11 -7.28 23.34
C ALA C 51 -7.54 -6.47 22.14
N ALA C 52 -7.84 -7.18 21.05
CA ALA C 52 -8.33 -6.67 19.78
C ALA C 52 -7.22 -6.02 18.96
N SER C 53 -6.06 -5.81 19.59
CA SER C 53 -5.02 -4.94 19.01
C SER C 53 -3.63 -5.33 19.47
N THR C 54 -3.51 -5.90 20.68
CA THR C 54 -2.23 -6.40 21.17
C THR C 54 -1.68 -7.56 20.36
N LEU C 55 -0.37 -7.56 20.17
CA LEU C 55 0.28 -8.62 19.43
C LEU C 55 0.86 -9.63 20.42
N GLN C 56 0.31 -10.85 20.38
CA GLN C 56 0.85 -11.98 21.11
C GLN C 56 2.31 -12.19 20.70
N SER C 57 3.24 -12.09 21.65
CA SER C 57 4.62 -11.82 21.26
C SER C 57 5.14 -12.91 20.35
N GLY C 58 6.16 -12.57 19.59
CA GLY C 58 6.72 -13.48 18.62
C GLY C 58 5.96 -13.42 17.32
N VAL C 59 4.64 -13.32 17.37
CA VAL C 59 3.89 -13.20 16.11
C VAL C 59 4.40 -11.99 15.34
N PRO C 60 4.78 -12.13 14.06
CA PRO C 60 5.39 -11.01 13.34
C PRO C 60 4.51 -9.76 13.34
N SER C 61 5.20 -8.61 13.34
CA SER C 61 4.58 -7.30 13.36
C SER C 61 3.59 -7.06 12.21
N ARG C 62 3.59 -7.87 11.17
CA ARG C 62 2.76 -7.61 10.00
C ARG C 62 1.28 -7.99 10.18
N PHE C 63 0.91 -8.58 11.31
CA PHE C 63 -0.49 -8.74 11.69
C PHE C 63 -0.88 -7.65 12.67
N SER C 64 -1.97 -6.97 12.40
CA SER C 64 -2.50 -6.00 13.33
C SER C 64 -4.00 -6.14 13.33
N GLY C 65 -4.62 -5.44 14.28
CA GLY C 65 -6.07 -5.44 14.38
C GLY C 65 -6.63 -4.28 15.17
N SER C 66 -7.76 -3.75 14.72
CA SER C 66 -8.39 -2.65 15.43
C SER C 66 -9.87 -2.93 15.60
N GLY C 67 -10.51 -2.06 16.39
CA GLY C 67 -11.93 -2.11 16.70
C GLY C 67 -12.24 -2.04 18.18
N SER C 68 -13.45 -1.64 18.54
CA SER C 68 -13.85 -1.76 19.94
C SER C 68 -15.36 -1.91 20.01
N GLY C 69 -15.81 -3.01 20.57
CA GLY C 69 -17.20 -3.19 20.86
C GLY C 69 -17.93 -3.92 19.77
N THR C 70 -18.18 -3.25 18.67
CA THR C 70 -19.06 -3.81 17.66
C THR C 70 -18.34 -4.20 16.38
N ASP C 71 -17.36 -3.40 15.97
CA ASP C 71 -16.77 -3.58 14.65
C ASP C 71 -15.27 -3.72 14.77
N PHE C 72 -14.73 -4.73 14.09
CA PHE C 72 -13.36 -5.18 14.28
C PHE C 72 -12.76 -5.55 12.92
N THR C 73 -11.45 -5.67 12.91
CA THR C 73 -10.74 -5.78 11.64
C THR C 73 -9.35 -6.31 11.90
N LEU C 74 -8.94 -7.31 11.13
CA LEU C 74 -7.58 -7.80 11.12
C LEU C 74 -7.00 -7.53 9.76
N THR C 75 -5.80 -6.97 9.76
CA THR C 75 -5.07 -6.67 8.54
C THR C 75 -3.75 -7.40 8.58
N ILE C 76 -3.33 -7.85 7.40
CA ILE C 76 -2.09 -8.56 7.19
C ILE C 76 -1.29 -7.64 6.27
N SER C 77 -0.33 -6.91 6.83
CA SER C 77 0.15 -5.67 6.23
C SER C 77 0.99 -5.90 4.97
N SER C 78 1.78 -6.97 4.91
CA SER C 78 2.63 -7.26 3.76
C SER C 78 2.67 -8.76 3.49
N LEU C 79 1.50 -9.33 3.26
CA LEU C 79 1.25 -10.76 3.29
C LEU C 79 2.33 -11.56 2.58
N GLN C 80 2.87 -12.58 3.30
CA GLN C 80 3.93 -13.56 3.00
C GLN C 80 3.32 -14.85 2.45
N PRO C 81 4.11 -15.67 1.74
CA PRO C 81 3.55 -16.91 1.18
C PRO C 81 3.04 -17.88 2.23
N GLU C 82 3.58 -17.81 3.44
CA GLU C 82 3.27 -18.72 4.53
C GLU C 82 2.03 -18.31 5.32
N ASP C 83 1.45 -17.17 5.04
CA ASP C 83 0.27 -16.79 5.79
C ASP C 83 -0.96 -17.50 5.29
N VAL C 84 -0.81 -18.40 4.32
CA VAL C 84 -1.94 -19.17 3.82
C VAL C 84 -2.52 -20.00 4.96
N ALA C 85 -3.77 -19.72 5.31
CA ALA C 85 -4.42 -20.30 6.48
C ALA C 85 -5.88 -19.89 6.57
N THR C 86 -6.60 -20.40 7.57
CA THR C 86 -7.93 -19.89 7.88
C THR C 86 -7.81 -19.01 9.12
N TYR C 87 -8.54 -17.89 9.12
CA TYR C 87 -8.44 -16.88 10.17
C TYR C 87 -9.78 -16.71 10.89
N TYR C 88 -9.78 -16.89 12.20
CA TYR C 88 -10.98 -16.78 13.00
C TYR C 88 -10.80 -15.72 14.07
N CYS C 89 -11.86 -14.94 14.32
CA CYS C 89 -11.97 -14.09 15.49
C CYS C 89 -12.80 -14.78 16.57
N GLN C 90 -12.81 -14.19 17.77
CA GLN C 90 -13.46 -14.84 18.89
C GLN C 90 -13.69 -13.84 20.01
N ARG C 91 -14.89 -13.88 20.58
CA ARG C 91 -15.24 -13.01 21.69
C ARG C 91 -14.88 -13.71 22.98
N TYR C 92 -14.63 -12.94 24.03
CA TYR C 92 -14.40 -13.59 25.31
C TYR C 92 -14.73 -12.70 26.50
N ASN C 93 -15.49 -11.63 26.29
CA ASN C 93 -16.05 -10.86 27.39
C ASN C 93 -16.88 -11.73 28.33
N ARG C 94 -17.48 -12.79 27.81
CA ARG C 94 -18.22 -13.75 28.61
C ARG C 94 -18.82 -14.81 27.69
N ALA C 95 -19.21 -15.89 28.32
CA ALA C 95 -19.82 -17.02 27.63
C ALA C 95 -21.04 -16.55 26.84
N PRO C 96 -21.19 -16.94 25.61
CA PRO C 96 -20.39 -17.91 24.88
C PRO C 96 -19.21 -17.30 24.17
N TYR C 97 -18.04 -17.80 24.51
CA TYR C 97 -16.81 -17.51 23.79
C TYR C 97 -16.89 -17.99 22.33
N THR C 98 -17.86 -17.48 21.56
CA THR C 98 -18.13 -17.95 20.22
C THR C 98 -17.17 -17.33 19.22
N PHE C 99 -16.85 -18.10 18.17
CA PHE C 99 -15.80 -17.73 17.23
C PHE C 99 -16.34 -16.94 16.07
N GLY C 100 -15.91 -17.26 14.84
CA GLY C 100 -16.33 -16.47 13.69
C GLY C 100 -16.41 -17.34 12.46
N GLN C 101 -17.20 -16.87 11.47
CA GLN C 101 -17.35 -17.53 10.18
C GLN C 101 -16.05 -18.25 9.80
N GLY C 102 -14.92 -17.52 9.79
CA GLY C 102 -13.62 -18.02 9.34
C GLY C 102 -13.27 -17.56 7.95
N THR C 103 -12.12 -16.93 7.76
CA THR C 103 -11.71 -16.43 6.46
C THR C 103 -10.51 -17.23 5.94
N LYS C 104 -10.66 -17.83 4.75
CA LYS C 104 -9.59 -18.60 4.10
C LYS C 104 -8.76 -17.65 3.27
N VAL C 105 -7.44 -17.74 3.41
CA VAL C 105 -6.53 -16.94 2.61
C VAL C 105 -5.72 -17.90 1.75
N GLU C 106 -5.93 -17.85 0.43
CA GLU C 106 -5.08 -18.53 -0.55
C GLU C 106 -4.11 -17.54 -1.18
N ILE C 107 -2.87 -17.96 -1.37
CA ILE C 107 -1.81 -17.10 -1.89
C ILE C 107 -1.79 -17.23 -3.40
N LYS C 108 -2.36 -16.26 -4.09
CA LYS C 108 -2.31 -16.23 -5.54
C LYS C 108 -0.87 -16.00 -6.00
N ARG C 109 -0.46 -16.73 -7.03
CA ARG C 109 0.91 -16.67 -7.51
C ARG C 109 0.90 -16.95 -9.01
N THR C 110 2.09 -16.98 -9.61
CA THR C 110 2.20 -17.09 -11.05
C THR C 110 1.98 -18.54 -11.45
N VAL C 111 1.26 -18.76 -12.56
CA VAL C 111 0.84 -20.09 -13.01
C VAL C 111 2.03 -21.03 -13.12
N ALA C 112 2.11 -22.01 -12.24
CA ALA C 112 3.06 -23.11 -12.39
C ALA C 112 2.30 -24.34 -12.86
N ALA C 113 2.95 -25.12 -13.69
CA ALA C 113 2.41 -26.32 -14.30
C ALA C 113 2.82 -27.53 -13.50
N PRO C 114 2.25 -28.71 -13.78
CA PRO C 114 2.41 -29.84 -12.86
C PRO C 114 3.19 -31.04 -13.39
N SER C 115 4.01 -31.64 -12.54
CA SER C 115 4.55 -32.97 -12.83
C SER C 115 3.41 -33.98 -12.90
N VAL C 116 3.54 -34.95 -13.79
CA VAL C 116 2.48 -35.93 -14.02
C VAL C 116 3.07 -37.33 -14.03
N PHE C 117 2.57 -38.19 -13.15
CA PHE C 117 3.02 -39.56 -12.98
C PHE C 117 1.83 -40.49 -12.97
N ILE C 118 2.11 -41.79 -13.03
CA ILE C 118 1.07 -42.80 -13.19
C ILE C 118 1.57 -44.10 -12.56
N PHE C 119 0.66 -44.81 -11.88
CA PHE C 119 1.02 -46.02 -11.13
C PHE C 119 -0.02 -47.09 -11.39
N PRO C 120 0.26 -48.05 -12.26
CA PRO C 120 -0.68 -49.15 -12.51
C PRO C 120 -0.88 -49.97 -11.25
N PRO C 121 -1.95 -50.77 -11.19
CA PRO C 121 -2.26 -51.47 -9.95
C PRO C 121 -1.11 -52.35 -9.49
N SER C 122 -0.97 -52.44 -8.18
CA SER C 122 0.14 -53.23 -7.67
C SER C 122 -0.12 -54.71 -7.91
N ASP C 123 0.99 -55.45 -7.93
CA ASP C 123 0.88 -56.89 -8.05
C ASP C 123 0.02 -57.46 -6.93
N GLU C 124 0.18 -56.92 -5.72
CA GLU C 124 -0.60 -57.39 -4.57
C GLU C 124 -2.08 -57.17 -4.79
N GLN C 125 -2.47 -55.92 -5.10
CA GLN C 125 -3.87 -55.55 -5.06
C GLN C 125 -4.71 -56.39 -6.02
N LEU C 126 -4.13 -56.84 -7.12
CA LEU C 126 -4.86 -57.69 -8.05
C LEU C 126 -5.09 -59.08 -7.46
N LYS C 127 -4.21 -59.53 -6.55
CA LYS C 127 -4.50 -60.74 -5.77
C LYS C 127 -5.72 -60.57 -4.89
N SER C 128 -6.09 -59.34 -4.55
CA SER C 128 -7.29 -59.08 -3.76
C SER C 128 -8.51 -58.77 -4.63
N GLY C 129 -8.38 -58.79 -5.96
CA GLY C 129 -9.52 -58.68 -6.85
C GLY C 129 -9.97 -57.27 -7.21
N THR C 130 -9.49 -56.24 -6.51
CA THR C 130 -9.76 -54.86 -6.86
C THR C 130 -8.49 -54.23 -7.44
N ALA C 131 -8.64 -53.28 -8.37
CA ALA C 131 -7.49 -52.69 -9.06
C ALA C 131 -7.58 -51.17 -9.04
N SER C 132 -6.59 -50.52 -8.42
CA SER C 132 -6.44 -49.06 -8.44
C SER C 132 -5.34 -48.64 -9.40
N VAL C 133 -5.65 -47.70 -10.29
CA VAL C 133 -4.61 -46.95 -10.97
C VAL C 133 -4.57 -45.56 -10.34
N VAL C 134 -3.36 -45.06 -10.05
CA VAL C 134 -3.19 -43.75 -9.44
C VAL C 134 -2.42 -42.85 -10.40
N CYS C 135 -2.96 -41.66 -10.65
CA CYS C 135 -2.34 -40.64 -11.49
C CYS C 135 -2.10 -39.43 -10.61
N LEU C 136 -0.95 -38.80 -10.78
CA LEU C 136 -0.45 -37.87 -9.79
C LEU C 136 0.01 -36.58 -10.46
N LEU C 137 -0.55 -35.47 -10.02
CA LEU C 137 -0.18 -34.15 -10.48
C LEU C 137 0.62 -33.48 -9.37
N ASN C 138 1.80 -32.97 -9.68
CA ASN C 138 2.69 -32.50 -8.63
C ASN C 138 3.07 -31.03 -8.80
N ASN C 139 2.72 -30.22 -7.81
CA ASN C 139 3.18 -28.84 -7.64
C ASN C 139 2.86 -27.93 -8.82
N PHE C 140 1.64 -27.39 -8.85
CA PHE C 140 1.16 -26.46 -9.87
C PHE C 140 0.39 -25.34 -9.16
N TYR C 141 0.09 -24.19 -9.88
CA TYR C 141 -0.60 -23.20 -9.05
C TYR C 141 -2.12 -23.11 -9.20
N PRO C 142 -2.69 -22.90 -10.38
CA PRO C 142 -4.15 -23.01 -10.43
C PRO C 142 -4.52 -24.38 -9.89
N ARG C 143 -5.25 -24.39 -8.77
CA ARG C 143 -5.64 -25.65 -8.14
C ARG C 143 -6.46 -26.52 -9.10
N GLU C 144 -7.20 -25.90 -10.00
CA GLU C 144 -8.03 -26.63 -10.95
C GLU C 144 -7.20 -27.26 -12.07
N ALA C 145 -7.46 -28.55 -12.34
CA ALA C 145 -6.91 -29.24 -13.49
C ALA C 145 -7.94 -30.25 -13.97
N LYS C 146 -8.08 -30.40 -15.31
CA LYS C 146 -9.05 -31.32 -15.92
C LYS C 146 -8.36 -32.66 -16.23
N VAL C 147 -8.63 -33.68 -15.40
CA VAL C 147 -7.94 -34.96 -15.45
C VAL C 147 -8.94 -36.02 -15.91
N GLN C 148 -8.94 -36.35 -17.20
CA GLN C 148 -9.76 -37.44 -17.69
C GLN C 148 -8.94 -38.73 -17.67
N TRP C 149 -9.63 -39.86 -17.73
CA TRP C 149 -9.02 -41.18 -17.74
C TRP C 149 -9.53 -41.96 -18.95
N LYS C 150 -8.64 -42.62 -19.68
CA LYS C 150 -9.03 -43.33 -20.90
C LYS C 150 -8.49 -44.75 -20.85
N VAL C 151 -9.40 -45.72 -20.87
CA VAL C 151 -9.05 -47.14 -20.89
C VAL C 151 -9.32 -47.63 -22.30
N ASP C 152 -8.26 -47.69 -23.11
CA ASP C 152 -8.36 -48.03 -24.54
C ASP C 152 -9.14 -46.94 -25.29
N ASN C 153 -8.58 -45.72 -25.25
CA ASN C 153 -9.21 -44.52 -25.77
C ASN C 153 -10.68 -44.43 -25.38
N ALA C 154 -11.07 -45.14 -24.31
CA ALA C 154 -12.43 -45.13 -23.84
C ALA C 154 -12.46 -44.23 -22.60
N LEU C 155 -13.11 -43.08 -22.74
CA LEU C 155 -13.15 -42.15 -21.62
C LEU C 155 -13.91 -42.75 -20.45
N GLN C 156 -13.22 -43.17 -19.41
CA GLN C 156 -13.92 -43.52 -18.19
C GLN C 156 -14.55 -42.28 -17.60
N SER C 157 -15.62 -42.50 -16.83
CA SER C 157 -16.36 -41.42 -16.21
C SER C 157 -17.18 -42.04 -15.09
N GLY C 158 -17.04 -41.51 -13.87
CA GLY C 158 -17.80 -41.97 -12.73
C GLY C 158 -16.98 -42.70 -11.68
N ASN C 159 -15.91 -43.40 -12.09
CA ASN C 159 -15.16 -44.30 -11.21
C ASN C 159 -13.87 -43.71 -10.63
N SER C 160 -13.64 -42.40 -10.76
CA SER C 160 -12.39 -41.79 -10.32
C SER C 160 -12.67 -40.83 -9.19
N GLN C 161 -12.00 -41.03 -8.06
CA GLN C 161 -11.97 -40.01 -7.03
C GLN C 161 -10.64 -39.26 -7.05
N GLU C 162 -10.68 -38.04 -6.53
CA GLU C 162 -9.48 -37.22 -6.45
C GLU C 162 -9.30 -36.71 -5.03
N SER C 163 -8.13 -36.12 -4.83
CA SER C 163 -7.69 -35.61 -3.54
C SER C 163 -6.64 -34.56 -3.84
N VAL C 164 -6.66 -33.46 -3.10
CA VAL C 164 -5.72 -32.37 -3.35
C VAL C 164 -5.03 -32.00 -2.05
N THR C 165 -3.71 -31.81 -2.10
CA THR C 165 -2.94 -31.34 -0.96
C THR C 165 -3.43 -29.96 -0.53
N CYS C 166 -2.94 -29.49 0.62
CA CYS C 166 -3.13 -28.10 0.96
C CYS C 166 -2.24 -27.21 0.10
N GLN C 167 -2.43 -25.90 0.17
CA GLN C 167 -1.47 -25.01 -0.45
C GLN C 167 -0.20 -25.02 0.38
N ASP C 168 0.94 -24.97 -0.30
CA ASP C 168 2.21 -25.13 0.40
C ASP C 168 2.66 -23.82 1.06
N SER C 169 3.11 -23.92 2.32
CA SER C 169 3.49 -22.68 3.01
C SER C 169 4.74 -22.03 2.49
N LYS C 170 5.39 -22.64 1.49
CA LYS C 170 6.63 -22.17 0.92
C LYS C 170 6.45 -21.76 -0.54
N ASP C 171 6.09 -22.69 -1.42
CA ASP C 171 5.95 -22.35 -2.83
C ASP C 171 4.53 -22.07 -3.26
N SER C 172 3.55 -22.24 -2.37
CA SER C 172 2.15 -21.94 -2.64
C SER C 172 1.56 -22.74 -3.80
N THR C 173 2.13 -23.91 -4.13
CA THR C 173 1.56 -24.78 -5.13
C THR C 173 0.77 -25.90 -4.46
N TYR C 174 0.00 -26.63 -5.27
CA TYR C 174 -0.82 -27.74 -4.82
C TYR C 174 -0.32 -29.04 -5.45
N SER C 175 -0.90 -30.17 -5.03
CA SER C 175 -0.68 -31.42 -5.75
C SER C 175 -1.94 -32.25 -5.72
N LEU C 176 -2.49 -32.53 -6.89
CA LEU C 176 -3.67 -33.37 -6.99
C LEU C 176 -3.27 -34.82 -7.26
N SER C 177 -4.18 -35.74 -6.95
CA SER C 177 -4.03 -37.14 -7.34
C SER C 177 -5.41 -37.70 -7.65
N SER C 178 -5.63 -38.12 -8.90
CA SER C 178 -6.86 -38.79 -9.30
C SER C 178 -6.63 -40.31 -9.32
N THR C 179 -7.42 -41.03 -8.52
CA THR C 179 -7.33 -42.49 -8.39
C THR C 179 -8.48 -43.14 -9.13
N LEU C 180 -8.17 -43.88 -10.18
CA LEU C 180 -9.15 -44.70 -10.88
C LEU C 180 -9.19 -46.08 -10.24
N THR C 181 -10.37 -46.52 -9.82
CA THR C 181 -10.55 -47.79 -9.11
C THR C 181 -11.58 -48.64 -9.84
N LEU C 182 -11.11 -49.65 -10.54
CA LEU C 182 -12.01 -50.59 -11.19
C LEU C 182 -11.52 -52.01 -10.89
N SER C 183 -12.43 -52.97 -11.06
CA SER C 183 -12.25 -54.32 -10.56
C SER C 183 -11.47 -55.19 -11.53
N LYS C 184 -10.83 -56.22 -10.97
CA LYS C 184 -9.90 -57.05 -11.71
C LYS C 184 -10.53 -57.63 -12.96
N ALA C 185 -11.82 -57.94 -12.91
CA ALA C 185 -12.48 -58.56 -14.06
C ALA C 185 -12.55 -57.60 -15.25
N ASP C 186 -12.61 -56.29 -14.99
CA ASP C 186 -12.54 -55.32 -16.08
C ASP C 186 -11.10 -55.07 -16.46
N TYR C 187 -10.30 -54.71 -15.45
CA TYR C 187 -8.90 -54.33 -15.65
C TYR C 187 -8.17 -55.34 -16.51
N GLU C 188 -8.27 -56.61 -16.16
CA GLU C 188 -7.50 -57.56 -16.94
C GLU C 188 -8.11 -57.82 -18.31
N LYS C 189 -9.05 -56.98 -18.76
CA LYS C 189 -9.56 -57.04 -20.13
C LYS C 189 -8.98 -55.97 -21.04
N HIS C 190 -8.09 -55.11 -20.55
CA HIS C 190 -7.69 -53.95 -21.34
C HIS C 190 -6.19 -53.75 -21.30
N LYS C 191 -5.61 -53.36 -22.44
CA LYS C 191 -4.18 -53.12 -22.61
C LYS C 191 -3.79 -51.68 -22.24
N VAL C 192 -4.37 -50.71 -22.92
CA VAL C 192 -3.93 -49.32 -22.83
C VAL C 192 -4.66 -48.61 -21.70
N TYR C 193 -3.90 -48.01 -20.79
CA TYR C 193 -4.47 -47.28 -19.66
C TYR C 193 -3.83 -45.90 -19.61
N ALA C 194 -4.63 -44.86 -19.82
CA ALA C 194 -4.12 -43.49 -19.90
C ALA C 194 -4.94 -42.56 -19.02
N CYS C 195 -4.26 -41.74 -18.21
CA CYS C 195 -4.82 -40.49 -17.73
C CYS C 195 -4.26 -39.36 -18.61
N GLU C 196 -4.95 -38.23 -18.61
CA GLU C 196 -4.58 -37.17 -19.55
C GLU C 196 -5.00 -35.82 -18.98
N VAL C 197 -4.01 -34.99 -18.67
CA VAL C 197 -4.18 -33.81 -17.84
C VAL C 197 -4.16 -32.54 -18.68
N THR C 198 -5.01 -31.59 -18.28
CA THR C 198 -5.05 -30.23 -18.78
C THR C 198 -4.71 -29.30 -17.64
N HIS C 199 -4.14 -28.15 -17.97
CA HIS C 199 -3.88 -27.15 -16.94
C HIS C 199 -3.62 -25.83 -17.62
N GLN C 200 -3.72 -24.76 -16.84
CA GLN C 200 -3.47 -23.41 -17.33
C GLN C 200 -2.00 -23.15 -17.63
N GLY C 201 -1.11 -24.03 -17.14
CA GLY C 201 0.31 -24.01 -17.41
C GLY C 201 0.79 -25.02 -18.42
N LEU C 202 -0.09 -25.68 -19.14
CA LEU C 202 0.29 -26.67 -20.14
C LEU C 202 -0.16 -26.14 -21.49
N SER C 203 0.76 -25.61 -22.27
CA SER C 203 0.44 -24.96 -23.54
C SER C 203 -0.36 -25.88 -24.46
N SER C 204 -0.46 -27.13 -24.10
CA SER C 204 -1.11 -28.23 -24.81
C SER C 204 -1.08 -29.42 -23.86
N PRO C 205 -2.10 -30.32 -23.89
CA PRO C 205 -2.28 -31.27 -22.78
C PRO C 205 -1.20 -32.34 -22.68
N VAL C 206 -1.44 -33.34 -21.84
CA VAL C 206 -0.39 -34.27 -21.40
C VAL C 206 -1.04 -35.62 -21.11
N THR C 207 -0.43 -36.70 -21.60
CA THR C 207 -0.95 -38.04 -21.39
C THR C 207 0.15 -38.98 -20.91
N LYS C 208 -0.06 -39.60 -19.76
CA LYS C 208 0.75 -40.73 -19.33
C LYS C 208 -0.07 -42.01 -19.52
N SER C 209 0.62 -43.14 -19.68
CA SER C 209 -0.10 -44.37 -20.01
C SER C 209 0.81 -45.59 -19.87
N PHE C 210 0.18 -46.77 -19.76
CA PHE C 210 0.89 -48.04 -19.65
C PHE C 210 0.11 -49.16 -20.37
N ASN C 211 0.66 -50.39 -20.35
CA ASN C 211 0.25 -51.42 -21.30
C ASN C 211 0.02 -52.79 -20.68
N ARG C 212 -0.37 -52.90 -19.43
CA ARG C 212 -0.54 -54.24 -18.90
C ARG C 212 -1.90 -54.35 -18.22
N GLY C 213 -2.35 -55.60 -18.03
CA GLY C 213 -3.64 -55.90 -17.41
C GLY C 213 -4.83 -55.99 -18.34
N GLU D 2 7.25 -23.24 28.09
CA GLU D 2 6.88 -24.17 27.04
C GLU D 2 5.72 -25.08 27.49
N VAL D 3 4.53 -24.65 27.10
CA VAL D 3 3.26 -25.27 27.45
C VAL D 3 2.95 -26.37 26.45
N GLN D 4 2.43 -27.50 26.91
CA GLN D 4 1.90 -28.43 25.93
C GLN D 4 0.72 -29.19 26.50
N LEU D 5 -0.24 -29.47 25.61
CA LEU D 5 -1.50 -30.10 25.93
C LEU D 5 -1.70 -31.26 24.97
N VAL D 6 -2.02 -32.42 25.50
CA VAL D 6 -2.24 -33.58 24.67
C VAL D 6 -3.60 -34.17 25.00
N GLU D 7 -4.48 -34.18 24.01
CA GLU D 7 -5.77 -34.82 24.14
C GLU D 7 -5.65 -36.31 23.85
N SER D 8 -6.68 -37.05 24.25
CA SER D 8 -6.68 -38.49 24.14
C SER D 8 -8.11 -38.97 24.35
N GLY D 9 -8.37 -40.21 23.94
CA GLY D 9 -9.62 -40.85 24.26
C GLY D 9 -10.52 -41.13 23.07
N GLY D 10 -10.89 -40.06 22.37
CA GLY D 10 -11.91 -40.20 21.36
C GLY D 10 -11.48 -40.95 20.12
N CYS D 11 -12.05 -42.13 19.89
CA CYS D 11 -11.86 -42.81 18.63
C CYS D 11 -13.23 -43.03 18.01
N LEU D 12 -13.76 -44.24 18.03
CA LEU D 12 -15.03 -44.55 17.41
C LEU D 12 -16.06 -44.76 18.51
N VAL D 13 -17.18 -44.04 18.43
CA VAL D 13 -18.27 -44.10 19.41
C VAL D 13 -19.57 -44.13 18.61
N GLN D 14 -20.54 -44.87 19.11
CA GLN D 14 -21.75 -45.05 18.35
C GLN D 14 -22.90 -44.22 18.90
N PRO D 15 -23.76 -43.71 18.02
CA PRO D 15 -24.71 -42.66 18.42
C PRO D 15 -25.51 -43.04 19.65
N GLY D 16 -25.64 -42.08 20.55
CA GLY D 16 -26.29 -42.29 21.82
C GLY D 16 -25.37 -42.68 22.95
N ARG D 17 -24.21 -43.28 22.65
CA ARG D 17 -23.26 -43.68 23.67
C ARG D 17 -22.51 -42.48 24.24
N SER D 18 -21.55 -42.74 25.14
CA SER D 18 -20.98 -41.68 25.95
C SER D 18 -19.49 -41.93 26.15
N LEU D 19 -18.64 -41.16 25.46
CA LEU D 19 -17.21 -41.27 25.68
C LEU D 19 -16.67 -40.02 26.38
N ARG D 20 -15.49 -40.16 26.97
CA ARG D 20 -14.89 -39.11 27.79
C ARG D 20 -13.52 -38.77 27.26
N LEU D 21 -13.31 -37.46 27.02
CA LEU D 21 -12.08 -36.92 26.48
C LEU D 21 -11.20 -36.42 27.61
N SER D 22 -9.89 -36.64 27.48
CA SER D 22 -8.93 -36.18 28.48
C SER D 22 -7.89 -35.26 27.86
N CYS D 23 -7.35 -34.37 28.69
CA CYS D 23 -6.38 -33.37 28.27
C CYS D 23 -5.43 -33.16 29.44
N ALA D 24 -4.30 -33.86 29.39
CA ALA D 24 -3.24 -33.64 30.36
C ALA D 24 -2.37 -32.50 29.85
N ALA D 25 -2.02 -31.59 30.77
CA ALA D 25 -1.23 -30.40 30.49
C ALA D 25 -0.01 -30.43 31.37
N SER D 26 0.94 -29.57 31.02
CA SER D 26 2.22 -29.43 31.71
C SER D 26 3.00 -28.34 31.00
N GLY D 27 3.93 -27.74 31.73
CA GLY D 27 4.70 -26.63 31.21
C GLY D 27 4.28 -25.33 31.85
N PHE D 28 2.98 -25.20 32.09
CA PHE D 28 2.46 -24.13 32.93
C PHE D 28 1.85 -24.73 34.18
N THR D 29 1.65 -23.89 35.19
CA THR D 29 1.01 -24.36 36.43
C THR D 29 -0.51 -24.47 36.28
N PHE D 30 -0.96 -25.71 36.05
CA PHE D 30 -2.34 -25.99 35.63
C PHE D 30 -3.37 -25.45 36.60
N ASP D 31 -3.03 -25.29 37.85
CA ASP D 31 -3.99 -24.91 38.87
C ASP D 31 -4.45 -23.51 38.78
N ASP D 32 -4.25 -22.79 37.69
CA ASP D 32 -4.45 -21.35 37.70
C ASP D 32 -5.22 -20.83 36.51
N TYR D 33 -5.42 -21.65 35.49
CA TYR D 33 -5.88 -21.19 34.20
C TYR D 33 -7.20 -21.86 33.84
N ALA D 34 -8.14 -21.06 33.39
CA ALA D 34 -9.31 -21.65 32.79
C ALA D 34 -8.89 -22.49 31.60
N MET D 35 -9.58 -23.59 31.40
CA MET D 35 -9.42 -24.36 30.19
C MET D 35 -10.73 -24.37 29.41
N HIS D 36 -10.63 -24.58 28.11
CA HIS D 36 -11.80 -24.65 27.24
C HIS D 36 -11.86 -26.01 26.57
N TRP D 37 -12.93 -26.25 25.85
CA TRP D 37 -12.87 -27.25 24.79
C TRP D 37 -13.45 -26.56 23.58
N VAL D 38 -12.72 -26.59 22.47
CA VAL D 38 -13.22 -26.09 21.19
C VAL D 38 -13.11 -27.23 20.22
N ARG D 39 -14.07 -27.35 19.30
CA ARG D 39 -14.04 -28.46 18.36
C ARG D 39 -14.25 -27.96 16.96
N GLN D 40 -13.85 -28.77 16.00
CA GLN D 40 -14.02 -28.38 14.61
C GLN D 40 -14.39 -29.59 13.79
N ALA D 41 -15.34 -29.44 12.91
CA ALA D 41 -15.76 -30.61 12.19
C ALA D 41 -15.02 -30.71 10.87
N PRO D 42 -14.94 -31.89 10.26
CA PRO D 42 -14.35 -31.99 8.92
C PRO D 42 -15.00 -31.03 7.94
N GLY D 43 -14.16 -30.22 7.29
CA GLY D 43 -14.63 -29.17 6.41
C GLY D 43 -15.59 -28.19 7.07
N LYS D 44 -15.19 -27.62 8.21
CA LYS D 44 -16.03 -26.74 9.02
C LYS D 44 -15.13 -25.84 9.85
N GLY D 45 -15.73 -24.79 10.40
CA GLY D 45 -15.02 -23.82 11.23
C GLY D 45 -14.85 -24.26 12.68
N LEU D 46 -14.18 -23.41 13.45
CA LEU D 46 -14.00 -23.66 14.87
C LEU D 46 -15.31 -23.40 15.59
N GLU D 47 -15.61 -24.22 16.60
CA GLU D 47 -16.82 -24.06 17.42
C GLU D 47 -16.49 -24.24 18.89
N TRP D 48 -16.77 -23.22 19.68
CA TRP D 48 -16.54 -23.32 21.11
C TRP D 48 -17.55 -24.25 21.73
N VAL D 49 -17.09 -25.13 22.62
CA VAL D 49 -17.93 -26.16 23.25
C VAL D 49 -18.22 -25.85 24.72
N SER D 50 -17.18 -25.55 25.51
CA SER D 50 -17.33 -25.54 26.95
C SER D 50 -16.05 -24.96 27.59
N ALA D 51 -16.19 -24.53 28.85
CA ALA D 51 -15.10 -23.83 29.51
C ALA D 51 -15.32 -23.85 31.01
N ILE D 52 -14.30 -24.24 31.79
CA ILE D 52 -14.41 -24.14 33.25
C ILE D 52 -13.20 -23.41 33.84
N THR D 53 -13.47 -22.71 34.96
CA THR D 53 -12.52 -21.88 35.69
C THR D 53 -11.60 -22.74 36.55
N TRP D 54 -10.53 -22.11 37.06
CA TRP D 54 -9.44 -22.87 37.66
C TRP D 54 -9.90 -23.77 38.82
N ASN D 55 -10.75 -23.25 39.70
CA ASN D 55 -11.21 -24.03 40.84
C ASN D 55 -12.43 -24.88 40.51
N SER D 56 -12.71 -25.10 39.23
CA SER D 56 -13.94 -25.74 38.80
C SER D 56 -15.17 -24.99 39.32
N GLY D 57 -15.02 -23.71 39.66
CA GLY D 57 -16.09 -22.98 40.31
C GLY D 57 -17.17 -22.44 39.39
N HIS D 58 -16.88 -22.27 38.10
CA HIS D 58 -17.88 -21.82 37.13
C HIS D 58 -17.66 -22.55 35.82
N ILE D 59 -18.77 -22.90 35.17
CA ILE D 59 -18.75 -23.70 33.96
C ILE D 59 -19.77 -23.13 33.00
N ASP D 60 -19.44 -23.11 31.72
CA ASP D 60 -20.37 -22.69 30.70
C ASP D 60 -20.28 -23.65 29.53
N TYR D 61 -21.40 -23.79 28.83
CA TYR D 61 -21.49 -24.71 27.72
C TYR D 61 -22.17 -24.01 26.56
N ALA D 62 -21.90 -24.48 25.37
CA ALA D 62 -22.63 -24.02 24.21
C ALA D 62 -23.97 -24.72 24.15
N ASP D 63 -24.97 -24.05 23.57
CA ASP D 63 -26.25 -24.74 23.45
C ASP D 63 -26.09 -26.04 22.68
N SER D 64 -25.31 -26.03 21.60
CA SER D 64 -24.98 -27.24 20.84
C SER D 64 -24.62 -28.45 21.69
N VAL D 65 -24.44 -28.24 22.99
CA VAL D 65 -23.70 -29.15 23.84
C VAL D 65 -24.34 -29.23 25.21
N GLU D 66 -25.17 -28.24 25.55
CA GLU D 66 -25.81 -28.27 26.86
C GLU D 66 -26.52 -29.59 27.08
N GLY D 67 -26.52 -30.06 28.32
CA GLY D 67 -27.26 -31.25 28.69
C GLY D 67 -26.53 -32.53 28.43
N ARG D 68 -25.93 -32.66 27.25
CA ARG D 68 -25.25 -33.90 26.92
C ARG D 68 -23.80 -33.96 27.43
N PHE D 69 -23.04 -32.86 27.43
CA PHE D 69 -21.62 -32.89 27.78
C PHE D 69 -21.40 -32.41 29.21
N THR D 70 -20.27 -32.85 29.80
CA THR D 70 -19.84 -32.35 31.10
C THR D 70 -18.33 -32.25 31.18
N ILE D 71 -17.86 -31.05 31.41
CA ILE D 71 -16.45 -30.72 31.55
C ILE D 71 -16.07 -30.75 33.03
N SER D 72 -14.85 -31.18 33.31
CA SER D 72 -14.37 -31.27 34.67
C SER D 72 -12.85 -31.22 34.64
N ARG D 73 -12.25 -31.00 35.81
CA ARG D 73 -10.81 -30.86 35.88
C ARG D 73 -10.27 -31.52 37.14
N ASP D 74 -9.16 -32.23 37.01
CA ASP D 74 -8.42 -32.82 38.12
C ASP D 74 -7.12 -32.06 38.30
N ASN D 75 -7.18 -30.94 39.02
CA ASN D 75 -6.00 -30.07 39.16
C ASN D 75 -4.81 -30.83 39.74
N ALA D 76 -5.06 -31.74 40.67
CA ALA D 76 -3.98 -32.46 41.33
C ALA D 76 -3.44 -33.62 40.49
N LYS D 77 -4.01 -33.86 39.32
CA LYS D 77 -3.47 -34.80 38.35
C LYS D 77 -3.35 -34.10 37.01
N ASN D 78 -2.94 -32.83 37.08
CA ASN D 78 -2.79 -31.89 35.96
C ASN D 78 -3.54 -32.31 34.70
N SER D 79 -4.84 -32.55 34.79
CA SER D 79 -5.59 -33.07 33.65
C SER D 79 -7.01 -32.48 33.59
N LEU D 80 -7.49 -32.25 32.37
CA LEU D 80 -8.81 -31.70 32.05
C LEU D 80 -9.68 -32.75 31.36
N TYR D 81 -10.99 -32.79 31.70
CA TYR D 81 -11.92 -33.79 31.17
C TYR D 81 -13.13 -33.15 30.48
N LEU D 82 -13.71 -33.92 29.55
CA LEU D 82 -14.98 -33.59 28.88
C LEU D 82 -15.72 -34.90 28.60
N GLN D 83 -16.59 -35.31 29.53
CA GLN D 83 -17.47 -36.45 29.30
C GLN D 83 -18.53 -36.06 28.29
N MET D 84 -18.60 -36.78 27.18
CA MET D 84 -19.50 -36.46 26.09
C MET D 84 -20.55 -37.55 26.06
N ASN D 85 -21.70 -37.30 26.66
CA ASN D 85 -22.76 -38.29 26.64
C ASN D 85 -23.70 -38.06 25.47
N SER D 86 -24.45 -39.12 25.13
CA SER D 86 -25.61 -38.96 24.29
C SER D 86 -25.23 -38.43 22.91
N LEU D 87 -24.21 -39.02 22.31
CA LEU D 87 -23.55 -38.44 21.15
C LEU D 87 -24.35 -38.61 19.85
N ARG D 88 -24.10 -37.71 18.92
CA ARG D 88 -24.82 -37.61 17.66
C ARG D 88 -23.86 -37.60 16.48
N ALA D 89 -24.37 -38.04 15.33
CA ALA D 89 -23.63 -38.02 14.08
C ALA D 89 -22.83 -36.74 13.94
N GLU D 90 -23.51 -35.61 14.10
CA GLU D 90 -22.90 -34.31 13.92
C GLU D 90 -21.99 -33.92 15.06
N ASP D 91 -21.78 -34.77 16.05
CA ASP D 91 -20.74 -34.47 17.03
C ASP D 91 -19.35 -34.79 16.51
N THR D 92 -19.25 -35.60 15.45
CA THR D 92 -17.97 -35.91 14.82
C THR D 92 -17.22 -34.65 14.51
N ALA D 93 -16.07 -34.49 15.18
CA ALA D 93 -15.22 -33.30 15.11
C ALA D 93 -13.90 -33.60 15.81
N VAL D 94 -12.88 -32.82 15.47
CA VAL D 94 -11.64 -32.81 16.25
C VAL D 94 -11.89 -31.96 17.47
N TYR D 95 -11.53 -32.47 18.64
CA TYR D 95 -11.75 -31.74 19.89
C TYR D 95 -10.41 -31.26 20.42
N TYR D 96 -10.32 -29.94 20.72
CA TYR D 96 -9.11 -29.31 21.25
C TYR D 96 -9.37 -28.77 22.63
N CYS D 97 -8.41 -28.93 23.54
CA CYS D 97 -8.42 -28.15 24.76
C CYS D 97 -7.46 -26.98 24.62
N ALA D 98 -7.73 -25.91 25.36
CA ALA D 98 -6.93 -24.70 25.25
C ALA D 98 -6.87 -24.01 26.60
N LYS D 99 -5.67 -23.58 26.96
CA LYS D 99 -5.40 -22.84 28.17
C LYS D 99 -5.54 -21.35 27.89
N VAL D 100 -5.93 -20.62 28.90
CA VAL D 100 -6.30 -19.21 28.75
C VAL D 100 -5.09 -18.32 29.04
N SER D 101 -4.94 -17.26 28.24
CA SER D 101 -3.85 -16.27 28.37
C SER D 101 -3.47 -15.89 29.79
N TYR D 102 -4.43 -15.41 30.59
CA TYR D 102 -4.08 -14.83 31.88
C TYR D 102 -5.00 -15.36 32.98
N LEU D 103 -4.61 -15.06 34.23
CA LEU D 103 -5.39 -15.42 35.41
C LEU D 103 -6.76 -14.74 35.44
N SER D 104 -7.50 -14.88 34.34
CA SER D 104 -8.82 -14.30 34.19
C SER D 104 -9.54 -15.06 33.09
N THR D 105 -10.85 -15.15 33.23
CA THR D 105 -11.61 -15.85 32.21
C THR D 105 -11.98 -14.95 31.06
N ALA D 106 -11.93 -13.63 31.25
CA ALA D 106 -12.10 -12.66 30.16
C ALA D 106 -10.73 -12.50 29.50
N SER D 107 -10.45 -13.37 28.53
CA SER D 107 -9.07 -13.64 28.21
C SER D 107 -8.97 -14.68 27.09
N SER D 108 -8.01 -14.51 26.18
CA SER D 108 -7.89 -15.34 24.99
C SER D 108 -7.26 -16.70 25.30
N LEU D 109 -7.23 -17.57 24.30
CA LEU D 109 -6.73 -18.93 24.46
C LEU D 109 -5.37 -19.03 23.78
N ASP D 110 -4.29 -19.10 24.58
CA ASP D 110 -2.94 -18.88 24.07
C ASP D 110 -2.09 -20.14 23.92
N TYR D 111 -2.61 -21.31 24.25
CA TYR D 111 -2.00 -22.51 23.69
C TYR D 111 -3.09 -23.54 23.49
N TRP D 112 -3.03 -24.25 22.38
CA TRP D 112 -3.99 -25.27 22.03
C TRP D 112 -3.35 -26.65 21.98
N GLY D 113 -4.01 -27.64 22.58
CA GLY D 113 -3.66 -29.02 22.29
C GLY D 113 -3.76 -29.30 20.81
N GLN D 114 -3.24 -30.46 20.41
CA GLN D 114 -3.26 -30.74 18.98
C GLN D 114 -4.58 -31.32 18.51
N GLY D 115 -5.41 -31.79 19.44
CA GLY D 115 -6.77 -32.17 19.13
C GLY D 115 -6.94 -33.64 18.84
N THR D 116 -8.04 -34.25 19.28
CA THR D 116 -8.31 -35.66 19.02
C THR D 116 -9.63 -35.83 18.27
N LEU D 117 -9.62 -36.69 17.25
CA LEU D 117 -10.75 -36.86 16.36
C LEU D 117 -11.71 -37.90 16.93
N VAL D 118 -12.91 -37.46 17.27
CA VAL D 118 -13.99 -38.36 17.62
C VAL D 118 -14.87 -38.53 16.40
N THR D 119 -15.14 -39.77 16.05
CA THR D 119 -16.12 -40.11 15.02
C THR D 119 -17.32 -40.78 15.67
N VAL D 120 -18.52 -40.33 15.30
CA VAL D 120 -19.75 -40.91 15.82
C VAL D 120 -20.45 -41.66 14.71
N SER D 121 -20.22 -42.96 14.64
CA SER D 121 -20.74 -43.77 13.55
C SER D 121 -21.15 -45.14 14.08
N SER D 122 -22.19 -45.70 13.48
CA SER D 122 -22.64 -47.04 13.86
C SER D 122 -21.70 -48.13 13.36
N ALA D 123 -20.90 -47.84 12.32
CA ALA D 123 -20.01 -48.83 11.72
C ALA D 123 -19.02 -49.32 12.77
N SER D 124 -18.17 -50.27 12.39
CA SER D 124 -17.09 -50.72 13.24
C SER D 124 -15.77 -50.55 12.50
N THR D 125 -14.68 -50.51 13.25
CA THR D 125 -13.43 -50.13 12.62
C THR D 125 -12.98 -51.23 11.64
N LYS D 126 -12.05 -50.85 10.77
CA LYS D 126 -11.48 -51.79 9.81
C LYS D 126 -10.11 -51.23 9.46
N GLY D 127 -9.07 -52.04 9.69
CA GLY D 127 -7.71 -51.69 9.34
C GLY D 127 -7.49 -51.61 7.84
N PRO D 128 -6.46 -50.85 7.45
CA PRO D 128 -6.30 -50.53 6.02
C PRO D 128 -5.35 -51.46 5.26
N SER D 129 -5.68 -51.73 4.01
CA SER D 129 -4.74 -52.38 3.10
C SER D 129 -3.73 -51.35 2.64
N VAL D 130 -2.46 -51.77 2.51
CA VAL D 130 -1.36 -50.87 2.15
C VAL D 130 -0.67 -51.44 0.93
N PHE D 131 -0.90 -50.86 -0.23
CA PHE D 131 -0.26 -51.33 -1.45
C PHE D 131 0.85 -50.38 -1.93
N PRO D 132 1.86 -50.89 -2.62
CA PRO D 132 2.93 -50.00 -3.11
C PRO D 132 2.62 -49.40 -4.46
N LEU D 133 2.96 -48.11 -4.60
CA LEU D 133 2.88 -47.39 -5.87
C LEU D 133 4.25 -47.41 -6.52
N ALA D 134 4.62 -48.58 -7.04
CA ALA D 134 6.00 -48.83 -7.43
C ALA D 134 6.46 -47.85 -8.51
N PRO D 135 7.69 -47.37 -8.44
CA PRO D 135 8.17 -46.38 -9.40
C PRO D 135 8.64 -47.08 -10.67
N SER D 136 8.24 -46.54 -11.83
CA SER D 136 8.70 -47.11 -13.08
C SER D 136 9.04 -46.01 -14.08
N SER D 137 8.80 -46.24 -15.36
CA SER D 137 8.57 -45.10 -16.23
C SER D 137 7.27 -44.46 -15.73
N LYS D 138 7.39 -43.24 -15.17
CA LYS D 138 6.41 -42.58 -14.27
C LYS D 138 6.62 -43.01 -12.81
N GLY D 143 13.99 -37.17 -15.05
CA GLY D 143 15.14 -37.08 -14.19
C GLY D 143 14.82 -37.31 -12.72
N THR D 144 13.54 -37.52 -12.43
CA THR D 144 13.14 -37.73 -11.05
C THR D 144 11.97 -38.70 -11.00
N ALA D 145 12.12 -39.75 -10.19
CA ALA D 145 11.11 -40.77 -10.05
C ALA D 145 10.10 -40.37 -8.97
N ALA D 146 8.88 -40.84 -9.14
CA ALA D 146 7.92 -40.75 -8.06
C ALA D 146 7.49 -42.15 -7.67
N LEU D 147 7.21 -42.34 -6.38
CA LEU D 147 6.84 -43.62 -5.80
C LEU D 147 5.97 -43.31 -4.58
N GLY D 148 5.34 -44.33 -4.01
CA GLY D 148 4.55 -44.09 -2.83
C GLY D 148 3.84 -45.34 -2.34
N CYS D 149 2.92 -45.12 -1.40
CA CYS D 149 2.05 -46.14 -0.81
C CYS D 149 0.59 -45.80 -1.07
N LEU D 150 -0.24 -46.84 -1.10
CA LEU D 150 -1.68 -46.66 -1.24
C LEU D 150 -2.36 -47.33 -0.06
N VAL D 151 -3.10 -46.55 0.71
CA VAL D 151 -3.68 -46.99 1.98
C VAL D 151 -5.19 -47.05 1.83
N LYS D 152 -5.72 -48.25 1.65
CA LYS D 152 -7.07 -48.43 1.12
C LYS D 152 -7.97 -49.17 2.09
N ASP D 153 -9.22 -48.67 2.19
CA ASP D 153 -10.35 -49.25 2.92
C ASP D 153 -10.14 -49.34 4.41
N TYR D 154 -10.38 -48.25 5.13
CA TYR D 154 -10.27 -48.30 6.57
C TYR D 154 -11.35 -47.44 7.20
N PHE D 155 -11.52 -47.62 8.50
CA PHE D 155 -12.46 -46.80 9.24
C PHE D 155 -12.10 -46.87 10.70
N PRO D 156 -12.12 -45.77 11.42
CA PRO D 156 -12.33 -44.40 10.99
C PRO D 156 -11.04 -43.67 10.64
N GLU D 157 -11.11 -42.40 10.31
CA GLU D 157 -9.89 -41.60 10.30
C GLU D 157 -9.41 -41.48 11.74
N PRO D 158 -8.14 -41.19 11.96
CA PRO D 158 -7.06 -40.92 11.03
C PRO D 158 -6.02 -42.02 10.90
N VAL D 159 -5.28 -41.99 9.80
CA VAL D 159 -4.08 -42.80 9.65
C VAL D 159 -2.88 -41.86 9.56
N THR D 160 -1.76 -42.34 10.08
CA THR D 160 -0.51 -41.58 10.07
C THR D 160 0.51 -42.34 9.22
N VAL D 161 1.05 -41.67 8.21
CA VAL D 161 2.07 -42.22 7.32
C VAL D 161 3.37 -41.45 7.54
N SER D 162 4.47 -42.17 7.68
CA SER D 162 5.78 -41.54 7.62
C SER D 162 6.64 -42.37 6.70
N TRP D 163 7.73 -41.80 6.20
CA TRP D 163 8.62 -42.53 5.31
C TRP D 163 9.99 -42.75 5.94
N ASN D 164 10.51 -43.97 5.80
CA ASN D 164 11.76 -44.40 6.39
C ASN D 164 11.84 -44.03 7.86
N SER D 165 10.78 -44.37 8.60
CA SER D 165 10.68 -44.06 10.02
C SER D 165 10.74 -42.56 10.29
N GLY D 166 10.53 -41.73 9.27
CA GLY D 166 10.54 -40.29 9.47
C GLY D 166 11.81 -39.60 9.02
N ALA D 167 12.80 -40.34 8.53
CA ALA D 167 13.91 -39.77 7.80
C ALA D 167 13.36 -38.96 6.64
N LEU D 168 13.21 -39.59 5.47
CA LEU D 168 12.56 -38.96 4.32
C LEU D 168 11.38 -38.07 4.69
N THR D 169 11.54 -36.76 4.45
CA THR D 169 10.47 -35.76 4.49
C THR D 169 10.41 -34.88 3.25
N SER D 170 11.51 -34.70 2.53
CA SER D 170 11.48 -33.79 1.39
C SER D 170 10.73 -34.42 0.23
N GLY D 171 9.65 -33.78 -0.20
CA GLY D 171 8.94 -34.21 -1.38
C GLY D 171 7.89 -35.25 -1.13
N VAL D 172 7.46 -35.41 0.10
CA VAL D 172 6.35 -36.28 0.45
C VAL D 172 5.05 -35.49 0.35
N HIS D 173 4.03 -36.10 -0.23
CA HIS D 173 2.69 -35.52 -0.26
C HIS D 173 1.76 -36.61 0.25
N THR D 174 1.23 -36.49 1.47
CA THR D 174 0.19 -37.38 1.94
C THR D 174 -1.17 -36.73 1.74
N PHE D 175 -1.92 -37.23 0.78
CA PHE D 175 -3.14 -36.58 0.38
C PHE D 175 -4.17 -36.75 1.49
N PRO D 176 -5.05 -35.78 1.65
CA PRO D 176 -6.18 -35.97 2.57
C PRO D 176 -6.97 -37.20 2.16
N ALA D 177 -7.53 -37.89 3.17
CA ALA D 177 -8.28 -39.10 2.90
C ALA D 177 -9.49 -38.79 2.03
N VAL D 178 -9.96 -39.79 1.31
CA VAL D 178 -11.13 -39.63 0.47
C VAL D 178 -12.07 -40.78 0.77
N LEU D 179 -13.36 -40.48 0.83
CA LEU D 179 -14.34 -41.48 1.26
C LEU D 179 -14.91 -42.19 0.04
N GLN D 180 -14.55 -43.46 -0.14
CA GLN D 180 -15.07 -44.22 -1.26
C GLN D 180 -16.56 -44.43 -1.09
N SER D 181 -17.22 -44.80 -2.19
CA SER D 181 -18.65 -45.08 -2.22
C SER D 181 -19.03 -46.23 -1.29
N SER D 182 -18.03 -46.78 -0.62
CA SER D 182 -18.15 -47.95 0.25
C SER D 182 -18.39 -47.57 1.69
N GLY D 183 -18.05 -46.35 2.08
CA GLY D 183 -17.93 -45.96 3.47
C GLY D 183 -16.51 -46.01 3.99
N LEU D 184 -15.63 -46.69 3.28
CA LEU D 184 -14.26 -46.85 3.71
C LEU D 184 -13.38 -45.76 3.12
N TYR D 185 -12.28 -45.47 3.81
CA TYR D 185 -11.38 -44.37 3.49
C TYR D 185 -10.22 -44.84 2.61
N SER D 186 -9.44 -43.87 2.11
CA SER D 186 -8.35 -44.18 1.18
C SER D 186 -7.41 -43.00 0.85
N LEU D 187 -6.30 -42.89 1.59
CA LEU D 187 -5.19 -41.99 1.28
C LEU D 187 -4.17 -42.68 0.36
N SER D 188 -3.38 -41.88 -0.32
CA SER D 188 -2.12 -42.29 -0.93
C SER D 188 -1.05 -41.35 -0.42
N SER D 189 0.15 -41.87 -0.22
CA SER D 189 1.28 -41.04 0.17
C SER D 189 2.37 -41.24 -0.87
N VAL D 190 2.63 -40.23 -1.64
CA VAL D 190 3.69 -40.25 -2.64
C VAL D 190 4.85 -39.46 -2.10
N VAL D 191 6.04 -39.92 -2.44
CA VAL D 191 7.26 -39.14 -2.31
C VAL D 191 7.86 -39.07 -3.71
N THR D 192 8.68 -38.07 -3.94
CA THR D 192 9.34 -37.92 -5.20
C THR D 192 10.84 -37.85 -4.92
N VAL D 193 11.61 -38.63 -5.67
CA VAL D 193 12.97 -38.96 -5.29
C VAL D 193 13.85 -38.96 -6.53
N PRO D 194 15.16 -38.82 -6.34
CA PRO D 194 16.07 -38.82 -7.47
C PRO D 194 16.17 -40.21 -8.09
N SER D 195 15.97 -40.25 -9.41
CA SER D 195 15.96 -41.49 -10.18
C SER D 195 17.18 -42.36 -9.90
N SER D 196 18.35 -41.73 -9.82
CA SER D 196 19.62 -42.44 -9.75
C SER D 196 19.67 -43.35 -8.54
N SER D 197 19.24 -42.83 -7.38
CA SER D 197 19.14 -43.61 -6.16
C SER D 197 17.77 -44.25 -6.11
N LEU D 198 17.63 -45.36 -6.86
CA LEU D 198 16.46 -46.25 -6.79
C LEU D 198 16.82 -47.71 -6.67
N GLY D 199 17.52 -48.26 -7.66
CA GLY D 199 18.03 -49.59 -7.43
C GLY D 199 18.97 -49.65 -6.25
N THR D 200 19.36 -48.49 -5.73
CA THR D 200 20.35 -48.34 -4.69
C THR D 200 19.74 -47.99 -3.34
N GLN D 201 18.64 -47.27 -3.34
CA GLN D 201 18.04 -46.76 -2.12
C GLN D 201 16.72 -47.43 -1.84
N THR D 202 16.52 -47.79 -0.57
CA THR D 202 15.35 -48.50 -0.10
C THR D 202 14.35 -47.51 0.48
N TYR D 203 13.16 -47.44 -0.12
CA TYR D 203 12.08 -46.58 0.34
C TYR D 203 11.01 -47.41 1.03
N ILE D 204 10.67 -47.03 2.26
CA ILE D 204 9.64 -47.72 3.04
C ILE D 204 8.72 -46.71 3.71
N CYS D 205 7.42 -46.88 3.54
CA CYS D 205 6.43 -46.07 4.23
C CYS D 205 5.89 -46.84 5.44
N ASN D 206 5.50 -46.08 6.46
CA ASN D 206 5.03 -46.62 7.73
C ASN D 206 3.65 -46.04 7.99
N VAL D 207 2.63 -46.87 7.81
CA VAL D 207 1.26 -46.50 8.08
C VAL D 207 0.87 -47.02 9.44
N ASN D 208 0.11 -46.23 10.17
CA ASN D 208 -0.23 -46.58 11.54
C ASN D 208 -1.60 -46.01 11.86
N HIS D 209 -2.57 -46.90 12.05
CA HIS D 209 -3.98 -46.60 12.23
C HIS D 209 -4.32 -46.99 13.66
N LYS D 210 -4.47 -46.01 14.53
CA LYS D 210 -4.59 -46.32 15.95
C LYS D 210 -5.87 -47.09 16.27
N CYS D 211 -7.00 -46.69 15.68
CA CYS D 211 -8.27 -47.29 16.08
C CYS D 211 -8.35 -48.77 15.76
N SER D 212 -7.52 -49.25 14.84
CA SER D 212 -7.49 -50.68 14.53
C SER D 212 -6.32 -51.39 15.17
N ASN D 213 -5.32 -50.65 15.63
CA ASN D 213 -4.11 -51.19 16.23
C ASN D 213 -3.17 -51.80 15.19
N THR D 214 -3.48 -51.73 13.89
CA THR D 214 -2.53 -52.18 12.89
C THR D 214 -1.46 -51.14 12.64
N LYS D 215 -0.22 -51.60 12.56
CA LYS D 215 0.88 -50.84 11.98
C LYS D 215 1.42 -51.68 10.83
N VAL D 216 1.64 -51.04 9.69
CA VAL D 216 2.08 -51.74 8.48
C VAL D 216 3.27 -51.00 7.91
N ASP D 217 4.29 -51.78 7.51
CA ASP D 217 5.51 -51.26 6.87
C ASP D 217 5.68 -51.98 5.54
N LYS D 218 5.65 -51.23 4.43
CA LYS D 218 5.78 -51.82 3.10
C LYS D 218 7.02 -51.25 2.42
N LYS D 219 7.88 -52.12 1.89
CA LYS D 219 9.02 -51.68 1.08
C LYS D 219 8.60 -51.69 -0.37
N VAL D 220 8.84 -50.59 -1.06
CA VAL D 220 8.46 -50.45 -2.46
C VAL D 220 9.73 -50.47 -3.32
N GLU D 221 9.77 -51.41 -4.27
CA GLU D 221 10.88 -51.61 -5.20
C GLU D 221 10.42 -51.37 -6.64
N PRO D 222 11.32 -50.94 -7.53
CA PRO D 222 11.00 -50.68 -8.93
C PRO D 222 10.40 -51.85 -9.71
N ILE E 3 13.13 8.49 -24.92
CA ILE E 3 13.49 9.44 -23.86
C ILE E 3 13.09 10.91 -24.15
N GLN E 4 11.77 11.16 -24.34
CA GLN E 4 11.17 12.49 -24.43
C GLN E 4 9.96 12.58 -23.50
N MET E 5 9.17 13.66 -23.58
CA MET E 5 7.94 13.81 -22.78
C MET E 5 6.82 14.43 -23.63
N THR E 6 5.65 14.64 -23.01
CA THR E 6 4.48 15.04 -23.79
C THR E 6 3.37 15.54 -22.87
N GLN E 7 3.07 16.84 -22.88
CA GLN E 7 2.06 17.40 -22.00
C GLN E 7 0.70 17.51 -22.68
N SER E 8 -0.37 17.47 -21.87
CA SER E 8 -1.71 17.49 -22.46
C SER E 8 -2.71 18.31 -21.67
N PRO E 9 -3.32 19.32 -22.31
CA PRO E 9 -3.09 19.75 -23.69
C PRO E 9 -2.22 21.02 -23.75
N SER E 10 -2.15 21.67 -24.91
CA SER E 10 -1.44 22.93 -25.02
C SER E 10 -2.11 24.00 -24.16
N SER E 11 -3.12 24.69 -24.71
CA SER E 11 -3.85 25.73 -23.99
C SER E 11 -5.03 25.11 -23.24
N LEU E 12 -5.64 25.91 -22.36
CA LEU E 12 -6.91 25.60 -21.68
C LEU E 12 -7.37 26.80 -20.88
N SER E 13 -8.68 27.07 -20.88
CA SER E 13 -9.27 28.21 -20.18
C SER E 13 -10.26 27.69 -19.13
N ALA E 14 -9.94 27.88 -17.85
CA ALA E 14 -10.80 27.47 -16.74
C ALA E 14 -11.33 28.71 -16.02
N SER E 15 -12.27 28.49 -15.10
CA SER E 15 -12.84 29.57 -14.32
C SER E 15 -12.22 29.62 -12.93
N VAL E 16 -12.21 30.81 -12.33
CA VAL E 16 -11.62 30.97 -11.01
C VAL E 16 -12.40 30.11 -10.03
N GLY E 17 -11.68 29.34 -9.22
CA GLY E 17 -12.31 28.42 -8.29
C GLY E 17 -12.61 27.06 -8.87
N ASP E 18 -11.86 26.62 -9.88
CA ASP E 18 -12.04 25.33 -10.54
C ASP E 18 -10.88 24.41 -10.21
N ARG E 19 -11.04 23.16 -10.60
CA ARG E 19 -10.00 22.14 -10.48
C ARG E 19 -9.43 21.92 -11.87
N VAL E 20 -8.13 22.18 -12.03
CA VAL E 20 -7.44 22.01 -13.30
C VAL E 20 -6.62 20.74 -13.23
N THR E 21 -6.50 20.05 -14.37
CA THR E 21 -5.80 18.75 -14.45
C THR E 21 -4.93 18.71 -15.70
N ILE E 22 -3.69 19.08 -15.53
CA ILE E 22 -2.70 18.91 -16.59
C ILE E 22 -2.24 17.47 -16.57
N THR E 23 -1.84 16.95 -17.73
CA THR E 23 -1.17 15.67 -17.77
C THR E 23 0.06 15.72 -18.66
N CYS E 24 0.91 14.70 -18.48
CA CYS E 24 2.28 14.64 -18.98
C CYS E 24 2.73 13.19 -18.97
N ARG E 25 3.24 12.68 -20.10
CA ARG E 25 3.65 11.29 -20.22
C ARG E 25 5.07 11.20 -20.76
N ALA E 26 5.83 10.24 -20.24
CA ALA E 26 7.24 10.08 -20.57
C ALA E 26 7.47 8.93 -21.53
N SER E 27 8.56 9.03 -22.30
CA SER E 27 8.89 7.97 -23.25
C SER E 27 9.32 6.68 -22.55
N GLN E 28 9.62 6.74 -21.26
CA GLN E 28 10.04 5.57 -20.50
C GLN E 28 9.66 5.77 -19.04
N GLY E 29 9.79 4.72 -18.24
CA GLY E 29 9.45 4.82 -16.83
C GLY E 29 10.49 5.64 -16.08
N ILE E 30 10.03 6.61 -15.31
CA ILE E 30 10.95 7.43 -14.54
C ILE E 30 10.53 7.52 -13.08
N ARG E 31 9.74 6.53 -12.61
CA ARG E 31 9.39 6.37 -11.19
C ARG E 31 8.84 7.72 -10.71
N ASN E 32 9.24 8.23 -9.55
CA ASN E 32 8.83 9.58 -9.14
C ASN E 32 9.96 10.60 -9.33
N TYR E 33 10.76 10.44 -10.37
CA TYR E 33 11.65 11.50 -10.80
C TYR E 33 10.93 12.47 -11.71
N LEU E 34 9.75 12.93 -11.32
CA LEU E 34 9.07 13.98 -12.05
C LEU E 34 9.05 15.26 -11.21
N ALA E 35 9.10 16.40 -11.90
CA ALA E 35 8.93 17.69 -11.26
C ALA E 35 7.94 18.52 -12.07
N TRP E 36 7.29 19.46 -11.37
CA TRP E 36 6.36 20.40 -11.98
C TRP E 36 6.83 21.83 -11.74
N TYR E 37 6.67 22.69 -12.74
CA TYR E 37 7.12 24.07 -12.70
C TYR E 37 6.06 25.03 -13.22
N GLN E 38 5.78 26.10 -12.46
CA GLN E 38 4.99 27.25 -12.90
C GLN E 38 5.90 28.41 -13.30
N GLN E 39 5.60 29.01 -14.45
CA GLN E 39 6.38 30.09 -15.02
C GLN E 39 5.42 31.20 -15.43
N LYS E 40 5.27 32.20 -14.57
CA LYS E 40 4.34 33.28 -14.89
C LYS E 40 4.91 34.18 -15.99
N CYS E 41 4.01 34.89 -16.65
CA CYS E 41 4.35 35.68 -17.84
C CYS E 41 5.51 36.62 -17.62
N GLY E 42 6.59 36.40 -18.37
CA GLY E 42 7.74 37.28 -18.30
C GLY E 42 8.41 37.17 -16.97
N LYS E 43 8.66 35.94 -16.56
CA LYS E 43 9.43 35.67 -15.36
C LYS E 43 9.96 34.25 -15.48
N ALA E 44 11.05 33.99 -14.77
CA ALA E 44 11.65 32.67 -14.77
C ALA E 44 10.71 31.69 -14.11
N PRO E 45 10.98 30.40 -14.21
CA PRO E 45 10.09 29.40 -13.61
C PRO E 45 10.28 29.19 -12.11
N LYS E 46 9.17 28.87 -11.45
CA LYS E 46 9.15 28.49 -10.03
C LYS E 46 8.85 27.00 -9.91
N LEU E 47 9.46 26.34 -8.92
CA LEU E 47 9.28 24.91 -8.77
C LEU E 47 8.07 24.63 -7.89
N LEU E 48 7.06 23.96 -8.45
CA LEU E 48 5.87 23.65 -7.67
C LEU E 48 6.06 22.34 -6.92
N ILE E 49 6.16 21.23 -7.66
CA ILE E 49 6.03 19.89 -7.11
C ILE E 49 7.23 19.06 -7.54
N TYR E 50 7.92 18.45 -6.57
CA TYR E 50 8.95 17.47 -6.87
C TYR E 50 8.52 16.07 -6.43
N ALA E 51 9.28 15.07 -6.89
CA ALA E 51 9.03 13.66 -6.54
C ALA E 51 7.61 13.20 -6.92
N ALA E 52 7.09 13.72 -8.03
CA ALA E 52 5.74 13.46 -8.53
C ALA E 52 4.65 14.02 -7.62
N SER E 53 4.79 13.88 -6.30
CA SER E 53 3.70 14.16 -5.38
C SER E 53 4.01 15.23 -4.33
N THR E 54 5.27 15.65 -4.18
CA THR E 54 5.69 16.44 -3.01
C THR E 54 5.69 17.96 -3.23
N LEU E 55 4.95 18.65 -2.37
CA LEU E 55 4.75 20.08 -2.46
C LEU E 55 5.99 20.83 -2.00
N GLN E 56 6.49 21.74 -2.85
CA GLN E 56 7.59 22.62 -2.47
C GLN E 56 7.15 23.56 -1.37
N SER E 57 8.07 23.88 -0.47
CA SER E 57 7.71 24.79 0.62
C SER E 57 7.31 26.14 0.06
N GLY E 58 6.42 26.82 0.76
CA GLY E 58 5.96 28.13 0.34
C GLY E 58 5.12 28.05 -0.92
N VAL E 59 4.82 26.83 -1.36
CA VAL E 59 3.91 26.62 -2.48
C VAL E 59 2.52 26.43 -1.90
N PRO E 60 1.54 27.22 -2.34
CA PRO E 60 0.20 27.13 -1.76
C PRO E 60 -0.35 25.71 -1.92
N SER E 61 -1.08 25.26 -0.91
CA SER E 61 -1.41 23.85 -0.81
C SER E 61 -2.43 23.37 -1.85
N ARG E 62 -2.99 24.27 -2.66
CA ARG E 62 -3.96 23.88 -3.68
C ARG E 62 -3.30 23.29 -4.93
N PHE E 63 -1.98 23.21 -4.94
CA PHE E 63 -1.26 22.51 -5.99
C PHE E 63 -0.91 21.13 -5.48
N SER E 64 -1.07 20.13 -6.34
CA SER E 64 -0.78 18.76 -5.97
C SER E 64 -0.54 17.96 -7.23
N GLY E 65 0.17 16.85 -7.06
CA GLY E 65 0.53 16.01 -8.18
C GLY E 65 0.48 14.54 -7.81
N SER E 66 0.45 13.72 -8.84
CA SER E 66 0.31 12.27 -8.69
C SER E 66 1.01 11.59 -9.85
N GLY E 67 1.00 10.26 -9.80
CA GLY E 67 1.59 9.46 -10.84
C GLY E 67 2.93 8.89 -10.47
N SER E 68 3.13 7.61 -10.72
CA SER E 68 4.44 7.00 -10.59
C SER E 68 4.77 6.36 -11.92
N GLY E 69 5.97 6.62 -12.43
CA GLY E 69 6.44 5.79 -13.52
C GLY E 69 6.43 6.43 -14.88
N THR E 70 5.30 6.40 -15.56
CA THR E 70 5.22 6.88 -16.93
C THR E 70 4.14 7.90 -17.17
N ASP E 71 3.15 8.02 -16.29
CA ASP E 71 2.09 8.98 -16.44
C ASP E 71 1.86 9.69 -15.14
N PHE E 72 1.78 11.03 -15.21
CA PHE E 72 1.61 11.93 -14.08
C PHE E 72 0.57 12.97 -14.43
N THR E 73 -0.07 13.52 -13.40
CA THR E 73 -0.94 14.66 -13.59
C THR E 73 -0.49 15.80 -12.68
N LEU E 74 -1.03 16.99 -12.95
CA LEU E 74 -0.98 18.12 -12.05
C LEU E 74 -2.40 18.58 -11.84
N THR E 75 -2.72 18.98 -10.61
CA THR E 75 -4.05 19.53 -10.34
C THR E 75 -3.97 20.75 -9.45
N ILE E 76 -4.61 21.82 -9.91
CA ILE E 76 -4.89 23.01 -9.11
C ILE E 76 -6.31 22.85 -8.60
N SER E 77 -6.46 22.68 -7.31
CA SER E 77 -7.76 22.40 -6.72
C SER E 77 -8.59 23.65 -6.48
N SER E 78 -8.14 24.82 -6.95
CA SER E 78 -8.96 26.03 -6.95
C SER E 78 -8.31 27.12 -7.79
N LEU E 79 -8.69 27.22 -9.06
CA LEU E 79 -7.99 28.15 -9.93
C LEU E 79 -8.21 29.59 -9.45
N GLN E 80 -7.19 30.42 -9.67
CA GLN E 80 -7.12 31.77 -9.14
C GLN E 80 -6.77 32.75 -10.24
N PRO E 81 -7.06 34.05 -10.05
CA PRO E 81 -6.73 35.02 -11.09
C PRO E 81 -5.24 35.35 -11.15
N GLU E 82 -4.41 34.53 -10.51
CA GLU E 82 -2.96 34.68 -10.51
C GLU E 82 -2.23 33.42 -10.98
N ASP E 83 -2.92 32.30 -11.08
CA ASP E 83 -2.33 31.06 -11.57
C ASP E 83 -2.28 31.02 -13.08
N VAL E 84 -2.62 32.12 -13.74
CA VAL E 84 -2.37 32.25 -15.17
C VAL E 84 -0.86 32.19 -15.39
N ALA E 85 -0.42 31.17 -16.11
CA ALA E 85 0.99 30.81 -16.22
C ALA E 85 1.10 29.75 -17.30
N THR E 86 2.32 29.22 -17.47
CA THR E 86 2.57 28.01 -18.24
C THR E 86 3.17 26.98 -17.30
N TYR E 87 2.72 25.73 -17.44
CA TYR E 87 3.03 24.67 -16.50
C TYR E 87 3.81 23.59 -17.23
N TYR E 88 5.02 23.30 -16.73
CA TYR E 88 5.95 22.36 -17.37
C TYR E 88 6.24 21.17 -16.47
N CYS E 89 6.24 19.97 -17.04
CA CYS E 89 6.79 18.81 -16.36
C CYS E 89 8.16 18.49 -16.92
N GLN E 90 8.91 17.71 -16.13
CA GLN E 90 10.32 17.47 -16.44
C GLN E 90 10.80 16.22 -15.73
N ARG E 91 11.30 15.26 -16.50
CA ARG E 91 12.08 14.20 -15.91
C ARG E 91 13.41 14.74 -15.37
N TYR E 92 13.87 14.15 -14.29
CA TYR E 92 15.20 14.47 -13.79
C TYR E 92 15.94 13.25 -13.24
N ASN E 93 15.43 12.03 -13.49
CA ASN E 93 16.18 10.82 -13.16
C ASN E 93 17.54 10.81 -13.84
N ARG E 94 17.63 11.34 -15.05
CA ARG E 94 18.70 10.90 -15.92
C ARG E 94 18.74 11.85 -17.10
N ALA E 95 19.94 12.27 -17.47
CA ALA E 95 20.08 13.10 -18.66
C ALA E 95 19.44 12.39 -19.84
N PRO E 96 18.69 13.09 -20.66
CA PRO E 96 18.45 14.52 -20.66
C PRO E 96 17.43 14.91 -19.63
N TYR E 97 17.70 15.98 -18.89
CA TYR E 97 16.75 16.50 -17.91
C TYR E 97 15.68 17.29 -18.66
N THR E 98 14.90 16.56 -19.45
CA THR E 98 14.12 17.10 -20.55
C THR E 98 12.72 17.50 -20.10
N PHE E 99 12.30 18.71 -20.47
CA PHE E 99 11.06 19.34 -20.05
C PHE E 99 9.90 18.97 -20.97
N GLY E 100 8.73 19.52 -20.71
CA GLY E 100 7.55 19.17 -21.45
C GLY E 100 7.14 20.22 -22.47
N GLN E 101 6.15 19.84 -23.29
CA GLN E 101 5.56 20.75 -24.27
C GLN E 101 5.24 22.11 -23.66
N GLY E 102 4.80 22.13 -22.40
CA GLY E 102 4.26 23.32 -21.77
C GLY E 102 2.74 23.33 -21.88
N THR E 103 2.06 23.78 -20.85
CA THR E 103 0.60 23.92 -20.91
C THR E 103 0.25 25.34 -20.48
N LYS E 104 -0.47 26.06 -21.34
CA LYS E 104 -0.96 27.39 -21.04
C LYS E 104 -2.33 27.28 -20.36
N VAL E 105 -2.50 27.96 -19.23
CA VAL E 105 -3.77 27.99 -18.53
C VAL E 105 -4.26 29.44 -18.44
N GLU E 106 -5.38 29.72 -19.11
CA GLU E 106 -6.01 31.03 -19.06
C GLU E 106 -7.16 31.02 -18.07
N ILE E 107 -7.35 32.14 -17.37
CA ILE E 107 -8.42 32.29 -16.38
C ILE E 107 -9.63 32.85 -17.12
N LYS E 108 -10.51 31.97 -17.61
CA LYS E 108 -11.70 32.42 -18.33
C LYS E 108 -12.63 33.19 -17.40
N ARG E 109 -12.60 34.51 -17.51
CA ARG E 109 -13.40 35.42 -16.71
C ARG E 109 -14.56 35.94 -17.56
N THR E 110 -15.32 36.83 -16.96
CA THR E 110 -16.49 37.40 -17.62
C THR E 110 -16.08 38.16 -18.89
N VAL E 111 -16.98 38.19 -19.88
CA VAL E 111 -16.73 38.99 -21.06
C VAL E 111 -16.54 40.43 -20.64
N ALA E 112 -15.74 41.17 -21.40
CA ALA E 112 -15.41 42.56 -21.05
C ALA E 112 -14.95 43.30 -22.31
N ALA E 113 -15.70 44.32 -22.70
CA ALA E 113 -15.34 45.13 -23.85
C ALA E 113 -14.19 46.08 -23.49
N PRO E 114 -13.46 46.55 -24.50
CA PRO E 114 -12.28 47.38 -24.22
C PRO E 114 -12.53 48.85 -24.37
N SER E 115 -11.71 49.70 -23.74
CA SER E 115 -11.65 51.07 -24.20
C SER E 115 -10.77 51.15 -25.43
N VAL E 116 -11.08 52.11 -26.30
CA VAL E 116 -10.36 52.26 -27.56
C VAL E 116 -9.84 53.68 -27.63
N PHE E 117 -8.51 53.83 -27.65
CA PHE E 117 -7.88 55.13 -27.83
C PHE E 117 -7.11 55.13 -29.15
N ILE E 118 -7.02 56.28 -29.79
CA ILE E 118 -6.27 56.40 -31.02
C ILE E 118 -5.29 57.55 -30.86
N PHE E 119 -4.04 57.32 -31.22
CA PHE E 119 -2.99 58.30 -30.97
C PHE E 119 -2.46 58.80 -32.29
N PRO E 120 -2.74 60.04 -32.66
CA PRO E 120 -2.13 60.60 -33.87
C PRO E 120 -0.62 60.67 -33.71
N PRO E 121 0.10 60.68 -34.83
CA PRO E 121 1.56 60.62 -34.75
C PRO E 121 2.13 61.89 -34.14
N SER E 122 3.34 61.77 -33.60
CA SER E 122 4.04 62.92 -33.03
C SER E 122 4.75 63.71 -34.12
N ASP E 123 4.81 65.04 -33.93
CA ASP E 123 5.66 65.85 -34.79
C ASP E 123 7.11 65.43 -34.64
N GLU E 124 7.53 65.03 -33.44
CA GLU E 124 8.87 64.51 -33.25
C GLU E 124 9.16 63.35 -34.18
N GLN E 125 8.13 62.55 -34.49
CA GLN E 125 8.29 61.44 -35.42
C GLN E 125 8.25 61.91 -36.87
N LEU E 126 7.20 62.67 -37.23
CA LEU E 126 7.06 63.15 -38.60
C LEU E 126 8.28 63.96 -39.04
N LYS E 127 9.02 64.56 -38.10
CA LYS E 127 10.26 65.26 -38.42
C LYS E 127 11.33 64.30 -38.94
N SER E 128 11.34 63.06 -38.43
CA SER E 128 12.20 62.00 -38.94
C SER E 128 11.85 61.67 -40.38
N GLY E 129 10.71 61.02 -40.60
CA GLY E 129 10.25 60.66 -41.93
C GLY E 129 9.07 59.73 -41.87
N THR E 130 9.01 58.93 -40.82
CA THR E 130 7.95 57.94 -40.64
C THR E 130 6.75 58.55 -39.94
N ALA E 131 5.56 58.14 -40.35
CA ALA E 131 4.33 58.42 -39.63
C ALA E 131 3.74 57.11 -39.15
N SER E 132 3.34 57.06 -37.87
CA SER E 132 2.73 55.85 -37.31
C SER E 132 1.61 56.22 -36.34
N VAL E 133 0.40 55.76 -36.65
CA VAL E 133 -0.77 55.99 -35.81
C VAL E 133 -0.94 54.77 -34.91
N VAL E 134 -1.17 55.01 -33.62
CA VAL E 134 -1.31 53.96 -32.63
C VAL E 134 -2.78 53.90 -32.19
N CYS E 135 -3.43 52.76 -32.42
CA CYS E 135 -4.75 52.46 -31.87
C CYS E 135 -4.60 51.41 -30.78
N LEU E 136 -5.41 51.54 -29.72
CA LEU E 136 -5.16 50.80 -28.49
C LEU E 136 -6.46 50.25 -27.90
N LEU E 137 -6.35 49.13 -27.20
CA LEU E 137 -7.48 48.50 -26.53
C LEU E 137 -7.08 48.20 -25.10
N ASN E 138 -7.76 48.85 -24.15
CA ASN E 138 -7.20 49.08 -22.82
C ASN E 138 -7.28 47.86 -21.93
N ASN E 139 -8.46 47.26 -21.83
CA ASN E 139 -8.67 46.07 -20.99
C ASN E 139 -9.84 45.30 -21.58
N PHE E 140 -9.66 44.03 -21.91
CA PHE E 140 -10.76 43.33 -22.54
C PHE E 140 -10.59 41.82 -22.40
N TYR E 141 -11.71 41.10 -22.51
CA TYR E 141 -11.70 39.64 -22.54
C TYR E 141 -12.83 39.14 -23.42
N PRO E 142 -12.58 38.12 -24.27
CA PRO E 142 -11.33 37.38 -24.47
C PRO E 142 -10.37 38.04 -25.46
N ARG E 143 -9.27 37.32 -25.78
CA ARG E 143 -8.23 37.83 -26.65
C ARG E 143 -8.76 38.22 -28.02
N GLU E 144 -9.70 37.44 -28.55
CA GLU E 144 -10.22 37.67 -29.90
C GLU E 144 -10.64 39.12 -30.08
N ALA E 145 -10.33 39.64 -31.26
CA ALA E 145 -10.74 40.97 -31.69
C ALA E 145 -10.47 41.07 -33.19
N LYS E 146 -11.01 42.11 -33.80
CA LYS E 146 -10.72 42.40 -35.20
C LYS E 146 -10.51 43.90 -35.30
N VAL E 147 -9.30 44.31 -35.64
CA VAL E 147 -8.98 45.72 -35.81
C VAL E 147 -8.70 45.93 -37.29
N GLN E 148 -9.66 46.52 -37.99
CA GLN E 148 -9.46 46.99 -39.36
C GLN E 148 -9.11 48.47 -39.32
N TRP E 149 -8.20 48.90 -40.20
CA TRP E 149 -7.78 50.31 -40.29
C TRP E 149 -8.28 50.92 -41.60
N LYS E 150 -8.71 52.19 -41.53
CA LYS E 150 -9.29 52.90 -42.68
C LYS E 150 -8.74 54.32 -42.71
N VAL E 151 -8.06 54.69 -43.80
CA VAL E 151 -7.53 56.04 -43.99
C VAL E 151 -8.39 56.74 -45.06
N ASP E 152 -8.99 57.87 -44.70
CA ASP E 152 -10.02 58.53 -45.53
C ASP E 152 -11.07 57.54 -46.03
N ASN E 153 -11.33 56.50 -45.22
CA ASN E 153 -12.11 55.33 -45.63
C ASN E 153 -11.45 54.59 -46.80
N ALA E 154 -10.26 54.06 -46.50
CA ALA E 154 -9.57 53.13 -47.41
C ALA E 154 -9.02 52.01 -46.53
N LEU E 155 -9.76 50.90 -46.47
CA LEU E 155 -9.44 49.83 -45.55
C LEU E 155 -8.04 49.29 -45.85
N GLN E 156 -7.32 48.87 -44.80
CA GLN E 156 -5.89 48.65 -44.89
C GLN E 156 -5.49 47.24 -44.47
N SER E 157 -4.51 46.67 -45.17
CA SER E 157 -3.76 45.49 -44.76
C SER E 157 -2.30 45.66 -45.15
N GLY E 158 -1.43 44.88 -44.51
CA GLY E 158 0.00 45.06 -44.69
C GLY E 158 0.53 46.43 -44.31
N ASN E 159 -0.26 47.19 -43.55
CA ASN E 159 0.06 48.55 -43.11
C ASN E 159 0.30 48.65 -41.61
N SER E 160 -0.28 47.75 -40.83
CA SER E 160 -0.27 47.84 -39.38
C SER E 160 0.15 46.52 -38.79
N GLN E 161 0.43 46.54 -37.50
CA GLN E 161 0.92 45.38 -36.77
C GLN E 161 0.41 45.46 -35.35
N GLU E 162 0.17 44.30 -34.76
CA GLU E 162 -0.51 44.24 -33.47
C GLU E 162 0.36 43.54 -32.43
N SER E 163 -0.03 43.71 -31.16
CA SER E 163 0.69 43.10 -30.05
C SER E 163 -0.22 43.09 -28.84
N VAL E 164 -0.25 41.96 -28.12
CA VAL E 164 -1.20 41.74 -27.03
C VAL E 164 -0.43 41.53 -25.74
N THR E 165 -0.87 42.17 -24.65
CA THR E 165 -0.30 41.89 -23.34
C THR E 165 -0.67 40.47 -22.89
N CYS E 166 0.00 39.96 -21.87
CA CYS E 166 -0.48 38.68 -21.40
C CYS E 166 -1.77 38.88 -20.65
N GLN E 167 -2.46 37.78 -20.40
CA GLN E 167 -3.59 37.88 -19.50
C GLN E 167 -3.12 38.43 -18.17
N ASP E 168 -3.74 39.53 -17.75
CA ASP E 168 -3.47 40.09 -16.44
C ASP E 168 -3.61 39.05 -15.35
N SER E 169 -2.67 39.02 -14.42
CA SER E 169 -2.86 38.12 -13.26
C SER E 169 -3.40 38.91 -12.07
N LYS E 170 -4.54 39.55 -12.30
CA LYS E 170 -5.24 40.24 -11.24
C LYS E 170 -6.70 40.41 -11.64
N ASP E 171 -6.95 41.10 -12.74
CA ASP E 171 -8.31 41.24 -13.27
C ASP E 171 -8.53 40.41 -14.53
N SER E 172 -7.53 39.65 -14.98
CA SER E 172 -7.68 38.60 -15.99
C SER E 172 -8.12 39.13 -17.36
N THR E 173 -7.67 40.32 -17.73
CA THR E 173 -7.97 40.89 -19.04
C THR E 173 -6.70 40.99 -19.88
N TYR E 174 -6.92 41.04 -21.20
CA TYR E 174 -5.85 41.29 -22.15
C TYR E 174 -5.81 42.78 -22.44
N SER E 175 -5.03 43.17 -23.45
CA SER E 175 -4.87 44.56 -23.83
C SER E 175 -4.16 44.60 -25.18
N LEU E 176 -4.79 45.14 -26.20
CA LEU E 176 -4.22 45.06 -27.54
C LEU E 176 -3.92 46.46 -28.07
N SER E 177 -2.91 46.51 -28.94
CA SER E 177 -2.55 47.74 -29.65
C SER E 177 -2.25 47.39 -31.09
N SER E 178 -3.00 47.97 -32.02
CA SER E 178 -2.66 47.91 -33.43
C SER E 178 -1.93 49.20 -33.79
N THR E 179 -1.05 49.12 -34.78
CA THR E 179 -0.14 50.22 -35.07
C THR E 179 -0.02 50.39 -36.58
N LEU E 180 -0.73 51.38 -37.11
CA LEU E 180 -0.61 51.76 -38.51
C LEU E 180 0.63 52.62 -38.72
N THR E 181 1.46 52.23 -39.69
CA THR E 181 2.64 53.03 -40.05
C THR E 181 2.63 53.29 -41.55
N LEU E 182 3.17 54.44 -41.93
CA LEU E 182 3.31 54.80 -43.34
C LEU E 182 4.13 56.08 -43.48
N SER E 183 4.39 56.51 -44.71
CA SER E 183 5.31 57.61 -44.96
C SER E 183 4.75 58.93 -44.43
N LYS E 184 5.63 59.93 -44.34
CA LYS E 184 5.16 61.29 -44.09
C LYS E 184 4.35 61.79 -45.28
N ALA E 185 4.81 61.50 -46.50
CA ALA E 185 4.09 61.92 -47.70
C ALA E 185 2.70 61.30 -47.76
N ASP E 186 2.61 60.00 -47.52
CA ASP E 186 1.30 59.35 -47.53
C ASP E 186 0.41 59.88 -46.42
N TYR E 187 0.99 60.31 -45.30
CA TYR E 187 0.20 60.78 -44.18
C TYR E 187 -0.30 62.20 -44.40
N GLU E 188 0.58 63.08 -44.90
CA GLU E 188 0.15 64.44 -45.19
C GLU E 188 -1.02 64.44 -46.17
N LYS E 189 -1.01 63.50 -47.12
CA LYS E 189 -2.01 63.44 -48.18
C LYS E 189 -3.26 62.68 -47.77
N HIS E 190 -3.60 62.71 -46.48
CA HIS E 190 -4.86 62.20 -45.98
C HIS E 190 -5.21 62.98 -44.72
N LYS E 191 -6.48 62.89 -44.30
CA LYS E 191 -6.97 63.66 -43.16
C LYS E 191 -7.63 62.82 -42.09
N VAL E 192 -8.60 61.99 -42.47
CA VAL E 192 -9.39 61.21 -41.52
C VAL E 192 -8.88 59.78 -41.47
N TYR E 193 -8.37 59.39 -40.30
CA TYR E 193 -7.79 58.09 -40.02
C TYR E 193 -8.67 57.44 -38.96
N ALA E 194 -8.79 56.11 -39.00
CA ALA E 194 -9.68 55.44 -38.05
C ALA E 194 -9.31 53.96 -37.90
N CYS E 195 -9.51 53.45 -36.69
CA CYS E 195 -9.44 52.02 -36.42
C CYS E 195 -10.81 51.53 -35.98
N GLU E 196 -11.25 50.41 -36.55
CA GLU E 196 -12.54 49.83 -36.24
C GLU E 196 -12.32 48.49 -35.55
N VAL E 197 -12.84 48.37 -34.34
CA VAL E 197 -12.70 47.15 -33.54
C VAL E 197 -13.99 46.36 -33.62
N THR E 198 -13.89 45.08 -33.92
CA THR E 198 -15.05 44.18 -33.92
C THR E 198 -14.77 43.12 -32.86
N HIS E 199 -15.20 43.38 -31.63
CA HIS E 199 -15.04 42.50 -30.48
C HIS E 199 -16.39 41.88 -30.12
N GLN E 200 -16.32 40.73 -29.44
CA GLN E 200 -17.53 39.99 -29.08
C GLN E 200 -18.34 40.68 -28.00
N GLY E 201 -17.68 41.20 -26.97
CA GLY E 201 -18.37 41.90 -25.92
C GLY E 201 -18.79 43.30 -26.30
N LEU E 202 -18.90 43.60 -27.59
CA LEU E 202 -19.34 44.90 -28.08
C LEU E 202 -20.52 44.70 -29.02
N SER E 203 -21.65 45.39 -28.72
CA SER E 203 -22.92 45.11 -29.39
C SER E 203 -22.85 45.29 -30.90
N SER E 204 -21.92 46.10 -31.37
CA SER E 204 -21.62 46.21 -32.80
C SER E 204 -20.25 46.85 -32.93
N PRO E 205 -19.61 46.72 -34.09
CA PRO E 205 -18.29 47.35 -34.26
C PRO E 205 -18.31 48.83 -33.90
N VAL E 206 -17.16 49.33 -33.44
CA VAL E 206 -16.95 50.71 -33.05
C VAL E 206 -15.84 51.30 -33.94
N THR E 207 -15.77 52.64 -33.98
CA THR E 207 -14.73 53.35 -34.72
C THR E 207 -14.23 54.54 -33.91
N LYS E 208 -12.90 54.71 -33.87
CA LYS E 208 -12.27 55.89 -33.30
C LYS E 208 -11.52 56.64 -34.39
N SER E 209 -11.71 57.95 -34.48
CA SER E 209 -11.26 58.69 -35.64
C SER E 209 -10.80 60.11 -35.27
N PHE E 210 -9.64 60.49 -35.78
CA PHE E 210 -9.16 61.86 -35.76
C PHE E 210 -9.02 62.38 -37.18
N ASN E 211 -9.02 63.70 -37.31
CA ASN E 211 -9.20 64.38 -38.59
C ASN E 211 -8.14 65.45 -38.77
N ARG E 212 -6.87 65.05 -38.76
CA ARG E 212 -5.79 66.03 -38.80
C ARG E 212 -4.78 65.54 -39.85
N GLY E 213 -3.52 65.94 -39.72
CA GLY E 213 -2.46 65.46 -40.60
C GLY E 213 -2.10 66.31 -41.82
N GLU F 2 19.61 33.09 1.77
CA GLU F 2 19.03 34.04 0.83
C GLU F 2 19.60 33.83 -0.58
N VAL F 3 18.99 32.94 -1.34
CA VAL F 3 19.63 32.36 -2.52
C VAL F 3 19.29 33.17 -3.76
N GLN F 4 20.32 33.57 -4.51
CA GLN F 4 20.13 34.26 -5.77
C GLN F 4 21.17 33.77 -6.78
N LEU F 5 20.80 33.81 -8.06
CA LEU F 5 21.63 33.42 -9.19
C LEU F 5 21.50 34.52 -10.24
N VAL F 6 22.62 35.05 -10.70
CA VAL F 6 22.57 36.23 -11.55
C VAL F 6 23.29 35.88 -12.84
N GLU F 7 22.56 35.83 -13.95
CA GLU F 7 23.17 35.48 -15.23
C GLU F 7 23.57 36.73 -15.96
N SER F 8 24.66 36.63 -16.72
CA SER F 8 25.26 37.78 -17.40
C SER F 8 25.95 37.33 -18.66
N GLY F 9 26.01 38.21 -19.65
CA GLY F 9 26.86 37.93 -20.79
C GLY F 9 26.16 38.16 -22.10
N GLY F 10 24.84 38.00 -22.10
CA GLY F 10 24.09 38.12 -23.34
C GLY F 10 24.20 39.50 -23.97
N CYS F 11 24.05 39.51 -25.29
CA CYS F 11 23.88 40.70 -26.12
C CYS F 11 23.70 40.21 -27.54
N LEU F 12 24.04 41.06 -28.50
CA LEU F 12 24.25 40.55 -29.84
C LEU F 12 25.43 39.59 -29.85
N VAL F 13 25.32 38.56 -30.68
CA VAL F 13 26.46 37.73 -31.05
C VAL F 13 26.31 37.33 -32.50
N GLN F 14 27.37 37.49 -33.27
CA GLN F 14 27.19 37.12 -34.66
C GLN F 14 27.23 35.62 -34.82
N PRO F 15 26.52 35.10 -35.80
CA PRO F 15 26.60 33.67 -36.09
C PRO F 15 28.04 33.24 -36.35
N GLY F 16 28.38 32.06 -35.87
CA GLY F 16 29.77 31.61 -35.85
C GLY F 16 30.48 32.01 -34.58
N ARG F 17 30.43 33.29 -34.24
CA ARG F 17 31.15 33.84 -33.09
C ARG F 17 30.54 33.32 -31.80
N SER F 18 31.22 33.59 -30.67
CA SER F 18 30.98 32.87 -29.42
C SER F 18 30.70 33.79 -28.23
N LEU F 19 30.04 33.22 -27.19
CA LEU F 19 29.82 33.85 -25.89
C LEU F 19 30.16 32.91 -24.74
N ARG F 20 30.62 33.50 -23.64
CA ARG F 20 30.68 32.82 -22.34
C ARG F 20 29.66 33.48 -21.43
N LEU F 21 28.63 32.73 -21.04
CA LEU F 21 27.66 33.23 -20.09
C LEU F 21 28.15 32.95 -18.67
N SER F 22 27.77 33.80 -17.75
CA SER F 22 28.26 33.76 -16.38
C SER F 22 27.09 33.78 -15.44
N CYS F 23 27.20 33.05 -14.34
CA CYS F 23 26.13 32.97 -13.35
C CYS F 23 26.78 32.95 -11.98
N ALA F 24 26.62 34.05 -11.24
CA ALA F 24 27.27 34.22 -9.96
C ALA F 24 26.29 33.85 -8.85
N ALA F 25 26.66 32.86 -8.04
CA ALA F 25 25.79 32.31 -7.02
C ALA F 25 26.15 32.82 -5.63
N SER F 26 25.11 33.07 -4.85
CA SER F 26 25.23 33.61 -3.51
C SER F 26 24.04 33.11 -2.73
N GLY F 27 24.17 33.09 -1.42
CA GLY F 27 23.09 32.67 -0.54
C GLY F 27 23.04 31.20 -0.21
N PHE F 28 23.72 30.36 -0.97
CA PHE F 28 23.86 28.95 -0.65
C PHE F 28 25.30 28.52 -0.88
N THR F 29 25.78 27.66 0.01
CA THR F 29 27.03 26.94 -0.19
C THR F 29 27.12 26.31 -1.58
N PHE F 30 27.62 27.07 -2.56
CA PHE F 30 27.57 26.70 -3.97
C PHE F 30 28.50 25.52 -4.32
N ASP F 31 29.47 25.22 -3.48
CA ASP F 31 30.41 24.16 -3.80
C ASP F 31 29.80 22.78 -3.56
N ASP F 32 28.47 22.67 -3.64
CA ASP F 32 27.78 21.46 -3.18
C ASP F 32 26.71 20.92 -4.11
N TYR F 33 26.31 21.64 -5.14
CA TYR F 33 25.14 21.26 -5.93
C TYR F 33 25.48 21.22 -7.41
N ALA F 34 24.78 20.37 -8.15
CA ALA F 34 24.80 20.48 -9.60
C ALA F 34 24.16 21.79 -10.02
N MET F 35 24.41 22.17 -11.27
CA MET F 35 23.74 23.32 -11.85
C MET F 35 23.24 22.95 -13.22
N HIS F 36 22.28 23.69 -13.72
CA HIS F 36 21.76 23.41 -15.03
C HIS F 36 21.80 24.70 -15.84
N TRP F 37 21.89 24.56 -17.16
CA TRP F 37 21.60 25.65 -18.08
C TRP F 37 20.33 25.24 -18.80
N VAL F 38 19.33 26.11 -18.74
CA VAL F 38 18.07 25.89 -19.44
C VAL F 38 17.80 27.14 -20.24
N ARG F 39 17.30 26.95 -21.46
CA ARG F 39 17.06 28.06 -22.37
C ARG F 39 15.64 28.03 -22.88
N GLN F 40 15.21 29.14 -23.48
CA GLN F 40 13.82 29.27 -23.89
C GLN F 40 13.76 30.22 -25.07
N ALA F 41 13.37 29.69 -26.22
CA ALA F 41 13.35 30.38 -27.50
C ALA F 41 12.38 31.54 -27.45
N PRO F 42 12.40 32.46 -28.40
CA PRO F 42 11.37 33.50 -28.42
C PRO F 42 9.97 32.90 -28.55
N GLY F 43 9.28 32.82 -27.42
CA GLY F 43 7.92 32.31 -27.41
C GLY F 43 7.79 30.81 -27.63
N LYS F 44 8.73 30.04 -27.13
CA LYS F 44 8.67 28.59 -27.23
C LYS F 44 8.86 28.04 -25.83
N GLY F 45 8.77 26.71 -25.71
CA GLY F 45 8.79 26.09 -24.40
C GLY F 45 10.17 26.03 -23.83
N LEU F 46 10.27 25.73 -22.55
CA LEU F 46 11.60 25.59 -21.98
C LEU F 46 12.34 24.46 -22.70
N GLU F 47 13.65 24.62 -22.89
CA GLU F 47 14.48 23.55 -23.47
C GLU F 47 15.72 23.38 -22.62
N TRP F 48 15.94 22.16 -22.13
CA TRP F 48 17.13 21.88 -21.33
C TRP F 48 18.37 22.02 -22.18
N VAL F 49 19.46 22.44 -21.54
CA VAL F 49 20.70 22.69 -22.28
C VAL F 49 21.85 21.84 -21.75
N SER F 50 22.25 22.06 -20.50
CA SER F 50 23.41 21.34 -19.98
C SER F 50 23.39 21.29 -18.46
N ALA F 51 24.09 20.32 -17.92
CA ALA F 51 24.19 20.15 -16.49
C ALA F 51 25.56 19.62 -16.13
N ILE F 52 26.01 20.01 -14.95
CA ILE F 52 27.37 19.74 -14.48
C ILE F 52 27.28 19.42 -12.99
N THR F 53 27.96 18.35 -12.57
CA THR F 53 27.95 18.01 -11.16
C THR F 53 28.79 19.02 -10.37
N TRP F 54 28.85 18.81 -9.05
CA TRP F 54 29.36 19.82 -8.13
C TRP F 54 30.86 20.01 -8.24
N ASN F 55 31.59 18.94 -8.52
CA ASN F 55 33.03 18.99 -8.75
C ASN F 55 33.37 18.78 -10.21
N SER F 56 32.45 19.18 -11.10
CA SER F 56 32.61 19.08 -12.54
C SER F 56 32.89 17.65 -13.01
N GLY F 57 32.78 16.67 -12.11
CA GLY F 57 33.11 15.29 -12.40
C GLY F 57 32.29 14.63 -13.48
N HIS F 58 31.08 15.14 -13.76
CA HIS F 58 30.22 14.65 -14.83
C HIS F 58 29.45 15.81 -15.44
N ILE F 59 29.19 15.72 -16.74
CA ILE F 59 28.65 16.82 -17.52
C ILE F 59 27.75 16.22 -18.58
N ASP F 60 26.69 16.92 -18.93
CA ASP F 60 25.76 16.45 -19.95
C ASP F 60 25.29 17.63 -20.78
N TYR F 61 25.06 17.37 -22.06
CA TYR F 61 24.63 18.39 -23.01
C TYR F 61 23.43 17.90 -23.81
N ALA F 62 22.44 18.75 -23.99
CA ALA F 62 21.40 18.44 -24.96
C ALA F 62 22.04 18.11 -26.31
N ASP F 63 21.48 17.12 -26.99
CA ASP F 63 21.94 16.72 -28.32
C ASP F 63 22.00 17.94 -29.26
N SER F 64 21.43 19.06 -28.83
CA SER F 64 21.35 20.27 -29.66
C SER F 64 22.58 21.15 -29.45
N VAL F 65 22.63 21.84 -28.32
CA VAL F 65 23.84 22.50 -27.85
C VAL F 65 24.90 21.45 -27.64
N GLU F 66 25.34 20.78 -28.71
CA GLU F 66 26.15 19.57 -28.59
C GLU F 66 27.50 19.75 -29.24
N GLY F 67 28.57 19.55 -28.48
CA GLY F 67 29.91 19.81 -28.95
C GLY F 67 30.15 21.22 -29.39
N ARG F 68 29.12 22.04 -29.47
CA ARG F 68 29.26 23.46 -29.66
C ARG F 68 29.38 24.18 -28.32
N PHE F 69 28.50 23.86 -27.36
CA PHE F 69 28.47 24.53 -26.06
C PHE F 69 29.27 23.72 -25.03
N THR F 70 29.86 24.44 -24.06
CA THR F 70 30.72 23.86 -23.03
C THR F 70 30.41 24.47 -21.67
N ILE F 71 30.07 23.61 -20.70
CA ILE F 71 29.73 24.03 -19.33
C ILE F 71 30.93 23.83 -18.40
N SER F 72 31.02 24.68 -17.38
CA SER F 72 32.15 24.68 -16.46
C SER F 72 31.74 25.44 -15.22
N ARG F 73 32.50 25.27 -14.14
CA ARG F 73 32.17 25.99 -12.93
C ARG F 73 33.43 26.30 -12.15
N ASP F 74 33.51 27.51 -11.61
CA ASP F 74 34.60 27.93 -10.73
C ASP F 74 34.10 28.04 -9.31
N ASN F 75 34.19 26.94 -8.55
CA ASN F 75 33.65 26.93 -7.20
C ASN F 75 34.35 27.96 -6.31
N ALA F 76 35.59 28.30 -6.63
CA ALA F 76 36.32 29.26 -5.81
C ALA F 76 35.71 30.64 -5.94
N LYS F 77 35.40 31.06 -7.17
CA LYS F 77 34.72 32.30 -7.45
C LYS F 77 33.21 32.13 -7.40
N ASN F 78 32.75 30.97 -6.89
CA ASN F 78 31.33 30.66 -6.62
C ASN F 78 30.47 30.99 -7.84
N SER F 79 30.81 30.36 -8.97
CA SER F 79 30.30 30.84 -10.23
C SER F 79 30.30 29.73 -11.26
N LEU F 80 29.38 29.84 -12.24
CA LEU F 80 29.08 28.83 -13.25
C LEU F 80 29.14 29.48 -14.64
N TYR F 81 29.51 28.70 -15.67
CA TYR F 81 29.78 29.28 -16.98
C TYR F 81 29.15 28.47 -18.10
N LEU F 82 28.91 29.14 -19.23
CA LEU F 82 28.45 28.45 -20.45
C LEU F 82 29.17 29.03 -21.67
N GLN F 83 30.08 28.25 -22.26
CA GLN F 83 30.86 28.68 -23.42
C GLN F 83 30.17 28.22 -24.68
N MET F 84 29.47 29.14 -25.34
CA MET F 84 28.74 28.83 -26.56
C MET F 84 29.61 29.15 -27.77
N ASN F 85 29.96 28.13 -28.56
CA ASN F 85 30.68 28.28 -29.82
C ASN F 85 29.74 27.90 -30.96
N SER F 86 30.12 28.28 -32.18
CA SER F 86 29.44 27.81 -33.39
C SER F 86 27.99 28.27 -33.45
N LEU F 87 27.69 29.40 -32.81
CA LEU F 87 26.31 29.85 -32.66
C LEU F 87 25.60 29.96 -34.00
N ARG F 88 24.38 29.43 -34.06
CA ARG F 88 23.51 29.63 -35.20
C ARG F 88 22.26 30.35 -34.75
N ALA F 89 21.53 30.92 -35.72
CA ALA F 89 20.46 31.87 -35.43
C ALA F 89 19.46 31.35 -34.41
N GLU F 90 19.20 30.05 -34.39
CA GLU F 90 18.22 29.55 -33.44
C GLU F 90 18.78 29.40 -32.04
N ASP F 91 20.08 29.50 -31.86
CA ASP F 91 20.50 29.50 -30.47
C ASP F 91 20.02 30.76 -29.74
N THR F 92 19.35 31.68 -30.45
CA THR F 92 18.78 32.87 -29.83
C THR F 92 17.75 32.48 -28.78
N ALA F 93 17.97 32.90 -27.54
CA ALA F 93 17.05 32.51 -26.48
C ALA F 93 17.41 33.23 -25.19
N VAL F 94 16.57 33.03 -24.17
CA VAL F 94 16.86 33.40 -22.79
C VAL F 94 17.52 32.20 -22.13
N TYR F 95 18.63 32.43 -21.44
CA TYR F 95 19.35 31.36 -20.76
C TYR F 95 19.26 31.55 -19.26
N TYR F 96 18.85 30.50 -18.54
CA TYR F 96 18.74 30.49 -17.08
C TYR F 96 19.73 29.49 -16.51
N CYS F 97 20.30 29.82 -15.36
CA CYS F 97 21.04 28.84 -14.58
C CYS F 97 20.21 28.46 -13.37
N ALA F 98 20.15 27.16 -13.08
CA ALA F 98 19.28 26.62 -12.05
C ALA F 98 20.10 25.82 -11.03
N LYS F 99 19.76 25.99 -9.76
CA LYS F 99 20.36 25.22 -8.69
C LYS F 99 19.52 24.00 -8.44
N VAL F 100 20.17 22.83 -8.35
CA VAL F 100 19.48 21.60 -7.97
C VAL F 100 19.03 21.67 -6.51
N SER F 101 17.99 20.90 -6.21
CA SER F 101 17.37 20.92 -4.88
C SER F 101 18.21 20.18 -3.85
N TYR F 102 18.75 19.02 -4.21
CA TYR F 102 19.41 18.16 -3.25
C TYR F 102 20.81 17.79 -3.69
N LEU F 103 21.56 17.21 -2.76
CA LEU F 103 22.93 16.77 -3.02
C LEU F 103 22.96 15.55 -3.91
N SER F 104 22.09 15.51 -4.92
CA SER F 104 22.15 14.48 -5.93
C SER F 104 21.83 15.11 -7.26
N THR F 105 22.14 14.39 -8.32
CA THR F 105 21.90 14.92 -9.63
C THR F 105 20.49 14.58 -10.10
N ALA F 106 19.92 13.46 -9.61
CA ALA F 106 18.52 13.10 -9.81
C ALA F 106 17.73 13.80 -8.71
N SER F 107 17.32 15.03 -9.03
CA SER F 107 16.75 16.03 -8.14
C SER F 107 16.33 17.19 -9.01
N SER F 108 15.34 17.93 -8.54
CA SER F 108 14.77 19.01 -9.32
C SER F 108 15.50 20.32 -9.04
N LEU F 109 15.04 21.38 -9.68
CA LEU F 109 15.71 22.67 -9.70
C LEU F 109 14.90 23.66 -8.87
N ASP F 110 15.38 23.97 -7.67
CA ASP F 110 14.62 24.73 -6.68
C ASP F 110 15.10 26.16 -6.51
N TYR F 111 15.88 26.67 -7.44
CA TYR F 111 15.96 28.12 -7.58
C TYR F 111 16.54 28.40 -8.95
N TRP F 112 15.85 29.24 -9.72
CA TRP F 112 16.31 29.70 -11.02
C TRP F 112 16.77 31.16 -10.91
N GLY F 113 17.76 31.52 -11.72
CA GLY F 113 18.06 32.92 -11.92
C GLY F 113 16.98 33.57 -12.76
N GLN F 114 17.15 34.87 -13.02
CA GLN F 114 16.14 35.56 -13.81
C GLN F 114 16.34 35.39 -15.31
N GLY F 115 17.57 35.21 -15.77
CA GLY F 115 17.86 34.90 -17.15
C GLY F 115 18.63 36.00 -17.84
N THR F 116 19.17 35.66 -19.01
CA THR F 116 19.91 36.59 -19.84
C THR F 116 19.62 36.34 -21.31
N LEU F 117 19.12 37.37 -22.00
CA LEU F 117 18.81 37.22 -23.41
C LEU F 117 20.09 37.17 -24.24
N VAL F 118 20.19 36.17 -25.12
CA VAL F 118 21.29 35.99 -26.06
C VAL F 118 20.70 36.01 -27.46
N THR F 119 21.16 36.93 -28.31
CA THR F 119 20.60 37.09 -29.65
C THR F 119 21.66 36.80 -30.70
N VAL F 120 21.51 35.70 -31.42
CA VAL F 120 22.39 35.39 -32.54
C VAL F 120 21.88 36.12 -33.77
N SER F 121 22.64 37.09 -34.26
CA SER F 121 22.30 37.81 -35.46
C SER F 121 23.55 38.42 -36.05
N SER F 122 23.60 38.47 -37.37
CA SER F 122 24.67 39.16 -38.06
C SER F 122 24.50 40.66 -38.04
N ALA F 123 23.27 41.14 -37.86
CA ALA F 123 23.00 42.58 -37.77
C ALA F 123 23.88 43.24 -36.71
N SER F 124 24.01 44.56 -36.77
CA SER F 124 24.57 45.31 -35.66
C SER F 124 23.47 46.13 -35.03
N THR F 125 23.73 46.65 -33.84
CA THR F 125 22.67 47.19 -33.02
C THR F 125 22.15 48.52 -33.59
N LYS F 126 21.22 49.13 -32.86
CA LYS F 126 20.63 50.41 -33.21
C LYS F 126 19.86 50.92 -32.00
N GLY F 127 19.98 52.22 -31.74
CA GLY F 127 19.27 52.83 -30.64
C GLY F 127 17.84 53.19 -31.00
N PRO F 128 16.93 52.98 -30.06
CA PRO F 128 15.52 53.23 -30.35
C PRO F 128 15.19 54.72 -30.36
N SER F 129 14.40 55.12 -31.34
CA SER F 129 13.77 56.44 -31.33
C SER F 129 12.52 56.33 -30.46
N VAL F 130 12.35 57.29 -29.55
CA VAL F 130 11.23 57.26 -28.59
C VAL F 130 10.35 58.47 -28.84
N PHE F 131 9.17 58.24 -29.42
CA PHE F 131 8.23 59.29 -29.76
C PHE F 131 7.01 59.21 -28.85
N PRO F 132 6.59 60.31 -28.22
CA PRO F 132 5.47 60.22 -27.29
C PRO F 132 4.13 60.24 -28.01
N LEU F 133 3.18 59.53 -27.41
CA LEU F 133 1.80 59.51 -27.88
C LEU F 133 1.00 60.44 -26.96
N ALA F 134 1.02 61.73 -27.30
CA ALA F 134 0.31 62.70 -26.48
C ALA F 134 -1.17 62.34 -26.43
N PRO F 135 -1.84 62.63 -25.31
CA PRO F 135 -3.26 62.31 -25.18
C PRO F 135 -4.15 63.48 -25.60
N SER F 136 -5.30 63.15 -26.19
CA SER F 136 -6.30 64.15 -26.60
C SER F 136 -7.69 63.53 -26.66
N SER F 137 -8.06 62.98 -27.82
CA SER F 137 -9.20 62.09 -27.90
C SER F 137 -8.96 61.00 -26.86
N LYS F 138 -8.16 60.01 -27.23
CA LYS F 138 -7.43 59.11 -26.33
C LYS F 138 -7.93 59.02 -24.89
N GLY F 143 -13.98 58.38 -19.96
CA GLY F 143 -14.12 58.62 -18.54
C GLY F 143 -12.83 59.08 -17.89
N THR F 144 -11.72 58.48 -18.32
CA THR F 144 -10.36 58.96 -18.01
C THR F 144 -9.49 58.63 -19.23
N ALA F 145 -9.15 59.65 -20.03
CA ALA F 145 -8.29 59.43 -21.19
C ALA F 145 -6.88 58.96 -20.72
N ALA F 146 -6.04 58.55 -21.69
CA ALA F 146 -4.77 57.92 -21.33
C ALA F 146 -3.68 58.21 -22.35
N LEU F 147 -2.42 58.06 -21.90
CA LEU F 147 -1.20 58.47 -22.63
C LEU F 147 -0.20 57.32 -22.74
N GLY F 148 0.86 57.56 -23.53
CA GLY F 148 1.89 56.55 -23.72
C GLY F 148 3.08 57.04 -24.52
N CYS F 149 4.03 56.12 -24.71
CA CYS F 149 5.27 56.34 -25.44
C CYS F 149 5.42 55.30 -26.55
N LEU F 150 6.25 55.62 -27.54
CA LEU F 150 6.47 54.74 -28.70
C LEU F 150 7.97 54.49 -28.85
N VAL F 151 8.45 53.41 -28.26
CA VAL F 151 9.82 52.99 -28.52
C VAL F 151 9.89 52.38 -29.91
N LYS F 152 10.71 52.96 -30.79
CA LYS F 152 10.68 52.61 -32.20
C LYS F 152 12.07 52.40 -32.77
N ASP F 153 12.21 51.32 -33.56
CA ASP F 153 13.33 51.07 -34.46
C ASP F 153 14.64 50.88 -33.71
N TYR F 154 14.70 49.81 -32.93
CA TYR F 154 15.89 49.42 -32.19
C TYR F 154 16.22 47.96 -32.50
N PHE F 155 17.38 47.55 -32.04
CA PHE F 155 17.89 46.19 -32.20
C PHE F 155 19.06 46.07 -31.26
N PRO F 156 19.22 44.98 -30.52
CA PRO F 156 18.34 43.83 -30.39
C PRO F 156 17.39 44.01 -29.20
N GLU F 157 16.43 43.11 -28.95
CA GLU F 157 15.76 43.15 -27.68
C GLU F 157 16.76 42.79 -26.58
N PRO F 158 16.57 43.30 -25.36
CA PRO F 158 15.40 44.04 -24.86
C PRO F 158 15.66 45.48 -24.43
N VAL F 159 14.62 46.31 -24.36
CA VAL F 159 14.69 47.60 -23.67
C VAL F 159 13.98 47.46 -22.33
N THR F 160 14.32 48.35 -21.40
CA THR F 160 13.54 48.57 -20.20
C THR F 160 12.76 49.88 -20.30
N VAL F 161 11.48 49.81 -19.98
CA VAL F 161 10.65 51.01 -19.87
C VAL F 161 10.10 51.08 -18.46
N SER F 162 10.24 52.24 -17.85
CA SER F 162 9.53 52.57 -16.63
C SER F 162 8.95 53.96 -16.84
N TRP F 163 8.02 54.35 -15.96
CA TRP F 163 7.40 55.66 -16.05
C TRP F 163 7.62 56.42 -14.75
N ASN F 164 7.68 57.74 -14.85
CA ASN F 164 8.01 58.63 -13.74
C ASN F 164 9.20 58.10 -12.94
N SER F 165 10.16 57.51 -13.64
CA SER F 165 11.41 56.99 -13.08
C SER F 165 11.13 55.96 -11.95
N GLY F 166 10.01 55.24 -12.06
CA GLY F 166 9.62 54.24 -11.08
C GLY F 166 8.40 54.61 -10.26
N ALA F 167 8.06 55.89 -10.20
CA ALA F 167 6.94 56.34 -9.36
C ALA F 167 5.61 55.79 -9.86
N LEU F 168 5.28 56.10 -11.12
CA LEU F 168 4.05 55.59 -11.74
C LEU F 168 4.26 54.15 -12.18
N THR F 169 3.57 53.22 -11.52
CA THR F 169 3.38 51.88 -12.04
C THR F 169 1.91 51.50 -12.16
N SER F 170 1.04 52.05 -11.30
CA SER F 170 -0.38 51.74 -11.24
C SER F 170 -1.08 52.07 -12.57
N GLY F 171 -1.30 51.03 -13.38
CA GLY F 171 -2.04 51.15 -14.62
C GLY F 171 -1.24 51.25 -15.91
N VAL F 172 0.04 50.78 -15.94
CA VAL F 172 0.90 50.92 -17.10
C VAL F 172 0.87 49.61 -17.87
N HIS F 173 0.95 49.70 -19.20
CA HIS F 173 0.93 48.51 -20.08
C HIS F 173 2.01 48.65 -21.15
N THR F 174 3.14 47.94 -20.98
CA THR F 174 4.23 47.98 -21.96
C THR F 174 4.23 46.71 -22.80
N PHE F 175 4.04 46.88 -24.10
CA PHE F 175 3.59 45.81 -24.97
C PHE F 175 4.73 44.87 -25.30
N PRO F 176 4.41 43.74 -25.92
CA PRO F 176 5.47 42.89 -26.47
C PRO F 176 6.18 43.60 -27.60
N ALA F 177 7.50 43.47 -27.63
CA ALA F 177 8.23 44.00 -28.77
C ALA F 177 7.80 43.24 -30.01
N VAL F 178 7.87 43.92 -31.15
CA VAL F 178 7.41 43.34 -32.39
C VAL F 178 8.28 43.86 -33.53
N LEU F 179 8.67 42.93 -34.41
CA LEU F 179 9.81 43.08 -35.31
C LEU F 179 9.38 43.68 -36.64
N GLN F 180 9.55 45.00 -36.79
CA GLN F 180 9.19 45.68 -38.02
C GLN F 180 9.93 45.10 -39.22
N SER F 181 9.28 45.17 -40.39
CA SER F 181 9.85 44.58 -41.60
C SER F 181 11.11 45.27 -42.06
N SER F 182 11.40 46.46 -41.54
CA SER F 182 12.67 47.11 -41.74
C SER F 182 13.81 46.38 -41.05
N GLY F 183 13.50 45.44 -40.17
CA GLY F 183 14.49 44.67 -39.45
C GLY F 183 14.61 45.04 -37.99
N LEU F 184 14.11 46.21 -37.58
CA LEU F 184 14.23 46.70 -36.22
C LEU F 184 13.00 46.37 -35.38
N TYR F 185 13.07 46.74 -34.11
CA TYR F 185 12.04 46.45 -33.12
C TYR F 185 11.24 47.69 -32.76
N SER F 186 9.97 47.48 -32.45
CA SER F 186 9.11 48.58 -32.05
C SER F 186 8.27 48.18 -30.85
N LEU F 187 7.98 49.17 -30.02
CA LEU F 187 7.21 48.96 -28.82
C LEU F 187 6.10 50.00 -28.70
N SER F 188 5.76 50.32 -27.46
CA SER F 188 4.65 51.16 -27.08
C SER F 188 4.41 50.88 -25.61
N SER F 189 4.34 51.92 -24.79
CA SER F 189 4.18 51.76 -23.35
C SER F 189 3.10 52.71 -22.89
N VAL F 190 1.94 52.18 -22.55
CA VAL F 190 0.74 52.96 -22.31
C VAL F 190 0.34 52.82 -20.84
N VAL F 191 0.01 53.95 -20.21
CA VAL F 191 -0.57 53.97 -18.87
C VAL F 191 -1.85 54.79 -18.90
N THR F 192 -2.90 54.26 -18.25
CA THR F 192 -4.16 54.99 -18.14
C THR F 192 -4.12 55.82 -16.86
N VAL F 193 -4.48 57.11 -16.99
CA VAL F 193 -4.45 58.05 -15.88
C VAL F 193 -5.79 58.77 -15.82
N PRO F 194 -6.10 59.46 -14.72
CA PRO F 194 -7.32 60.27 -14.66
C PRO F 194 -7.25 61.48 -15.58
N SER F 195 -8.42 61.97 -15.96
CA SER F 195 -8.48 63.16 -16.80
C SER F 195 -7.96 64.39 -16.06
N SER F 196 -8.21 64.46 -14.75
CA SER F 196 -7.72 65.55 -13.90
C SER F 196 -6.28 65.36 -13.45
N SER F 197 -5.69 64.18 -13.64
CA SER F 197 -4.26 64.03 -13.46
C SER F 197 -3.48 64.79 -14.53
N LEU F 198 -3.89 64.61 -15.79
CA LEU F 198 -3.16 65.20 -16.91
C LEU F 198 -2.95 66.69 -16.73
N GLY F 199 -3.87 67.35 -16.01
CA GLY F 199 -3.75 68.78 -15.81
C GLY F 199 -2.60 69.16 -14.91
N THR F 200 -2.43 68.44 -13.80
CA THR F 200 -1.38 68.74 -12.81
C THR F 200 -0.11 67.93 -13.02
N GLN F 201 -0.23 66.60 -13.11
CA GLN F 201 0.94 65.73 -13.11
C GLN F 201 1.72 65.83 -14.43
N THR F 202 3.03 65.89 -14.31
CA THR F 202 3.92 65.74 -15.45
C THR F 202 4.26 64.25 -15.62
N TYR F 203 4.22 63.78 -16.87
CA TYR F 203 4.37 62.36 -17.18
C TYR F 203 5.49 62.18 -18.19
N ILE F 204 6.54 61.44 -17.80
CA ILE F 204 7.72 61.16 -18.62
C ILE F 204 8.04 59.67 -18.51
N CYS F 205 8.51 59.07 -19.61
CA CYS F 205 8.78 57.64 -19.68
C CYS F 205 10.27 57.36 -19.89
N ASN F 206 10.75 56.24 -19.32
CA ASN F 206 12.18 55.96 -19.15
C ASN F 206 12.58 54.77 -20.03
N VAL F 207 13.17 55.06 -21.17
CA VAL F 207 13.65 54.06 -22.10
C VAL F 207 15.13 53.84 -21.85
N ASN F 208 15.55 52.58 -21.88
CA ASN F 208 16.97 52.22 -21.73
C ASN F 208 17.21 50.93 -22.47
N HIS F 209 18.17 50.96 -23.39
CA HIS F 209 18.50 49.87 -24.29
C HIS F 209 19.93 49.44 -23.99
N LYS F 210 20.08 48.37 -23.20
CA LYS F 210 21.38 48.06 -22.60
C LYS F 210 22.43 47.72 -23.64
N CYS F 211 22.07 46.98 -24.69
CA CYS F 211 23.03 46.69 -25.75
C CYS F 211 23.12 47.85 -26.72
N SER F 212 23.18 49.08 -26.20
CA SER F 212 23.24 50.28 -27.02
C SER F 212 23.68 51.50 -26.21
N ASN F 213 23.61 51.40 -24.88
CA ASN F 213 23.94 52.50 -23.97
C ASN F 213 23.16 53.78 -24.29
N THR F 214 21.85 53.63 -24.48
CA THR F 214 20.97 54.76 -24.81
C THR F 214 19.83 54.86 -23.79
N LYS F 215 19.97 55.78 -22.83
CA LYS F 215 18.96 56.01 -21.80
C LYS F 215 18.18 57.29 -22.13
N VAL F 216 16.91 57.14 -22.52
CA VAL F 216 16.13 58.22 -23.09
C VAL F 216 15.11 58.70 -22.03
N ASP F 217 14.37 59.77 -22.36
CA ASP F 217 13.25 60.27 -21.56
C ASP F 217 12.41 61.20 -22.44
N LYS F 218 11.09 61.21 -22.21
CA LYS F 218 10.21 62.03 -23.05
C LYS F 218 8.97 62.43 -22.27
N LYS F 219 8.74 63.74 -22.13
CA LYS F 219 7.56 64.28 -21.48
C LYS F 219 6.35 64.25 -22.42
N VAL F 220 5.14 64.15 -21.84
CA VAL F 220 3.92 63.89 -22.59
C VAL F 220 2.85 64.90 -22.17
N GLU F 221 2.18 65.53 -23.16
CA GLU F 221 1.18 66.58 -22.88
C GLU F 221 -0.23 66.38 -23.49
N ILE G 3 -21.50 -11.71 4.03
CA ILE G 3 -21.69 -10.42 3.32
C ILE G 3 -21.92 -9.14 4.15
N GLN G 4 -20.99 -8.19 4.01
CA GLN G 4 -21.10 -6.88 4.63
C GLN G 4 -20.85 -5.79 3.58
N MET G 5 -21.11 -4.55 4.00
CA MET G 5 -20.59 -3.34 3.37
C MET G 5 -19.98 -2.49 4.46
N THR G 6 -19.20 -1.49 4.06
CA THR G 6 -18.47 -0.71 5.06
C THR G 6 -17.88 0.59 4.51
N GLN G 7 -18.30 1.71 5.08
CA GLN G 7 -17.99 3.03 4.57
C GLN G 7 -16.98 3.72 5.47
N SER G 8 -16.00 4.39 4.86
CA SER G 8 -15.07 5.22 5.61
C SER G 8 -15.04 6.63 5.04
N PRO G 9 -14.96 7.63 5.90
CA PRO G 9 -15.00 7.54 7.35
C PRO G 9 -16.44 7.47 7.84
N SER G 10 -16.65 7.60 9.15
CA SER G 10 -17.98 7.55 9.72
C SER G 10 -18.59 8.93 9.91
N SER G 11 -17.84 9.86 10.54
CA SER G 11 -18.10 11.29 10.55
C SER G 11 -17.07 11.98 9.65
N LEU G 12 -17.21 13.30 9.51
CA LEU G 12 -16.17 14.16 8.95
C LEU G 12 -16.71 15.58 8.93
N SER G 13 -15.77 16.55 8.95
CA SER G 13 -16.03 17.97 8.81
C SER G 13 -15.22 18.52 7.63
N ALA G 14 -15.67 19.65 7.09
CA ALA G 14 -15.09 20.22 5.89
C ALA G 14 -15.54 21.67 5.72
N SER G 15 -14.59 22.58 5.49
CA SER G 15 -14.92 23.97 5.17
C SER G 15 -15.68 24.04 3.86
N VAL G 16 -16.54 25.05 3.72
CA VAL G 16 -17.37 25.16 2.51
C VAL G 16 -16.48 25.14 1.28
N GLY G 17 -17.04 24.67 0.16
CA GLY G 17 -16.31 24.63 -1.08
C GLY G 17 -15.16 23.63 -1.12
N ASP G 18 -15.14 22.68 -0.20
CA ASP G 18 -14.12 21.65 -0.19
C ASP G 18 -14.54 20.51 -1.10
N ARG G 19 -13.60 19.64 -1.39
CA ARG G 19 -13.82 18.46 -2.21
C ARG G 19 -13.63 17.29 -1.25
N VAL G 20 -14.75 16.75 -0.79
CA VAL G 20 -14.79 15.69 0.21
C VAL G 20 -14.92 14.35 -0.49
N THR G 21 -14.21 13.35 0.02
CA THR G 21 -14.26 12.00 -0.54
C THR G 21 -14.66 10.99 0.52
N ILE G 22 -15.57 10.08 0.16
CA ILE G 22 -16.00 8.99 1.02
C ILE G 22 -15.95 7.70 0.21
N THR G 23 -15.58 6.60 0.88
CA THR G 23 -15.36 5.32 0.24
C THR G 23 -16.15 4.21 0.95
N CYS G 24 -16.52 3.19 0.17
CA CYS G 24 -17.40 2.11 0.61
C CYS G 24 -16.97 0.81 -0.07
N ARG G 25 -16.51 -0.17 0.72
CA ARG G 25 -15.96 -1.45 0.25
C ARG G 25 -16.93 -2.60 0.55
N ALA G 26 -17.15 -3.47 -0.43
CA ALA G 26 -18.07 -4.59 -0.30
C ALA G 26 -17.30 -5.90 -0.12
N SER G 27 -17.70 -6.69 0.88
CA SER G 27 -17.04 -7.97 1.18
C SER G 27 -17.13 -9.00 0.04
N GLN G 28 -17.62 -8.63 -1.14
CA GLN G 28 -17.55 -9.45 -2.33
C GLN G 28 -17.70 -8.50 -3.51
N GLY G 29 -17.29 -8.96 -4.69
CA GLY G 29 -17.33 -8.10 -5.87
C GLY G 29 -18.75 -7.85 -6.33
N ILE G 30 -19.09 -6.59 -6.62
CA ILE G 30 -20.46 -6.25 -6.98
C ILE G 30 -20.53 -5.43 -8.26
N ARG G 31 -19.47 -5.48 -9.08
CA ARG G 31 -19.37 -4.77 -10.35
C ARG G 31 -19.81 -3.32 -10.12
N ASN G 32 -20.60 -2.71 -11.01
CA ASN G 32 -21.07 -1.36 -10.75
C ASN G 32 -22.48 -1.30 -10.16
N TYR G 33 -22.98 -2.42 -9.65
CA TYR G 33 -24.23 -2.42 -8.90
C TYR G 33 -23.95 -1.76 -7.56
N LEU G 34 -23.99 -0.43 -7.54
CA LEU G 34 -23.83 0.29 -6.28
C LEU G 34 -24.41 1.68 -6.43
N ALA G 35 -25.18 2.12 -5.46
CA ALA G 35 -25.84 3.41 -5.49
C ALA G 35 -25.35 4.29 -4.35
N TRP G 36 -25.62 5.59 -4.47
CA TRP G 36 -25.26 6.57 -3.46
C TRP G 36 -26.49 7.37 -3.10
N TYR G 37 -26.77 7.50 -1.80
CA TYR G 37 -27.95 8.18 -1.28
C TYR G 37 -27.55 9.32 -0.35
N GLN G 38 -28.17 10.47 -0.54
CA GLN G 38 -28.13 11.56 0.43
C GLN G 38 -29.37 11.53 1.31
N GLN G 39 -29.19 11.74 2.61
CA GLN G 39 -30.33 11.87 3.50
C GLN G 39 -30.06 13.02 4.45
N LYS G 40 -30.69 14.16 4.21
CA LYS G 40 -30.50 15.29 5.10
C LYS G 40 -31.51 15.18 6.26
N CYS G 41 -31.38 16.08 7.23
CA CYS G 41 -31.96 15.89 8.56
C CYS G 41 -33.48 15.79 8.53
N GLY G 42 -33.99 14.68 9.07
CA GLY G 42 -35.42 14.45 9.17
C GLY G 42 -36.09 14.52 7.83
N LYS G 43 -35.68 13.65 6.92
CA LYS G 43 -36.19 13.63 5.57
C LYS G 43 -35.78 12.30 4.95
N ALA G 44 -36.58 11.82 4.02
CA ALA G 44 -36.29 10.52 3.44
C ALA G 44 -35.06 10.60 2.54
N PRO G 45 -34.39 9.47 2.33
CA PRO G 45 -33.28 9.44 1.37
C PRO G 45 -33.68 9.81 -0.05
N LYS G 46 -32.80 10.58 -0.71
CA LYS G 46 -32.85 10.90 -2.13
C LYS G 46 -31.63 10.27 -2.79
N LEU G 47 -31.84 9.64 -3.94
CA LEU G 47 -30.76 8.94 -4.63
C LEU G 47 -29.90 9.94 -5.40
N LEU G 48 -28.58 9.77 -5.30
CA LEU G 48 -27.62 10.59 -6.02
C LEU G 48 -27.05 9.90 -7.25
N ILE G 49 -26.48 8.70 -7.10
CA ILE G 49 -25.69 8.04 -8.14
C ILE G 49 -26.15 6.59 -8.26
N TYR G 50 -26.41 6.12 -9.49
CA TYR G 50 -27.08 4.82 -9.62
C TYR G 50 -26.19 3.69 -10.10
N ALA G 51 -25.58 3.75 -11.29
CA ALA G 51 -24.44 2.86 -11.50
C ALA G 51 -23.34 3.37 -10.60
N ALA G 52 -22.20 2.68 -10.53
CA ALA G 52 -21.22 3.15 -9.57
C ALA G 52 -20.86 4.62 -9.78
N SER G 53 -21.19 5.19 -10.95
CA SER G 53 -20.76 6.50 -11.41
C SER G 53 -21.88 7.36 -11.99
N THR G 54 -22.96 6.74 -12.49
CA THR G 54 -24.00 7.46 -13.21
C THR G 54 -24.77 8.39 -12.29
N LEU G 55 -24.89 9.67 -12.71
CA LEU G 55 -25.51 10.71 -11.89
C LEU G 55 -27.02 10.76 -12.11
N GLN G 56 -27.77 10.77 -11.00
CA GLN G 56 -29.23 10.75 -11.06
C GLN G 56 -29.76 12.04 -11.67
N SER G 57 -30.70 11.89 -12.58
CA SER G 57 -31.30 13.06 -13.22
C SER G 57 -31.78 14.01 -12.13
N GLY G 58 -31.13 15.16 -12.02
CA GLY G 58 -31.50 16.18 -11.06
C GLY G 58 -30.49 16.40 -9.95
N VAL G 59 -29.42 15.62 -9.89
CA VAL G 59 -28.42 15.82 -8.85
C VAL G 59 -27.41 16.82 -9.38
N PRO G 60 -26.87 17.70 -8.52
CA PRO G 60 -25.97 18.75 -9.02
C PRO G 60 -24.71 18.21 -9.64
N SER G 61 -24.10 19.02 -10.52
CA SER G 61 -22.89 18.62 -11.22
C SER G 61 -21.80 18.18 -10.25
N ARG G 62 -21.86 18.63 -8.99
CA ARG G 62 -20.77 18.47 -8.03
C ARG G 62 -20.74 17.09 -7.41
N PHE G 63 -21.57 16.17 -7.87
CA PHE G 63 -21.56 14.81 -7.36
C PHE G 63 -21.05 13.90 -8.46
N SER G 64 -19.94 13.22 -8.19
CA SER G 64 -19.42 12.15 -9.03
C SER G 64 -19.27 10.91 -8.16
N GLY G 65 -19.66 9.78 -8.70
CA GLY G 65 -19.29 8.52 -8.08
C GLY G 65 -18.25 7.83 -8.93
N SER G 66 -17.53 6.88 -8.36
CA SER G 66 -16.60 6.07 -9.14
C SER G 66 -16.28 4.81 -8.36
N GLY G 67 -15.41 4.00 -8.92
CA GLY G 67 -15.16 2.65 -8.47
C GLY G 67 -15.87 1.61 -9.33
N SER G 68 -15.41 0.37 -9.22
CA SER G 68 -16.14 -0.77 -9.74
C SER G 68 -15.49 -2.02 -9.20
N GLY G 69 -16.31 -3.03 -8.96
CA GLY G 69 -15.89 -4.24 -8.29
C GLY G 69 -16.09 -4.26 -6.79
N THR G 70 -15.09 -3.80 -6.04
CA THR G 70 -15.09 -3.97 -4.60
C THR G 70 -14.77 -2.69 -3.83
N ASP G 71 -14.42 -1.60 -4.50
CA ASP G 71 -14.06 -0.38 -3.80
C ASP G 71 -14.62 0.79 -4.58
N PHE G 72 -15.40 1.62 -3.89
CA PHE G 72 -16.17 2.68 -4.53
C PHE G 72 -15.91 3.95 -3.77
N THR G 73 -16.31 5.06 -4.38
CA THR G 73 -16.08 6.35 -3.76
C THR G 73 -17.11 7.35 -4.27
N LEU G 74 -17.62 8.16 -3.34
CA LEU G 74 -18.46 9.30 -3.65
C LEU G 74 -17.66 10.57 -3.41
N THR G 75 -17.55 11.39 -4.44
CA THR G 75 -16.86 12.66 -4.35
C THR G 75 -17.87 13.79 -4.55
N ILE G 76 -17.70 14.85 -3.77
CA ILE G 76 -18.48 16.08 -3.90
C ILE G 76 -17.53 17.18 -4.34
N SER G 77 -17.77 17.74 -5.53
CA SER G 77 -16.83 18.69 -6.13
C SER G 77 -16.52 19.84 -5.19
N SER G 78 -17.52 20.69 -4.90
CA SER G 78 -17.34 21.88 -4.05
C SER G 78 -18.43 21.89 -3.00
N LEU G 79 -18.07 21.57 -1.75
CA LEU G 79 -19.05 21.46 -0.68
C LEU G 79 -19.88 22.75 -0.52
N GLN G 80 -21.10 22.60 -0.04
CA GLN G 80 -22.01 23.70 0.25
C GLN G 80 -22.57 23.52 1.65
N PRO G 81 -23.11 24.58 2.25
CA PRO G 81 -23.68 24.41 3.59
C PRO G 81 -24.98 23.65 3.56
N GLU G 82 -25.71 23.72 2.44
CA GLU G 82 -26.92 22.92 2.27
C GLU G 82 -26.62 21.44 2.10
N ASP G 83 -25.35 21.04 2.03
CA ASP G 83 -25.06 19.64 1.82
C ASP G 83 -24.90 18.85 3.10
N VAL G 84 -25.02 19.49 4.27
CA VAL G 84 -25.01 18.72 5.51
C VAL G 84 -26.06 17.64 5.42
N ALA G 85 -25.66 16.41 5.69
CA ALA G 85 -26.43 15.23 5.31
C ALA G 85 -25.81 14.02 6.00
N THR G 86 -26.29 12.83 5.62
CA THR G 86 -25.67 11.55 5.93
C THR G 86 -25.72 10.75 4.66
N TYR G 87 -24.59 10.20 4.25
CA TYR G 87 -24.44 9.63 2.93
C TYR G 87 -24.32 8.11 3.03
N TYR G 88 -25.07 7.40 2.17
CA TYR G 88 -25.16 5.94 2.23
C TYR G 88 -24.89 5.32 0.87
N CYS G 89 -24.11 4.25 0.88
CA CYS G 89 -23.88 3.40 -0.28
C CYS G 89 -24.73 2.15 -0.15
N GLN G 90 -25.20 1.65 -1.29
CA GLN G 90 -26.02 0.45 -1.29
C GLN G 90 -25.58 -0.44 -2.43
N ARG G 91 -25.42 -1.72 -2.10
CA ARG G 91 -25.35 -2.74 -3.13
C ARG G 91 -26.76 -3.12 -3.56
N TYR G 92 -26.89 -3.46 -4.82
CA TYR G 92 -28.21 -3.90 -5.28
C TYR G 92 -28.11 -4.96 -6.35
N ASN G 93 -26.95 -5.59 -6.51
CA ASN G 93 -26.79 -6.69 -7.44
C ASN G 93 -27.72 -7.86 -7.12
N ARG G 94 -28.03 -8.07 -5.84
CA ARG G 94 -28.89 -9.15 -5.41
C ARG G 94 -29.08 -9.05 -3.91
N ALA G 95 -30.18 -9.64 -3.46
CA ALA G 95 -30.53 -9.59 -2.06
C ALA G 95 -29.45 -10.28 -1.24
N PRO G 96 -29.07 -9.72 -0.10
CA PRO G 96 -29.68 -8.55 0.55
C PRO G 96 -29.17 -7.23 -0.02
N TYR G 97 -30.15 -6.38 -0.30
CA TYR G 97 -29.93 -5.03 -0.80
C TYR G 97 -29.40 -4.12 0.31
N THR G 98 -28.25 -4.50 0.88
CA THR G 98 -27.87 -3.89 2.14
C THR G 98 -27.25 -2.52 1.89
N PHE G 99 -27.37 -1.66 2.90
CA PHE G 99 -26.88 -0.29 2.88
C PHE G 99 -25.58 -0.21 3.65
N GLY G 100 -24.79 0.82 3.33
CA GLY G 100 -23.60 1.12 4.09
C GLY G 100 -23.97 1.75 5.41
N GLN G 101 -22.98 1.85 6.29
CA GLN G 101 -23.23 2.31 7.66
C GLN G 101 -23.54 3.79 7.70
N GLY G 102 -23.02 4.57 6.77
CA GLY G 102 -23.41 5.96 6.71
C GLY G 102 -22.28 6.89 7.12
N THR G 103 -22.21 8.03 6.44
CA THR G 103 -21.18 9.03 6.69
C THR G 103 -21.88 10.33 7.04
N LYS G 104 -21.66 10.81 8.27
CA LYS G 104 -22.32 12.02 8.74
C LYS G 104 -21.39 13.20 8.45
N VAL G 105 -21.87 14.15 7.68
CA VAL G 105 -21.04 15.18 7.06
C VAL G 105 -21.38 16.52 7.68
N GLU G 106 -20.43 17.08 8.42
CA GLU G 106 -20.62 18.36 9.09
C GLU G 106 -19.89 19.45 8.30
N ILE G 107 -20.52 20.62 8.19
CA ILE G 107 -19.90 21.77 7.53
C ILE G 107 -19.01 22.47 8.56
N LYS G 108 -17.69 22.46 8.32
CA LYS G 108 -16.76 23.17 9.19
C LYS G 108 -16.87 24.67 8.95
N ARG G 109 -17.68 25.35 9.75
CA ARG G 109 -17.89 26.78 9.62
C ARG G 109 -17.08 27.53 10.67
N THR G 110 -17.05 28.86 10.52
CA THR G 110 -16.34 29.70 11.47
C THR G 110 -16.93 29.56 12.86
N VAL G 111 -16.14 29.89 13.87
CA VAL G 111 -16.60 29.75 15.24
C VAL G 111 -17.70 30.78 15.53
N ALA G 112 -18.74 30.32 16.21
CA ALA G 112 -19.87 31.17 16.59
C ALA G 112 -20.16 30.94 18.06
N ALA G 113 -20.03 31.99 18.85
CA ALA G 113 -20.35 31.85 20.26
C ALA G 113 -21.87 31.76 20.42
N PRO G 114 -22.35 30.90 21.31
CA PRO G 114 -23.78 30.89 21.62
C PRO G 114 -24.17 32.17 22.37
N SER G 115 -25.47 32.48 22.31
CA SER G 115 -26.10 33.37 23.27
C SER G 115 -27.03 32.53 24.13
N VAL G 116 -26.77 32.51 25.43
CA VAL G 116 -27.44 31.59 26.33
C VAL G 116 -28.76 32.22 26.80
N PHE G 117 -29.67 31.36 27.27
CA PHE G 117 -30.99 31.78 27.75
C PHE G 117 -31.46 30.82 28.83
N ILE G 118 -31.62 31.31 30.06
CA ILE G 118 -31.99 30.47 31.20
C ILE G 118 -33.47 30.66 31.48
N PHE G 119 -34.26 29.65 31.14
CA PHE G 119 -35.70 29.71 31.29
C PHE G 119 -36.11 29.06 32.61
N PRO G 120 -36.73 29.79 33.53
CA PRO G 120 -37.25 29.16 34.75
C PRO G 120 -38.65 28.60 34.54
N PRO G 121 -39.05 27.61 35.34
CA PRO G 121 -40.22 26.78 35.01
C PRO G 121 -41.57 27.48 35.19
N SER G 122 -42.58 26.86 34.60
CA SER G 122 -43.92 27.43 34.49
C SER G 122 -44.76 27.14 35.71
N ASP G 123 -45.60 28.11 36.08
CA ASP G 123 -46.57 27.89 37.14
C ASP G 123 -47.56 26.78 36.79
N GLU G 124 -47.69 26.43 35.51
CA GLU G 124 -48.52 25.30 35.11
C GLU G 124 -47.82 23.98 35.44
N GLN G 125 -46.58 23.80 34.97
CA GLN G 125 -45.80 22.62 35.35
C GLN G 125 -45.55 22.57 36.87
N LEU G 126 -45.59 23.71 37.56
CA LEU G 126 -45.43 23.73 39.01
C LEU G 126 -46.73 23.45 39.75
N LYS G 127 -47.89 23.56 39.07
CA LYS G 127 -49.18 23.26 39.70
C LYS G 127 -49.50 21.78 39.64
N SER G 128 -48.98 21.06 38.65
CA SER G 128 -49.02 19.60 38.58
C SER G 128 -47.87 18.96 39.35
N GLY G 129 -47.22 19.72 40.24
CA GLY G 129 -46.19 19.26 41.16
C GLY G 129 -44.86 18.79 40.57
N THR G 130 -44.14 19.66 39.86
CA THR G 130 -42.88 19.21 39.28
C THR G 130 -42.09 20.38 38.73
N ALA G 131 -40.78 20.35 38.96
CA ALA G 131 -39.88 21.33 38.37
C ALA G 131 -39.91 21.24 36.84
N SER G 132 -39.15 22.13 36.19
CA SER G 132 -39.04 22.18 34.73
C SER G 132 -38.14 23.35 34.35
N VAL G 133 -36.88 23.31 34.76
CA VAL G 133 -35.94 24.42 34.56
C VAL G 133 -35.08 24.12 33.34
N VAL G 134 -35.35 24.82 32.25
CA VAL G 134 -34.65 24.65 30.99
C VAL G 134 -33.45 25.58 30.93
N CYS G 135 -32.67 25.48 29.84
CA CYS G 135 -31.51 26.32 29.57
C CYS G 135 -31.23 26.18 28.08
N LEU G 136 -31.03 27.31 27.37
CA LEU G 136 -30.91 27.27 25.92
C LEU G 136 -29.59 27.87 25.43
N LEU G 137 -28.97 27.19 24.48
CA LEU G 137 -27.86 27.71 23.68
C LEU G 137 -28.37 27.85 22.24
N ASN G 138 -27.94 28.89 21.53
CA ASN G 138 -28.53 29.13 20.21
C ASN G 138 -27.47 29.56 19.20
N ASN G 139 -27.32 28.76 18.14
CA ASN G 139 -26.55 29.10 16.93
C ASN G 139 -25.04 29.24 17.23
N PHE G 140 -24.47 28.17 17.77
CA PHE G 140 -23.05 28.10 18.09
C PHE G 140 -22.37 27.06 17.20
N TYR G 141 -21.03 27.07 17.23
CA TYR G 141 -20.25 26.06 16.54
C TYR G 141 -18.85 26.05 17.10
N PRO G 142 -18.25 24.89 17.39
CA PRO G 142 -18.68 23.52 17.08
C PRO G 142 -19.67 22.95 18.09
N ARG G 143 -20.19 21.74 17.81
CA ARG G 143 -21.21 21.15 18.69
C ARG G 143 -20.71 20.91 20.11
N GLU G 144 -19.39 20.89 20.32
CA GLU G 144 -18.84 20.70 21.65
C GLU G 144 -19.29 21.84 22.55
N ALA G 145 -19.89 21.49 23.69
CA ALA G 145 -20.34 22.50 24.66
C ALA G 145 -20.55 21.80 26.00
N LYS G 146 -19.71 22.13 26.99
CA LYS G 146 -19.81 21.55 28.33
C LYS G 146 -20.70 22.42 29.19
N VAL G 147 -21.86 21.90 29.57
CA VAL G 147 -22.84 22.61 30.38
C VAL G 147 -23.05 21.85 31.67
N GLN G 148 -22.81 22.51 32.81
CA GLN G 148 -23.02 21.99 34.15
C GLN G 148 -24.11 22.79 34.85
N TRP G 149 -24.42 22.42 36.08
CA TRP G 149 -25.54 23.06 36.78
C TRP G 149 -25.23 23.64 38.18
N GLN G 161 -30.34 15.94 31.56
CA GLN G 161 -30.53 15.44 30.19
C GLN G 161 -30.62 16.58 29.14
N GLU G 162 -29.83 16.48 28.06
CA GLU G 162 -29.73 17.53 27.05
C GLU G 162 -30.07 17.01 25.65
N SER G 163 -30.54 17.92 24.78
CA SER G 163 -30.85 17.65 23.37
C SER G 163 -30.33 18.79 22.48
N VAL G 164 -29.81 18.42 21.29
CA VAL G 164 -29.09 19.31 20.37
C VAL G 164 -29.67 19.16 18.96
N THR G 165 -29.86 20.28 18.27
CA THR G 165 -30.54 20.33 16.98
C THR G 165 -29.66 19.83 15.82
N CYS G 166 -30.29 19.64 14.66
CA CYS G 166 -29.55 19.35 13.44
C CYS G 166 -28.57 20.45 13.15
N GLN G 167 -27.49 20.10 12.44
CA GLN G 167 -26.69 21.18 11.87
C GLN G 167 -27.53 21.83 10.79
N ASP G 168 -27.58 23.16 10.83
CA ASP G 168 -28.49 23.92 10.00
C ASP G 168 -28.08 23.86 8.53
N SER G 169 -29.07 23.94 7.63
CA SER G 169 -28.76 23.89 6.21
C SER G 169 -28.28 25.22 5.64
N LYS G 170 -28.42 26.32 6.39
CA LYS G 170 -28.04 27.65 5.92
C LYS G 170 -26.79 28.13 6.66
N ASP G 171 -26.87 28.44 7.96
CA ASP G 171 -25.68 28.94 8.66
C ASP G 171 -24.78 27.85 9.21
N SER G 172 -25.24 26.61 9.27
CA SER G 172 -24.45 25.50 9.80
C SER G 172 -24.07 25.72 11.28
N THR G 173 -25.06 26.02 12.10
CA THR G 173 -24.89 26.08 13.55
C THR G 173 -25.84 25.11 14.26
N TYR G 174 -25.61 24.99 15.57
CA TYR G 174 -26.37 24.11 16.42
C TYR G 174 -27.19 24.91 17.41
N SER G 175 -27.69 24.22 18.44
CA SER G 175 -28.45 24.79 19.55
C SER G 175 -28.66 23.65 20.54
N LEU G 176 -28.28 23.85 21.79
CA LEU G 176 -28.36 22.82 22.80
C LEU G 176 -29.45 23.22 23.80
N SER G 177 -29.92 22.24 24.59
CA SER G 177 -31.01 22.48 25.53
C SER G 177 -30.94 21.41 26.61
N SER G 178 -30.44 21.77 27.79
CA SER G 178 -30.29 20.86 28.93
C SER G 178 -31.36 21.18 29.96
N THR G 179 -32.33 20.28 30.12
CA THR G 179 -33.35 20.46 31.14
C THR G 179 -32.85 19.91 32.48
N LEU G 180 -33.27 20.55 33.57
CA LEU G 180 -32.90 20.12 34.92
C LEU G 180 -34.04 19.36 35.59
N CYS G 195 -27.80 27.34 35.38
CA CYS G 195 -26.85 26.73 34.44
C CYS G 195 -25.73 27.70 34.06
N GLU G 196 -24.74 27.14 33.38
CA GLU G 196 -23.60 27.88 32.87
C GLU G 196 -22.91 26.99 31.84
N VAL G 197 -22.29 27.61 30.84
CA VAL G 197 -21.77 26.90 29.69
C VAL G 197 -20.36 27.39 29.39
N THR G 198 -19.41 26.45 29.38
CA THR G 198 -18.06 26.70 28.90
C THR G 198 -17.95 26.17 27.48
N HIS G 199 -17.40 26.99 26.59
CA HIS G 199 -17.41 26.70 25.16
C HIS G 199 -16.17 27.31 24.52
N GLN G 200 -15.88 26.87 23.29
CA GLN G 200 -14.77 27.39 22.51
C GLN G 200 -14.90 28.88 22.26
N GLY G 201 -15.90 29.28 21.47
CA GLY G 201 -16.17 30.69 21.25
C GLY G 201 -16.30 31.51 22.52
N LEU G 202 -16.72 30.90 23.63
CA LEU G 202 -16.71 31.59 24.91
C LEU G 202 -15.28 31.72 25.44
N SER G 203 -14.77 32.98 25.56
CA SER G 203 -13.41 33.25 26.08
C SER G 203 -13.31 33.08 27.62
N SER G 204 -14.38 32.52 28.20
CA SER G 204 -14.57 32.22 29.61
C SER G 204 -15.98 31.68 29.81
N PRO G 205 -16.22 30.83 30.81
CA PRO G 205 -17.58 30.31 31.02
C PRO G 205 -18.56 31.42 31.39
N VAL G 206 -19.66 31.50 30.63
CA VAL G 206 -20.73 32.46 30.89
C VAL G 206 -21.89 31.74 31.57
N THR G 207 -22.51 32.39 32.55
CA THR G 207 -23.58 31.77 33.33
C THR G 207 -24.98 32.22 32.89
N GLU H 2 -43.51 13.29 -10.84
CA GLU H 2 -44.64 13.65 -9.98
C GLU H 2 -45.15 12.44 -9.23
N VAL H 3 -44.29 11.42 -9.19
CA VAL H 3 -44.52 10.23 -8.39
C VAL H 3 -44.79 10.60 -6.94
N GLN H 4 -45.83 10.02 -6.37
CA GLN H 4 -46.06 10.01 -4.92
C GLN H 4 -46.00 8.57 -4.43
N LEU H 5 -45.48 8.40 -3.23
CA LEU H 5 -45.48 7.09 -2.57
C LEU H 5 -45.68 7.39 -1.09
N VAL H 6 -46.83 6.99 -0.53
CA VAL H 6 -47.30 7.49 0.77
C VAL H 6 -47.53 6.29 1.67
N GLU H 7 -46.72 6.19 2.74
CA GLU H 7 -46.84 5.11 3.70
C GLU H 7 -47.76 5.49 4.85
N SER H 8 -48.45 4.47 5.38
CA SER H 8 -49.35 4.62 6.52
C SER H 8 -49.45 3.30 7.27
N GLY H 9 -49.82 3.40 8.53
CA GLY H 9 -50.06 2.21 9.32
C GLY H 9 -49.47 2.28 10.71
N GLY H 10 -48.47 3.12 10.90
CA GLY H 10 -47.75 3.10 12.15
C GLY H 10 -48.52 3.73 13.30
N CYS H 11 -48.22 3.25 14.50
CA CYS H 11 -48.63 3.94 15.73
C CYS H 11 -47.83 3.36 16.87
N LEU H 12 -48.52 2.73 17.81
CA LEU H 12 -47.90 1.96 18.87
C LEU H 12 -48.45 0.55 18.75
N VAL H 13 -47.56 -0.43 18.87
CA VAL H 13 -47.90 -1.85 18.87
C VAL H 13 -47.40 -2.45 20.16
N GLN H 14 -48.12 -3.40 20.69
CA GLN H 14 -47.49 -4.01 21.84
C GLN H 14 -46.55 -5.11 21.38
N PRO H 15 -45.50 -5.39 22.16
CA PRO H 15 -44.58 -6.45 21.77
C PRO H 15 -45.30 -7.78 21.67
N GLY H 16 -44.98 -8.54 20.62
CA GLY H 16 -45.61 -9.78 20.33
C GLY H 16 -46.75 -9.66 19.33
N ARG H 17 -47.42 -8.50 19.30
CA ARG H 17 -48.61 -8.29 18.49
C ARG H 17 -48.30 -8.11 17.00
N SER H 18 -49.22 -7.51 16.25
CA SER H 18 -49.06 -7.43 14.80
C SER H 18 -49.58 -6.10 14.28
N LEU H 19 -49.16 -5.76 13.07
CA LEU H 19 -49.52 -4.51 12.43
C LEU H 19 -49.15 -4.56 10.97
N ARG H 20 -50.01 -4.01 10.11
CA ARG H 20 -49.81 -4.03 8.67
C ARG H 20 -49.60 -2.62 8.14
N LEU H 21 -48.51 -2.41 7.41
CA LEU H 21 -48.16 -1.13 6.79
C LEU H 21 -48.63 -1.09 5.35
N SER H 22 -49.07 0.08 4.90
CA SER H 22 -49.56 0.20 3.52
C SER H 22 -48.87 1.35 2.82
N CYS H 23 -48.55 1.14 1.55
CA CYS H 23 -47.86 2.13 0.73
C CYS H 23 -48.72 2.40 -0.49
N ALA H 24 -49.47 3.50 -0.48
CA ALA H 24 -50.28 3.85 -1.64
C ALA H 24 -49.42 4.66 -2.60
N ALA H 25 -49.12 4.09 -3.76
CA ALA H 25 -48.30 4.72 -4.79
C ALA H 25 -49.16 5.38 -5.86
N SER H 26 -48.64 6.46 -6.43
CA SER H 26 -49.20 7.01 -7.65
C SER H 26 -48.09 7.71 -8.41
N GLY H 27 -48.46 8.48 -9.43
CA GLY H 27 -47.49 9.22 -10.20
C GLY H 27 -46.70 8.40 -11.21
N PHE H 28 -46.74 7.08 -11.12
CA PHE H 28 -46.08 6.23 -12.10
C PHE H 28 -46.88 4.97 -12.32
N THR H 29 -46.37 4.12 -13.20
CA THR H 29 -47.08 2.89 -13.55
C THR H 29 -46.66 1.80 -12.57
N PHE H 30 -47.39 1.71 -11.45
CA PHE H 30 -47.01 0.84 -10.34
C PHE H 30 -46.91 -0.63 -10.73
N ASP H 31 -47.66 -1.06 -11.72
CA ASP H 31 -47.71 -2.47 -12.05
C ASP H 31 -46.41 -3.01 -12.62
N ASP H 32 -45.44 -2.14 -12.88
CA ASP H 32 -44.27 -2.49 -13.69
C ASP H 32 -43.02 -2.75 -12.87
N TYR H 33 -42.93 -2.20 -11.67
CA TYR H 33 -41.69 -2.08 -10.92
C TYR H 33 -41.67 -2.99 -9.69
N ALA H 34 -40.47 -3.41 -9.30
CA ALA H 34 -40.31 -3.96 -7.96
C ALA H 34 -40.45 -2.84 -6.94
N MET H 35 -40.47 -3.22 -5.67
CA MET H 35 -40.69 -2.27 -4.58
C MET H 35 -39.93 -2.79 -3.37
N HIS H 36 -39.58 -1.90 -2.46
CA HIS H 36 -38.71 -2.23 -1.36
C HIS H 36 -39.28 -1.66 -0.08
N TRP H 37 -39.02 -2.31 1.03
CA TRP H 37 -39.27 -1.71 2.35
C TRP H 37 -37.92 -1.53 3.01
N VAL H 38 -37.57 -0.30 3.33
CA VAL H 38 -36.37 0.02 4.10
C VAL H 38 -36.84 0.61 5.42
N ARG H 39 -36.22 0.19 6.51
CA ARG H 39 -36.54 0.78 7.80
C ARG H 39 -35.31 1.50 8.35
N GLN H 40 -35.55 2.38 9.30
CA GLN H 40 -34.48 3.18 9.88
C GLN H 40 -34.74 3.38 11.36
N ALA H 41 -33.89 2.80 12.19
CA ALA H 41 -34.10 2.85 13.61
C ALA H 41 -33.92 4.28 14.10
N PRO H 42 -34.43 4.60 15.31
CA PRO H 42 -34.23 5.94 15.88
C PRO H 42 -32.76 6.31 16.07
N GLY H 43 -32.19 6.99 15.09
CA GLY H 43 -30.81 7.37 15.15
C GLY H 43 -29.85 6.25 14.85
N LYS H 44 -30.19 5.40 13.89
CA LYS H 44 -29.25 4.40 13.43
C LYS H 44 -29.28 4.41 11.90
N GLY H 45 -28.58 3.48 11.26
CA GLY H 45 -28.37 3.53 9.81
C GLY H 45 -29.65 3.36 9.03
N LEU H 46 -29.60 3.17 7.73
CA LEU H 46 -30.76 2.63 7.04
C LEU H 46 -30.55 1.13 7.01
N GLU H 47 -31.64 0.37 7.11
CA GLU H 47 -31.52 -1.08 7.02
C GLU H 47 -32.53 -1.61 6.02
N TRP H 48 -32.07 -2.52 5.17
CA TRP H 48 -32.96 -3.07 4.17
C TRP H 48 -33.86 -4.12 4.82
N VAL H 49 -35.18 -4.00 4.60
CA VAL H 49 -36.11 -4.91 5.23
C VAL H 49 -36.58 -5.99 4.27
N SER H 50 -37.10 -5.60 3.10
CA SER H 50 -37.61 -6.62 2.18
C SER H 50 -37.81 -6.01 0.80
N ALA H 51 -38.10 -6.87 -0.17
CA ALA H 51 -38.51 -6.39 -1.48
C ALA H 51 -39.26 -7.48 -2.21
N ILE H 52 -40.03 -7.05 -3.22
CA ILE H 52 -40.97 -7.90 -3.93
C ILE H 52 -40.96 -7.51 -5.41
N THR H 53 -40.98 -8.50 -6.30
CA THR H 53 -40.87 -8.21 -7.73
C THR H 53 -42.17 -7.56 -8.18
N TRP H 54 -42.32 -7.34 -9.48
CA TRP H 54 -43.48 -6.58 -9.94
C TRP H 54 -44.76 -7.38 -9.77
N ASN H 55 -44.70 -8.67 -10.04
CA ASN H 55 -45.87 -9.51 -9.90
C ASN H 55 -45.68 -10.47 -8.74
N SER H 56 -45.11 -9.97 -7.66
CA SER H 56 -45.00 -10.73 -6.42
C SER H 56 -44.42 -12.13 -6.63
N GLY H 57 -43.87 -12.40 -7.82
CA GLY H 57 -43.32 -13.70 -8.16
C GLY H 57 -42.09 -14.08 -7.37
N HIS H 58 -41.39 -13.12 -6.78
CA HIS H 58 -40.20 -13.37 -5.97
C HIS H 58 -40.14 -12.36 -4.84
N ILE H 59 -39.55 -12.78 -3.73
CA ILE H 59 -39.67 -12.03 -2.49
C ILE H 59 -38.41 -12.29 -1.68
N ASP H 60 -37.92 -11.26 -0.99
CA ASP H 60 -36.70 -11.34 -0.18
C ASP H 60 -36.87 -10.62 1.14
N TYR H 61 -36.29 -11.18 2.19
CA TYR H 61 -36.38 -10.64 3.53
C TYR H 61 -35.01 -10.55 4.20
N ALA H 62 -34.77 -9.41 4.85
CA ALA H 62 -33.68 -9.30 5.80
C ALA H 62 -33.73 -10.46 6.79
N ASP H 63 -32.59 -11.14 6.99
CA ASP H 63 -32.51 -12.22 7.95
C ASP H 63 -33.03 -11.80 9.33
N SER H 64 -33.07 -10.50 9.61
CA SER H 64 -33.52 -9.97 10.89
C SER H 64 -35.03 -9.99 11.04
N VAL H 65 -35.72 -10.55 10.07
CA VAL H 65 -37.12 -10.29 9.81
C VAL H 65 -37.68 -11.46 9.03
N GLU H 66 -36.81 -12.25 8.41
CA GLU H 66 -37.20 -13.42 7.61
C GLU H 66 -38.35 -14.14 8.28
N GLY H 67 -38.28 -14.32 9.59
CA GLY H 67 -39.29 -15.12 10.27
C GLY H 67 -40.67 -14.49 10.24
N ARG H 68 -40.75 -13.17 10.43
CA ARG H 68 -41.94 -12.53 10.95
C ARG H 68 -42.65 -11.61 9.97
N PHE H 69 -41.96 -10.94 9.06
CA PHE H 69 -42.69 -10.00 8.22
C PHE H 69 -43.01 -10.63 6.87
N THR H 70 -44.01 -10.06 6.20
CA THR H 70 -44.62 -10.64 4.99
C THR H 70 -44.98 -9.50 4.04
N ILE H 71 -44.13 -9.30 3.00
CA ILE H 71 -44.33 -8.27 1.99
C ILE H 71 -45.31 -8.75 0.93
N SER H 72 -46.15 -7.84 0.45
CA SER H 72 -47.13 -8.19 -0.55
C SER H 72 -47.61 -6.91 -1.21
N ARG H 73 -48.21 -7.06 -2.39
CA ARG H 73 -48.63 -5.90 -3.17
C ARG H 73 -49.94 -6.19 -3.90
N ASP H 74 -50.73 -5.13 -4.08
CA ASP H 74 -52.03 -5.16 -4.74
C ASP H 74 -51.98 -4.20 -5.92
N ASN H 75 -51.48 -4.68 -7.07
CA ASN H 75 -51.24 -3.83 -8.22
C ASN H 75 -52.51 -3.09 -8.65
N ALA H 76 -53.67 -3.75 -8.52
CA ALA H 76 -54.90 -3.12 -8.95
C ALA H 76 -55.30 -2.00 -7.99
N LYS H 77 -55.03 -2.18 -6.70
CA LYS H 77 -55.20 -1.12 -5.73
C LYS H 77 -53.98 -0.19 -5.67
N ASN H 78 -53.00 -0.38 -6.56
CA ASN H 78 -51.74 0.37 -6.54
C ASN H 78 -51.18 0.47 -5.13
N SER H 79 -50.97 -0.68 -4.51
CA SER H 79 -50.58 -0.68 -3.11
C SER H 79 -49.52 -1.72 -2.83
N LEU H 80 -48.73 -1.42 -1.82
CA LEU H 80 -47.73 -2.31 -1.29
C LEU H 80 -48.07 -2.55 0.17
N TYR H 81 -47.70 -3.72 0.69
CA TYR H 81 -48.07 -4.03 2.05
C TYR H 81 -46.87 -4.66 2.74
N LEU H 82 -46.83 -4.49 4.06
CA LEU H 82 -45.83 -5.14 4.90
C LEU H 82 -46.54 -5.62 6.17
N GLN H 83 -46.69 -6.92 6.31
CA GLN H 83 -47.36 -7.49 7.47
C GLN H 83 -46.32 -7.81 8.52
N MET H 84 -46.30 -7.05 9.61
CA MET H 84 -45.39 -7.31 10.72
C MET H 84 -46.08 -8.11 11.83
N ASN H 85 -45.92 -9.45 11.82
CA ASN H 85 -46.16 -10.23 13.03
C ASN H 85 -44.99 -10.13 14.00
N SER H 86 -45.25 -10.46 15.26
CA SER H 86 -44.19 -10.77 16.24
C SER H 86 -43.30 -9.58 16.53
N LEU H 87 -43.88 -8.40 16.72
CA LEU H 87 -43.04 -7.22 16.80
C LEU H 87 -42.23 -7.23 18.09
N ARG H 88 -41.00 -6.81 17.96
CA ARG H 88 -40.04 -6.68 19.05
C ARG H 88 -39.73 -5.19 19.17
N ALA H 89 -39.26 -4.78 20.34
CA ALA H 89 -38.87 -3.38 20.52
C ALA H 89 -37.92 -2.93 19.41
N GLU H 90 -36.81 -3.65 19.25
CA GLU H 90 -35.81 -3.40 18.21
C GLU H 90 -36.41 -3.29 16.81
N ASP H 91 -37.71 -3.55 16.65
CA ASP H 91 -38.37 -3.28 15.39
C ASP H 91 -38.88 -1.84 15.30
N THR H 92 -38.72 -1.06 16.37
CA THR H 92 -39.12 0.33 16.39
C THR H 92 -38.31 1.13 15.40
N ALA H 93 -38.95 1.72 14.40
CA ALA H 93 -38.20 2.40 13.36
C ALA H 93 -39.14 3.24 12.50
N VAL H 94 -38.53 3.99 11.59
CA VAL H 94 -39.23 4.67 10.50
C VAL H 94 -39.19 3.75 9.28
N TYR H 95 -40.35 3.38 8.75
CA TYR H 95 -40.41 2.47 7.62
C TYR H 95 -40.71 3.26 6.35
N TYR H 96 -39.95 2.99 5.29
CA TYR H 96 -40.11 3.66 4.02
C TYR H 96 -40.36 2.60 2.96
N CYS H 97 -41.16 2.93 1.95
CA CYS H 97 -41.25 2.11 0.75
C CYS H 97 -40.54 2.81 -0.40
N ALA H 98 -39.93 2.02 -1.28
CA ALA H 98 -39.05 2.54 -2.31
C ALA H 98 -39.43 2.00 -3.67
N LYS H 99 -39.30 2.85 -4.69
CA LYS H 99 -39.48 2.45 -6.07
C LYS H 99 -38.13 2.12 -6.69
N VAL H 100 -38.05 0.96 -7.33
CA VAL H 100 -36.87 0.54 -8.07
C VAL H 100 -36.81 1.32 -9.39
N SER H 101 -35.59 1.70 -9.78
CA SER H 101 -35.39 2.65 -10.87
C SER H 101 -35.86 2.09 -12.21
N TYR H 102 -35.51 0.84 -12.50
CA TYR H 102 -35.78 0.27 -13.81
C TYR H 102 -36.50 -1.07 -13.67
N LEU H 103 -37.01 -1.54 -14.82
CA LEU H 103 -37.71 -2.81 -14.96
C LEU H 103 -36.77 -3.97 -14.64
N SER H 104 -36.06 -3.90 -13.53
CA SER H 104 -35.15 -4.96 -13.17
C SER H 104 -34.94 -4.94 -11.68
N THR H 105 -34.72 -6.13 -11.13
CA THR H 105 -34.64 -6.26 -9.69
C THR H 105 -33.40 -5.54 -9.20
N ALA H 106 -32.32 -5.62 -9.99
CA ALA H 106 -31.01 -5.09 -9.64
C ALA H 106 -30.80 -3.71 -10.23
N SER H 107 -31.65 -2.78 -9.80
CA SER H 107 -31.43 -1.36 -10.01
C SER H 107 -31.80 -0.65 -8.72
N SER H 108 -31.59 0.66 -8.72
CA SER H 108 -31.50 1.37 -7.45
C SER H 108 -32.84 1.96 -7.07
N LEU H 109 -32.92 2.44 -5.83
CA LEU H 109 -34.16 2.97 -5.30
C LEU H 109 -34.19 4.47 -5.58
N ASP H 110 -35.08 4.91 -6.47
CA ASP H 110 -35.08 6.31 -6.91
C ASP H 110 -36.31 7.11 -6.50
N TYR H 111 -37.28 6.51 -5.82
CA TYR H 111 -38.23 7.31 -5.07
C TYR H 111 -38.44 6.62 -3.73
N TRP H 112 -38.42 7.42 -2.66
CA TRP H 112 -38.73 6.99 -1.30
C TRP H 112 -39.93 7.77 -0.82
N GLY H 113 -40.86 7.08 -0.19
CA GLY H 113 -41.93 7.77 0.49
C GLY H 113 -41.39 8.57 1.66
N GLN H 114 -42.25 9.45 2.17
CA GLN H 114 -41.88 10.32 3.29
C GLN H 114 -41.57 9.51 4.54
N GLY H 115 -42.21 8.36 4.72
CA GLY H 115 -41.88 7.46 5.80
C GLY H 115 -43.02 7.34 6.80
N THR H 116 -42.96 6.26 7.59
CA THR H 116 -43.93 5.99 8.64
C THR H 116 -43.21 5.43 9.86
N LEU H 117 -43.25 6.16 10.97
CA LEU H 117 -42.73 5.63 12.21
C LEU H 117 -43.58 4.46 12.69
N VAL H 118 -42.97 3.54 13.43
CA VAL H 118 -43.69 2.47 14.09
C VAL H 118 -43.03 2.28 15.44
N THR H 119 -43.74 2.60 16.52
CA THR H 119 -43.20 2.36 17.85
C THR H 119 -43.75 1.04 18.34
N VAL H 120 -42.88 0.24 18.96
CA VAL H 120 -43.26 -1.07 19.47
C VAL H 120 -42.85 -1.16 20.92
N SER H 121 -43.56 -0.49 21.80
CA SER H 121 -43.29 -0.59 23.22
C SER H 121 -44.46 -1.29 23.90
N SER H 122 -44.23 -1.67 25.15
CA SER H 122 -45.32 -2.28 25.91
C SER H 122 -46.24 -1.23 26.53
N ALA H 123 -45.70 -0.14 27.07
CA ALA H 123 -46.53 0.84 27.74
C ALA H 123 -47.61 1.39 26.79
N SER H 124 -48.60 2.08 27.35
CA SER H 124 -49.69 2.65 26.58
C SER H 124 -49.42 4.12 26.33
N THR H 125 -50.33 4.77 25.60
CA THR H 125 -50.05 6.14 25.17
C THR H 125 -50.55 7.13 26.20
N LYS H 126 -49.99 8.34 26.12
CA LYS H 126 -50.29 9.44 27.03
C LYS H 126 -50.08 10.71 26.24
N GLY H 127 -51.13 11.52 26.14
CA GLY H 127 -51.01 12.83 25.58
C GLY H 127 -50.00 13.63 26.37
N PRO H 128 -49.32 14.54 25.69
CA PRO H 128 -48.30 15.34 26.37
C PRO H 128 -48.92 16.31 27.35
N SER H 129 -48.08 17.15 27.93
CA SER H 129 -48.56 18.33 28.60
C SER H 129 -47.56 19.45 28.28
N VAL H 130 -48.09 20.66 28.10
CA VAL H 130 -47.32 21.77 27.57
C VAL H 130 -47.36 22.92 28.55
N PHE H 131 -46.17 23.41 28.91
CA PHE H 131 -45.92 24.55 29.74
C PHE H 131 -45.07 25.55 28.97
N PRO H 132 -45.28 26.86 29.16
CA PRO H 132 -44.60 27.85 28.33
C PRO H 132 -43.25 28.24 28.90
N LEU H 133 -42.34 28.61 27.99
CA LEU H 133 -41.08 29.18 28.42
C LEU H 133 -40.98 30.64 27.95
N ALA H 134 -41.89 31.49 28.42
CA ALA H 134 -42.12 32.82 27.86
C ALA H 134 -41.03 33.82 28.25
N PRO H 135 -40.97 34.99 27.57
CA PRO H 135 -40.04 36.06 27.97
C PRO H 135 -40.62 37.03 29.01
N GLY H 143 -29.79 42.02 22.69
CA GLY H 143 -30.94 42.91 22.66
C GLY H 143 -32.16 42.22 22.11
N THR H 144 -32.45 41.05 22.67
CA THR H 144 -33.45 40.16 22.10
C THR H 144 -33.81 39.10 23.12
N ALA H 145 -35.10 38.83 23.29
CA ALA H 145 -35.57 37.86 24.27
C ALA H 145 -36.00 36.58 23.57
N ALA H 146 -35.73 35.43 24.20
CA ALA H 146 -36.20 34.16 23.67
C ALA H 146 -37.53 33.79 24.30
N LEU H 147 -38.15 32.72 23.79
CA LEU H 147 -39.43 32.27 24.32
C LEU H 147 -39.64 30.81 23.94
N GLY H 148 -40.38 30.09 24.78
CA GLY H 148 -40.58 28.66 24.57
C GLY H 148 -41.98 28.13 24.78
N CYS H 149 -42.04 26.82 24.99
CA CYS H 149 -43.26 26.01 24.90
C CYS H 149 -42.84 24.55 25.03
N LEU H 150 -43.07 23.95 26.20
CA LEU H 150 -42.46 22.68 26.56
C LEU H 150 -43.42 21.53 26.32
N VAL H 151 -42.99 20.52 25.58
CA VAL H 151 -43.86 19.36 25.39
C VAL H 151 -43.37 18.25 26.32
N LYS H 152 -43.80 18.30 27.58
CA LYS H 152 -43.33 17.36 28.59
C LYS H 152 -44.26 16.15 28.66
N ASP H 153 -43.65 14.98 28.83
CA ASP H 153 -44.34 13.74 29.22
C ASP H 153 -45.45 13.29 28.28
N TYR H 154 -45.09 12.45 27.32
CA TYR H 154 -46.07 11.87 26.42
C TYR H 154 -45.49 10.56 25.89
N PHE H 155 -46.29 9.88 25.10
CA PHE H 155 -45.85 8.64 24.50
C PHE H 155 -46.86 8.24 23.45
N PRO H 156 -46.45 7.71 22.33
CA PRO H 156 -45.09 7.57 21.83
C PRO H 156 -44.79 8.65 20.82
N GLU H 157 -43.68 8.50 20.12
CA GLU H 157 -43.31 9.47 19.12
C GLU H 157 -44.20 9.32 17.90
N PRO H 158 -44.36 10.39 17.12
CA PRO H 158 -43.76 11.70 17.29
C PRO H 158 -44.76 12.75 17.73
N VAL H 159 -44.29 13.96 17.94
CA VAL H 159 -45.14 15.14 18.02
C VAL H 159 -44.78 16.04 16.85
N THR H 160 -45.61 17.05 16.61
CA THR H 160 -45.34 18.06 15.59
C THR H 160 -45.84 19.41 16.11
N VAL H 161 -44.93 20.37 16.19
CA VAL H 161 -45.26 21.72 16.61
C VAL H 161 -45.27 22.61 15.38
N SER H 162 -46.19 23.57 15.35
CA SER H 162 -46.25 24.58 14.30
C SER H 162 -46.55 25.89 15.00
N TRP H 163 -45.58 26.81 15.02
CA TRP H 163 -45.78 28.05 15.77
C TRP H 163 -46.70 28.99 14.99
N ASN H 164 -47.51 29.75 15.73
CA ASN H 164 -48.57 30.62 15.21
C ASN H 164 -49.28 30.00 14.00
N SER H 165 -49.65 28.72 14.16
CA SER H 165 -50.29 27.95 13.08
C SER H 165 -49.48 28.01 11.79
N GLY H 166 -48.18 28.24 11.89
CA GLY H 166 -47.30 28.37 10.75
C GLY H 166 -46.81 29.77 10.46
N ALA H 167 -47.35 30.79 11.13
CA ALA H 167 -46.99 32.18 10.81
C ALA H 167 -45.56 32.51 11.23
N LEU H 168 -45.11 31.97 12.37
CA LEU H 168 -43.76 32.21 12.89
C LEU H 168 -42.93 30.95 12.66
N THR H 169 -41.92 31.06 11.79
CA THR H 169 -41.10 29.91 11.45
C THR H 169 -39.62 30.23 11.37
N SER H 170 -39.22 31.51 11.31
CA SER H 170 -37.82 31.89 11.27
C SER H 170 -37.28 31.99 12.68
N GLY H 171 -36.15 31.31 12.92
CA GLY H 171 -35.61 31.23 14.27
C GLY H 171 -36.30 30.21 15.14
N VAL H 172 -37.08 29.32 14.57
CA VAL H 172 -37.72 28.28 15.34
C VAL H 172 -36.79 27.06 15.36
N HIS H 173 -36.60 26.49 16.56
CA HIS H 173 -35.79 25.28 16.76
C HIS H 173 -36.61 24.34 17.66
N THR H 174 -37.43 23.45 17.08
CA THR H 174 -38.05 22.36 17.83
C THR H 174 -37.02 21.26 18.00
N PHE H 175 -36.57 21.04 19.24
CA PHE H 175 -35.44 20.18 19.50
C PHE H 175 -35.78 18.73 19.17
N PRO H 176 -34.80 17.83 19.26
CA PRO H 176 -35.14 16.40 19.22
C PRO H 176 -35.74 15.98 20.55
N ALA H 177 -36.69 15.06 20.49
CA ALA H 177 -37.28 14.58 21.72
C ALA H 177 -36.24 13.81 22.53
N VAL H 178 -36.35 13.94 23.85
CA VAL H 178 -35.48 13.24 24.79
C VAL H 178 -36.31 12.18 25.48
N LEU H 179 -35.85 10.94 25.45
CA LEU H 179 -36.48 9.96 26.32
C LEU H 179 -36.08 10.26 27.76
N GLN H 180 -36.79 9.67 28.72
CA GLN H 180 -36.75 10.16 30.08
C GLN H 180 -36.65 9.04 31.10
N SER H 181 -36.36 9.46 32.33
CA SER H 181 -36.52 8.68 33.55
C SER H 181 -37.80 7.85 33.48
N SER H 182 -38.94 8.55 33.64
CA SER H 182 -40.27 7.94 33.70
C SER H 182 -40.57 7.01 32.53
N GLY H 183 -39.88 7.16 31.41
CA GLY H 183 -40.18 6.44 30.19
C GLY H 183 -40.84 7.28 29.12
N LEU H 184 -41.36 8.45 29.47
CA LEU H 184 -42.06 9.30 28.51
C LEU H 184 -41.07 10.19 27.76
N TYR H 185 -41.59 10.86 26.72
CA TYR H 185 -40.80 11.74 25.87
C TYR H 185 -41.08 13.19 26.21
N SER H 186 -40.04 14.03 26.12
CA SER H 186 -40.23 15.47 26.33
C SER H 186 -39.47 16.29 25.29
N LEU H 187 -40.08 17.42 24.93
CA LEU H 187 -39.65 18.32 23.87
C LEU H 187 -39.64 19.75 24.37
N SER H 188 -38.78 20.57 23.75
CA SER H 188 -38.83 22.01 23.94
C SER H 188 -38.62 22.66 22.58
N SER H 189 -39.39 23.72 22.32
CA SER H 189 -39.40 24.40 21.03
C SER H 189 -39.24 25.90 21.25
N VAL H 190 -38.12 26.44 20.75
CA VAL H 190 -37.73 27.82 20.98
C VAL H 190 -37.91 28.61 19.70
N VAL H 191 -38.40 29.85 19.85
CA VAL H 191 -38.34 30.84 18.79
C VAL H 191 -37.57 32.04 19.31
N THR H 192 -36.92 32.77 18.41
CA THR H 192 -36.26 34.01 18.76
C THR H 192 -36.99 35.17 18.13
N VAL H 193 -37.19 36.23 18.91
CA VAL H 193 -38.06 37.33 18.55
C VAL H 193 -37.37 38.64 18.92
N PRO H 194 -37.47 39.69 18.12
CA PRO H 194 -37.02 41.01 18.57
C PRO H 194 -37.77 41.42 19.83
N SER H 195 -37.05 42.13 20.70
CA SER H 195 -37.63 42.57 21.97
C SER H 195 -38.89 43.43 21.79
N SER H 196 -39.06 44.06 20.61
CA SER H 196 -40.21 44.93 20.35
C SER H 196 -41.44 44.19 19.85
N SER H 197 -41.28 42.99 19.29
CA SER H 197 -42.41 42.22 18.78
C SER H 197 -43.18 41.51 19.90
N LEU H 198 -42.86 41.77 21.18
CA LEU H 198 -43.51 41.09 22.29
C LEU H 198 -44.93 41.61 22.52
N GLY H 199 -45.09 42.93 22.63
CA GLY H 199 -46.43 43.49 22.71
C GLY H 199 -47.16 43.47 21.38
N THR H 200 -46.44 43.65 20.28
CA THR H 200 -47.06 43.92 18.99
C THR H 200 -47.41 42.66 18.19
N GLN H 201 -47.17 41.47 18.71
CA GLN H 201 -47.58 40.24 18.01
C GLN H 201 -47.67 39.10 19.01
N THR H 202 -48.87 38.53 19.15
CA THR H 202 -49.10 37.45 20.11
C THR H 202 -48.74 36.10 19.49
N TYR H 203 -48.15 35.24 20.32
CA TYR H 203 -47.56 33.99 19.85
C TYR H 203 -48.29 32.79 20.44
N ILE H 204 -48.32 31.70 19.67
CA ILE H 204 -49.08 30.49 19.98
C ILE H 204 -48.39 29.32 19.30
N CYS H 205 -48.23 28.20 20.02
CA CYS H 205 -47.58 27.00 19.49
C CYS H 205 -48.62 25.89 19.33
N ASN H 206 -48.77 25.39 18.11
CA ASN H 206 -49.78 24.38 17.80
C ASN H 206 -49.16 22.99 17.86
N VAL H 207 -49.18 22.42 19.06
CA VAL H 207 -48.67 21.07 19.29
C VAL H 207 -49.71 20.06 18.84
N ASN H 208 -49.25 18.95 18.25
CA ASN H 208 -50.12 17.86 17.87
C ASN H 208 -49.45 16.54 18.21
N HIS H 209 -50.26 15.54 18.67
CA HIS H 209 -49.79 14.18 19.00
C HIS H 209 -50.79 13.17 18.42
N LYS H 210 -50.74 13.00 17.11
CA LYS H 210 -51.73 12.21 16.39
C LYS H 210 -51.95 10.85 17.02
N CYS H 211 -50.87 10.11 17.33
CA CYS H 211 -51.17 8.79 17.93
C CYS H 211 -51.76 8.89 19.36
N SER H 212 -52.15 10.07 19.86
CA SER H 212 -52.87 10.18 21.12
C SER H 212 -54.17 10.97 20.96
N ASN H 213 -54.49 11.38 19.75
CA ASN H 213 -55.64 12.21 19.40
C ASN H 213 -55.57 13.61 19.99
N THR H 214 -54.44 13.98 20.61
CA THR H 214 -54.34 15.26 21.30
C THR H 214 -54.06 16.41 20.32
N LYS H 215 -54.57 17.59 20.65
CA LYS H 215 -54.32 18.80 19.88
C LYS H 215 -54.34 19.99 20.84
N VAL H 216 -53.34 20.87 20.73
CA VAL H 216 -53.11 21.94 21.69
C VAL H 216 -52.66 23.21 20.95
N ASP H 217 -52.95 24.37 21.55
CA ASP H 217 -52.40 25.65 21.08
C ASP H 217 -52.25 26.58 22.29
N LYS H 218 -51.04 26.64 22.86
CA LYS H 218 -50.74 27.47 24.02
C LYS H 218 -50.00 28.75 23.61
N LYS H 219 -50.27 29.83 24.35
CA LYS H 219 -49.76 31.17 24.02
C LYS H 219 -48.83 31.68 25.11
N VAL H 220 -47.88 32.54 24.71
CA VAL H 220 -46.93 33.16 25.64
C VAL H 220 -47.06 34.68 25.60
#